data_9V1J
#
_entry.id   9V1J
#
loop_
_entity.id
_entity.type
_entity.pdbx_description
1 polymer '40S ribosomal protein S26'
2 polymer 'Small ribosomal subunit protein eS27'
3 polymer P-tRNA
4 polymer mRNA
5 polymer '17S rRNA'
6 polymer 'Small ribosomal subunit protein uS2'
7 polymer 'Small ribosomal subunit protein uS5'
8 polymer 'Small ribosomal subunit protein eS1'
9 polymer '40S ribosomal protein S4, putative'
10 polymer '40S ribosomal protein S6'
11 polymer '40S ribosomal protein S7'
12 polymer '40S ribosomal protein S8'
13 polymer 'Small ribosomal subunit protein uS4'
14 polymer '40S ribosomal protein S11, putative'
15 polymer '40S ribosomal protein S13, putative'
16 polymer 'Ribosomal protein S14, putative'
17 polymer '40S ribosomal protein S15a, putative'
18 polymer '40S ribosomal protein S21'
19 polymer '40S ribosomal protein S23, putative'
20 polymer '40S ribosomal protein S24, putative'
#
loop_
_entity_poly.entity_id
_entity_poly.type
_entity_poly.pdbx_seq_one_letter_code
_entity_poly.pdbx_strand_id
1 'polypeptide(L)'
;MTSKRRNNGRSKKGRGHTQNVRCSHCGRCVPKDKAIKRYQIKNIVEAAAVRDISDNSALTKYKLPKTYMKLEYCVSCGIH
GRVVRVRSRTDRRNRLPPKRVVKKTNKQQAVKPSTEAVKVEIPADVVTAPKVAAQKERPFKYLQ
;
sB
2 'polypeptide(L)'
;MPLIEVDLLNPTAASEAKAHKMKRLVPTPNSYFLEIKCPKCGATTTTFSHAHRQILCQKCGQPLGQPTGGKLKLTQQCKF
RIKK
;
sC
3 'polyribonucleotide' GACCUUAUAGCUCAGUCGGUAGAGCACGGGAUUUAUAAUCCCGGUGUCAUCGGUUCGAUUCCGAUUAAGGUCACCA sH
4 'polyribonucleotide' UUAAUA sK
5 'polyribonucleotide'
;UAUCUGGUUGAUCCUGCCAGUAUUAUAUGCUGAUGUUAAAGAUUAAGCCAUGCAUGUGUAAGUAUAAAGACCAAGUAGGA
UGAAACUGCGGACGGCUCAUUAUAACAGUAAUAGUUUCUUUGGUUAGUAAAAUACAAGGAUAGCUUUGUGAAUGAUAAAG
AUAAUACUUGAGACGAUCCAGUUUGUAUUAGUACAAAAUGGCCAAUUCAUUCAAUGAAUUGAGAAAUGACAUUCUAAGUG
AGUUAGGAUGCCACGACAAUUGUAGAACACACAGUGUUUAACAAGUAACCAAUGAGAAUUUCUGAUCUAUCAAUCAGUUG
GUAGUAUCGAGGACUACCAAGAUUAUAACGGAUAACGAGGAAUUGGGGUUCGACAUCGGAGAGGGAGCUUUACAGAUGGC
UACCACUUCUAAGGAAGGCAGCAGGCGCGUAAAUUACCCACUUUCGAAUUGAAGAGGUAGUGACGACACAUAACUCUAGA
GUUGAGUAAAAUCAAUUCUUGAAGGAAUGAGUAGGAGGUAAAUUCUCCUACGAAAUCAAUUGGAGGGCAAGUCUGGUGCC
AGCAGCCGCGGUAAUUCCAGCUCCAAUAGUGUAUAUUAAAGUUGCUGUGAUUAAAACGCUCGUAGUUGAAUUAAAAUGUG
GUUUUAUACAUUUUGAAGACUUUAUGUAAGUAAAGUUUCUAGAAAUGUUAAAUUAAAAUCAAAGAAGGAAACAAUUCAAG
UAAUUGAGUUGUUAUUACUUUGAAUAAAAUAAGGUGUUUAAAGCAAAACAUUAUGUUAAUGAAUAUUCAAGCAUGGGACA
AUGCUGAGGGGAUGUCAAUAAGACAUUUCGAGAGAAGGAUUAAAAGGAACAAUUGGGGUGAUUCAGAAAAUAACGGGAGA
GGUGAAAAUCCAUGAUCGCUAUAAGAUGCACGAGAGCGAAAGCAUUUCACUCAACUGUGUCCAUUAAUCAAGAACGAAAG
UUAGGGGAUCGAAGACGAUCAGAUACCGUCGUAGUCCUAACUAUAAACGAUGUCAACCAAGGAUUGGAUGAAAUUCAGAU
GUACAAAGAUAGAGAAGCAUUGUUUCUAGAUCUGAGUAUAUCAAUAUUACCUUGUUCAGAACUUAAAGAGAAAUCUUGAG
UUUAUGGACUUCAGGGGGAGUAUGGUCACAAGGCUGAAACUUAAAGGAAUUGACGGAAGGGCACACCAGGAGUGGAGCCU
GCGGCUUAAUUUGACUCAACACGGGAAAACUUACCAAGACCGAACAGUAGAAGGAAUGACAGAUUAAGAGUUCUUUCAUG
AUUUAUUGGGUAGUGGUGCAUGGCCGUUCUUAGUUGGUGGAGUGAUUUGUCAGGUUAAUUCCGGUAACGAACGAGACUGA
AACCUAUUAAUUAGUUUUCUGCCUAUAAGACAGAAAUGUUCGCAAGAACAGGUGCGUAAGUACCACUUCUUAAAGGGACA
CAUUUCAAUUGUCCUAUUUUAAUUGUAGUUAUCUAAUUUCGGUUAGACCUCUUUUAACGUGGGAAAAAGAAAAAGGAAGC
AUUCAGCAAUAACAGGUCUGUGAUGCCCUUAGACAUCUUGGGCCGCACGCGCGCUACAAUGGAGUUACUAGAGAGUAUUU
UAUCAUUUACACCUUAUUUAUUAGGCUUUGUCUAAUAAUUAAGGAUAGUAAGUGGUGUACCGAGAUUGAAAUAGUUAAGG
AAAACUCAAAAGAACGUACAUGACAGGGAUAAAUGAUUGGAAUUAUUUGUUUUGAACGAGGAAUUCCUUGUAAUAUCGAG
UCAUUAACUCGAGAUGAAUACGUCCCUGCCCUUUGUACACACCGCCCGUCGCUCCUACCGAUUGAAUAAAGAGGUGAAAU
UCUAGGAUUCUGUCUUAUAGAUAGAAAAAUGGAUUUAAAUCUCCUUAUUUAGAGGAAGGAGAAGUCGUAACAAGGUUUCC
GUAGGUGAACCUGCGGAAGGAUCAUUA
;
sa
6 'polypeptide(L)'
;MSKNVKTNFPDILKPSAEDIKMMVACRVHIGATNLNFAMEEYVYERGNNNECIFNLMKTWEKLSLAARVIAGISNETPSD
VVAVAGREMAHRASLKFMKYTGCTAVAGRFTPGSFTNQIQKKFMEPRLIIVSDPSVDHQALRESGYINVPTIAFCNSDNS
LKNVDIAIPCNNRSRLSIGLMWWMLTREILRYQGKLARDEKWDVMVDLFLHRELDAKKDAPVIAGEEKVAKVEDKKAASD
ATVASTEWDDQKKN
;
sb
7 'polypeptide(L)'
;MDAKQQRGEKRQFGNRRGGRGAPRGRGARKDGASDGWTPVTKLGRLVKDGKVKSIDQIFEFGIKIKEYQIVDHLLPGLKE
EVMTMQSVQKQTSAGQRTRLKAYVAIGDHNGHAGLGVKCAKEVAEAIKGAMIQAKLAMVPVRRGYWGATIGEVHTVPCKL
TGACGSVRVRLVPAPRGTGIVAAPTPKKFLILAGIEDVFTQTTGHTKTLGNFVKATYDAVRQSYGFQTKDLWKVGGVKQS
PMDKYAKILAESKKN
;
sc
8 'polypeptide(L)'
;MATGKNKKYKAGNVKKGSKRKIAEPFSKKEWYNVKVPKNFKRRTVGQIVVNKTAGTRIASEQLKGRVVEVNLADLMENEK
FGAYNYKFKCEDVNGKDCLMIFHGLKLTTDKLRSIVKKWCTLIETSVDVKTTDGHLIRIFCIGFTSRKSNQIKKTSYAKS
AQIKKIRKIMNNLITKEAASRELTQFVDYLRENKLPKEIVAKCSKVFSMDNVYIRKVKILKAGKIDSLKLLDQHQDTSAP
VEAAPVAEEKGEVVEA
;
se
9 'polypeptide(L)'
;MARGPRHHLKRLNAPHHWMLSKLGGTFAPKPSHGPHGMKECLPLILILRNRLNYALNGREVTMIVKNRTIKIDGKIRTDT
RYPVGFMDVLSIPRTKENFRLMYNTKRRFCLVPLTAEQAKFKLCKIEKRVLGTGAIPYIVTHDGRTIRYPHPELQANDTI
KLNLETGKIVDFVKFDIGNTAMMIGGNGMGRVGVIVKREVHPGSFEIVHIKDAKGNTFTTRLNNVFVIGKGTETLVNLPL
DKGIKKPLLQQVNETIKKNKMQKAGIQKASKKSKTTTEKKVTPKAAVEKKEEQVEKIYKKYPKKQAAPKKSKGNKKVVPG
KKIGKK
;
sf
10 'polypeptide(L)'
;MKINVANPATGRIKKFDFEEEKNYRPFLDKRIGQEVDASSLGDEFKGYILKITGGCDKDGFPMMTGVATNNRVRLLLDGR
NGCYKPLRNGERRRKTVRGAIVAGDISVLNTIVVKKGEGEIEGVTNDALPMRAGPKRASHIRKLFNLSQKDDVKKFVIRR
EVAKKHPKEGKSTKRSKAPKIQRLVTPRRLQHKAQKLEAKKLHKIAMLKEAKRYAAILNRYKVLKAHGMKVVSFADTDAV
FKQNKAGSKKAASKGKKVGSKKTGKK
;
sh
11 'polypeptide(L)'
;MSGKMTAAKSAARAQVSTEVVVKKPGFDAYSKLVKEAVAGIPELKGVKVISAKKVTISKDKKATVIFIPLRMMRICRASF
EKVIEALEKKLNGPVFIIGKRVVAHTKKVGQSGKTDYKPRSRTSKAVHEAYLNEMLYPVEVAGQRVHATLVHKKVANSKT
VFVAVDDAKLKNSVKAKLPIYSAVYKNITGEKVKFAFPVVA
;
si
12 'polypeptide(L)'
;MGITRDSRHKRRATGGKKNSMQKKKKNTMGRQPANTRLGAIRVHDVRCRYGIIKRRALRLENGNFSWASQSITKGTKILN
VVYNASDNDFVRTNTLVKGAIIEIDPAPFRLWFLKFYGKDIASTDYYKSLESATFKTEKKVVVPKEEENKEKTIAQQIAE
TQVALMNPSKTMQKKYAKKLEVLKNMKFDEALLEGFQSGRVLACISSRPGQTGSVEGYILEGKELDFYSKKISDKKK
;
sj
13 'polypeptide(L)'
;MGRCLRNHSITYKTPKVPYERERFDAELKLVGQFGLKNKKEIQRVHYMLGHMRTIAKVMLMKDAKDPKRLLEGAALLRRL
HNLGILPRDQNKLEFVLALKEENLLERRLQTLVYRKGFAKSIHHARVLIRGKMIKVGKQVVDVPSFLVRVESEPLIQLAD
NTPLTNPEINGRRKRKNNHAGKEDN
;
sk
14 'polypeptide(L)'
;MAEQTERAYQKQVFHHHSRNEKGEIDFGNVKRYHKQIGMGFVTPAEAIKGTYIDKKCPFTSDVSIRGRTLSGIVKSCHMK
RTIIVRRDYFHYVSKYQRYEKRHKNIAVHCSPAFRQLKEGDHVVIGQCRPLSKTVRFNVLKFTSRGTGDKKQFAIF
;
sm
15 'polypeptide(L)'
;MGRMYNPGRGISRRCIPYRRSAPSWLKTSTLEVIDEMCKLAKKGIAPSQIGAIMRDTHGVGLVKSVTGSKVLRILKLAGL
APKIPEDLYFLMKRAVSVRKHLEKNKKDKDAKYHLILIESKIHRLTRYYKSAKVLEASFKYDANTASAIVS
;
so
16 'polypeptide(L)'
;MSKKVAAKSNVPEVIPGSTKDAFGVAHIYATFNDTFVHVTDISGKETIIRITGGMRVKADRDESSPYAAMTAAQDVAKRC
KDLGVTSLHIKMRGEGGVYSKTPGPGAQAALRALARANMKIGRIEDVTPIPTDCTKRKGGRRGRRL
;
sp
17 'polypeptide(L)'
;MVRVNVLADALKSITNAEKQGKRQVMIRPASKVICEFLNVMMKHQYITDYTVVDTHRSGKIVVNLNGRLNKCAVISPRFN
VTLSEFDKWEANLLPSRHFGALVLTTSYGILDNTEARAKHTGGRILGFFY
;
sr
18 'polypeptide(L)'
;MASNKKIELYIPRHCSVTHTLIAADDHAAVQILVPHVNENGVILPESTVYTVKGSVRKDGISDHSLNRQFQKDGFLKTVV
PKNMMI
;
sx
19 'polypeptide(L)'
;MARGLHAARKMLAQRRANKWADKEWKKGKLVTRYKCNPLGTASHAKGLVQEKLGIETKQPNSGIRKCVRVRLLKNGKKIT
AFVPRDGSLNYVNENDEVLISGFGRRGHAVGDIPGVRFKVVCVAGVSLWGLWTNKKQKPHA
;
sy
20 'polypeptide(L)'
;MATQKSEVTIRTRNLIVNPLLCRKQVVVDIYHPGIVQPKFTEIKEKLAKMYKVKDVQTIVLNGFVTKYGGGKTSGFALIY
DTLSALKKFVPKHQLIRAGLDKKTKAPRKARKEHKKKWRMCHSFKDYKKKEMKKASRKKK
;
sz
#
# COMPACT_ATOMS: atom_id res chain seq x y z
N THR A 2 1.13 -30.66 18.74
CA THR A 2 0.26 -29.58 19.19
C THR A 2 -1.12 -30.08 19.56
N SER A 3 -2.11 -29.66 18.78
CA SER A 3 -3.51 -29.98 19.06
C SER A 3 -3.72 -31.48 18.89
N LYS A 4 -3.83 -32.18 20.02
CA LYS A 4 -4.12 -33.61 19.98
C LYS A 4 -5.56 -33.85 19.53
N ARG A 5 -6.47 -32.93 19.83
CA ARG A 5 -7.87 -33.07 19.48
C ARG A 5 -8.37 -31.80 18.81
N ARG A 6 -9.20 -31.98 17.78
CA ARG A 6 -9.77 -30.84 17.08
C ARG A 6 -10.72 -30.05 17.98
N ASN A 7 -11.50 -30.74 18.81
CA ASN A 7 -12.45 -30.08 19.70
C ASN A 7 -11.85 -29.76 21.06
N ASN A 8 -10.55 -29.97 21.23
CA ASN A 8 -9.83 -29.68 22.47
C ASN A 8 -10.29 -30.52 23.64
N GLY A 9 -10.97 -31.63 23.38
CA GLY A 9 -11.46 -32.50 24.42
C GLY A 9 -12.75 -32.07 25.07
N ARG A 10 -13.37 -31.00 24.60
CA ARG A 10 -14.59 -30.45 25.17
C ARG A 10 -15.78 -30.77 24.28
N SER A 11 -16.94 -30.22 24.63
CA SER A 11 -18.13 -30.28 23.80
C SER A 11 -18.73 -28.89 23.63
N LYS A 12 -17.93 -27.84 23.82
CA LYS A 12 -18.39 -26.46 23.77
C LYS A 12 -17.98 -25.83 22.44
N LYS A 13 -18.96 -25.37 21.68
CA LYS A 13 -18.69 -24.78 20.37
C LYS A 13 -19.13 -23.33 20.26
N GLY A 14 -20.39 -23.03 20.57
CA GLY A 14 -20.89 -21.69 20.33
C GLY A 14 -21.09 -20.85 21.58
N ARG A 15 -20.18 -20.98 22.53
CA ARG A 15 -20.29 -20.25 23.79
C ARG A 15 -18.90 -20.06 24.37
N GLY A 16 -18.82 -19.28 25.44
CA GLY A 16 -17.54 -18.97 26.03
C GLY A 16 -17.33 -19.56 27.41
N HIS A 17 -18.42 -19.86 28.11
CA HIS A 17 -18.32 -20.36 29.48
C HIS A 17 -19.44 -21.34 29.76
N THR A 18 -19.13 -22.35 30.57
CA THR A 18 -20.11 -23.32 31.05
C THR A 18 -19.90 -23.53 32.54
N GLN A 19 -20.97 -23.92 33.23
CA GLN A 19 -20.88 -24.11 34.66
C GLN A 19 -20.03 -25.33 34.99
N ASN A 20 -19.64 -25.43 36.25
CA ASN A 20 -18.79 -26.52 36.72
C ASN A 20 -19.63 -27.64 37.32
N VAL A 21 -19.07 -28.84 37.29
CA VAL A 21 -19.62 -29.99 37.98
C VAL A 21 -18.50 -30.64 38.77
N ARG A 22 -18.88 -31.48 39.72
CA ARG A 22 -17.92 -32.09 40.64
C ARG A 22 -17.70 -33.54 40.27
N CYS A 23 -16.43 -33.94 40.22
CA CYS A 23 -16.10 -35.33 39.93
C CYS A 23 -16.69 -36.24 41.00
N SER A 24 -17.30 -37.34 40.55
CA SER A 24 -17.96 -38.26 41.48
C SER A 24 -16.99 -39.04 42.34
N HIS A 25 -15.71 -39.05 42.01
CA HIS A 25 -14.71 -39.79 42.75
C HIS A 25 -13.64 -38.90 43.37
N CYS A 26 -13.15 -37.92 42.63
CA CYS A 26 -12.12 -37.01 43.13
C CYS A 26 -12.69 -35.81 43.86
N GLY A 27 -13.90 -35.39 43.50
CA GLY A 27 -14.42 -34.11 43.96
C GLY A 27 -13.89 -32.93 43.20
N ARG A 28 -13.13 -33.15 42.13
CA ARG A 28 -12.56 -32.06 41.34
C ARG A 28 -13.65 -31.29 40.62
N CYS A 29 -13.36 -30.04 40.31
CA CYS A 29 -14.24 -29.20 39.51
C CYS A 29 -13.86 -29.34 38.05
N VAL A 30 -14.79 -29.82 37.24
CA VAL A 30 -14.59 -29.89 35.79
C VAL A 30 -15.79 -29.24 35.11
N PRO A 31 -15.60 -28.62 33.95
CA PRO A 31 -16.75 -28.01 33.26
C PRO A 31 -17.74 -29.07 32.82
N LYS A 32 -18.98 -28.64 32.64
CA LYS A 32 -20.06 -29.58 32.37
C LYS A 32 -19.82 -30.37 31.09
N ASP A 33 -19.32 -29.70 30.05
CA ASP A 33 -19.11 -30.39 28.78
C ASP A 33 -17.89 -31.30 28.83
N LYS A 34 -16.82 -30.86 29.48
CA LYS A 34 -15.59 -31.65 29.52
C LYS A 34 -15.72 -32.89 30.40
N ALA A 35 -16.65 -32.90 31.34
CA ALA A 35 -16.78 -34.03 32.25
C ALA A 35 -17.21 -35.28 31.49
N ILE A 36 -16.73 -36.43 31.95
CA ILE A 36 -17.09 -37.73 31.39
C ILE A 36 -18.37 -38.17 32.07
N LYS A 37 -19.49 -38.11 31.35
CA LYS A 37 -20.80 -38.39 31.91
C LYS A 37 -21.20 -39.82 31.57
N ARG A 38 -21.48 -40.62 32.60
CA ARG A 38 -21.99 -41.96 32.43
C ARG A 38 -23.26 -42.11 33.25
N TYR A 39 -24.19 -42.90 32.73
CA TYR A 39 -25.46 -43.15 33.39
C TYR A 39 -25.49 -44.59 33.91
N GLN A 40 -26.13 -44.78 35.06
CA GLN A 40 -26.19 -46.08 35.71
C GLN A 40 -27.63 -46.37 36.12
N ILE A 41 -28.10 -47.57 35.78
CA ILE A 41 -29.42 -48.04 36.17
C ILE A 41 -29.26 -49.46 36.69
N LYS A 42 -29.41 -49.63 38.00
CA LYS A 42 -29.18 -50.92 38.63
C LYS A 42 -30.28 -51.19 39.65
N ASN A 43 -30.50 -52.48 39.91
CA ASN A 43 -31.45 -52.87 40.95
C ASN A 43 -30.85 -52.64 42.33
N ILE A 44 -31.73 -52.39 43.30
CA ILE A 44 -31.28 -52.18 44.68
C ILE A 44 -30.92 -53.49 45.36
N VAL A 45 -31.06 -54.63 44.70
CA VAL A 45 -30.72 -55.93 45.25
C VAL A 45 -29.82 -56.64 44.25
N GLU A 46 -28.69 -57.16 44.72
CA GLU A 46 -27.75 -57.82 43.84
C GLU A 46 -28.33 -59.14 43.31
N ALA A 47 -27.70 -59.68 42.27
CA ALA A 47 -28.21 -60.86 41.61
C ALA A 47 -28.23 -62.09 42.53
N ALA A 48 -27.39 -62.10 43.57
CA ALA A 48 -27.41 -63.23 44.49
C ALA A 48 -28.62 -63.18 45.42
N ALA A 49 -28.96 -62.01 45.94
CA ALA A 49 -29.97 -61.89 46.98
C ALA A 49 -31.38 -61.70 46.44
N VAL A 50 -31.57 -61.59 45.12
CA VAL A 50 -32.91 -61.38 44.59
C VAL A 50 -33.80 -62.57 44.90
N ARG A 51 -33.23 -63.78 44.83
CA ARG A 51 -34.01 -64.97 45.16
C ARG A 51 -34.40 -64.99 46.64
N ASP A 52 -33.47 -64.61 47.52
CA ASP A 52 -33.75 -64.67 48.96
C ASP A 52 -34.87 -63.71 49.33
N ILE A 53 -34.85 -62.49 48.80
CA ILE A 53 -35.90 -61.52 49.12
C ILE A 53 -37.24 -62.01 48.59
N SER A 54 -37.26 -62.54 47.36
CA SER A 54 -38.51 -62.97 46.76
C SER A 54 -39.13 -64.14 47.51
N ASP A 55 -38.32 -64.97 48.17
CA ASP A 55 -38.86 -66.11 48.91
C ASP A 55 -39.75 -65.64 50.05
N ASN A 56 -39.18 -64.93 51.02
CA ASN A 56 -39.91 -64.47 52.19
C ASN A 56 -40.24 -63.00 52.01
N SER A 57 -41.39 -62.74 51.40
CA SER A 57 -41.90 -61.39 51.20
C SER A 57 -43.34 -61.32 51.67
N ALA A 58 -43.74 -60.16 52.17
CA ALA A 58 -45.09 -59.94 52.67
C ALA A 58 -46.01 -59.34 51.62
N LEU A 59 -45.54 -59.17 50.39
CA LEU A 59 -46.33 -58.56 49.33
C LEU A 59 -46.61 -59.60 48.24
N THR A 60 -47.71 -59.40 47.52
CA THR A 60 -48.20 -60.37 46.56
C THR A 60 -47.20 -60.61 45.43
N LYS A 61 -46.95 -59.60 44.61
CA LYS A 61 -46.05 -59.76 43.47
C LYS A 61 -45.15 -58.54 43.28
N TYR A 62 -44.89 -57.81 44.36
CA TYR A 62 -44.10 -56.59 44.35
C TYR A 62 -42.88 -56.70 43.45
N LYS A 63 -42.72 -55.72 42.56
CA LYS A 63 -41.62 -55.69 41.61
C LYS A 63 -40.47 -54.88 42.18
N LEU A 64 -39.28 -55.45 42.16
CA LEU A 64 -38.13 -54.80 42.77
C LEU A 64 -37.78 -53.53 42.02
N PRO A 65 -37.65 -52.39 42.70
CA PRO A 65 -37.30 -51.15 42.00
C PRO A 65 -35.83 -51.12 41.64
N LYS A 66 -35.49 -50.17 40.77
CA LYS A 66 -34.12 -49.91 40.37
C LYS A 66 -33.68 -48.54 40.88
N THR A 67 -32.37 -48.32 40.86
CA THR A 67 -31.80 -47.04 41.23
C THR A 67 -31.18 -46.38 40.01
N TYR A 68 -31.38 -45.07 39.89
CA TYR A 68 -30.91 -44.31 38.74
C TYR A 68 -30.07 -43.15 39.23
N MET A 69 -28.86 -43.03 38.72
CA MET A 69 -28.02 -41.89 39.05
C MET A 69 -27.02 -41.66 37.94
N LYS A 70 -26.66 -40.39 37.74
CA LYS A 70 -25.76 -39.97 36.68
C LYS A 70 -24.42 -39.61 37.30
N LEU A 71 -23.36 -40.28 36.85
CA LEU A 71 -22.03 -40.13 37.41
C LEU A 71 -21.16 -39.32 36.46
N GLU A 72 -20.45 -38.33 37.01
CA GLU A 72 -19.60 -37.44 36.23
C GLU A 72 -18.18 -37.53 36.76
N TYR A 73 -17.22 -37.79 35.87
CA TYR A 73 -15.84 -38.03 36.25
C TYR A 73 -14.92 -37.03 35.57
N CYS A 74 -13.90 -36.58 36.29
CA CYS A 74 -12.83 -35.84 35.66
C CYS A 74 -12.03 -36.78 34.75
N VAL A 75 -11.17 -36.18 33.94
CA VAL A 75 -10.37 -36.97 33.00
C VAL A 75 -9.43 -37.91 33.75
N SER A 76 -8.80 -37.42 34.82
CA SER A 76 -7.86 -38.24 35.56
C SER A 76 -8.55 -39.43 36.20
N CYS A 77 -9.73 -39.22 36.79
CA CYS A 77 -10.45 -40.29 37.47
C CYS A 77 -11.33 -41.10 36.53
N GLY A 78 -11.42 -40.71 35.26
CA GLY A 78 -12.09 -41.54 34.28
C GLY A 78 -11.12 -42.55 33.69
N ILE A 79 -9.89 -42.10 33.45
CA ILE A 79 -8.86 -42.99 32.93
C ILE A 79 -8.41 -43.97 34.00
N HIS A 80 -8.19 -43.49 35.23
CA HIS A 80 -7.71 -44.37 36.28
C HIS A 80 -8.74 -45.40 36.68
N GLY A 81 -10.02 -45.01 36.70
CA GLY A 81 -11.08 -45.93 37.06
C GLY A 81 -11.53 -46.82 35.94
N ARG A 82 -10.81 -46.83 34.82
CA ARG A 82 -11.11 -47.66 33.65
C ARG A 82 -12.47 -47.35 33.06
N VAL A 83 -13.02 -46.16 33.33
CA VAL A 83 -14.23 -45.73 32.65
C VAL A 83 -13.97 -45.55 31.16
N VAL A 84 -12.83 -44.95 30.83
CA VAL A 84 -12.39 -44.80 29.45
C VAL A 84 -10.92 -45.21 29.37
N ARG A 85 -10.51 -45.61 28.17
CA ARG A 85 -9.15 -46.07 27.93
C ARG A 85 -8.46 -45.15 26.94
N VAL A 86 -7.14 -45.23 26.92
CA VAL A 86 -6.35 -44.49 25.94
C VAL A 86 -6.37 -45.25 24.62
N ARG A 87 -6.76 -44.58 23.55
CA ARG A 87 -7.01 -45.22 22.27
C ARG A 87 -5.91 -44.87 21.27
N SER A 88 -5.98 -45.52 20.11
CA SER A 88 -5.01 -45.31 19.06
C SER A 88 -5.15 -43.91 18.47
N ARG A 89 -4.08 -43.45 17.81
CA ARG A 89 -4.09 -42.12 17.22
C ARG A 89 -5.17 -42.01 16.15
N THR A 90 -5.32 -43.03 15.31
CA THR A 90 -6.35 -43.05 14.30
C THR A 90 -7.69 -43.53 14.82
N ASP A 91 -7.72 -44.17 15.98
CA ASP A 91 -8.98 -44.63 16.58
C ASP A 91 -9.58 -43.60 17.53
N ARG A 92 -8.86 -42.51 17.82
CA ARG A 92 -9.42 -41.45 18.63
C ARG A 92 -10.63 -40.82 17.97
N ARG A 93 -10.62 -40.74 16.63
CA ARG A 93 -11.67 -40.04 15.90
C ARG A 93 -13.01 -40.73 15.98
N ASN A 94 -13.06 -42.00 16.36
CA ASN A 94 -14.33 -42.72 16.39
C ASN A 94 -15.18 -42.23 17.55
N ARG A 95 -16.41 -41.82 17.25
CA ARG A 95 -17.31 -41.21 18.22
C ARG A 95 -18.48 -42.11 18.58
N LEU A 96 -18.54 -43.32 18.05
CA LEU A 96 -19.67 -44.21 18.30
C LEU A 96 -19.52 -44.89 19.66
N PRO A 97 -20.63 -45.23 20.30
CA PRO A 97 -20.55 -46.00 21.55
C PRO A 97 -19.97 -47.38 21.28
N PRO A 98 -19.26 -47.95 22.25
CA PRO A 98 -18.66 -49.29 22.04
C PRO A 98 -19.66 -50.41 22.34
N LYS A 99 -20.50 -50.69 21.35
CA LYS A 99 -21.52 -51.74 21.49
C LYS A 99 -20.88 -53.13 21.54
N PRO B 2 -20.89 -25.91 -8.22
CA PRO B 2 -21.15 -27.31 -8.51
C PRO B 2 -20.21 -27.88 -9.56
N LEU B 3 -19.82 -29.15 -9.40
CA LEU B 3 -18.95 -29.79 -10.38
C LEU B 3 -19.65 -29.93 -11.73
N ILE B 4 -20.90 -30.37 -11.72
CA ILE B 4 -21.71 -30.35 -12.93
C ILE B 4 -22.33 -28.97 -13.07
N GLU B 5 -22.30 -28.43 -14.28
CA GLU B 5 -22.67 -27.05 -14.52
C GLU B 5 -23.76 -26.97 -15.57
N VAL B 6 -24.68 -26.02 -15.39
CA VAL B 6 -25.77 -25.81 -16.32
C VAL B 6 -25.55 -24.45 -17.00
N ASP B 7 -26.39 -24.18 -18.01
CA ASP B 7 -26.32 -22.90 -18.69
C ASP B 7 -26.70 -21.76 -17.75
N LEU B 8 -25.91 -20.69 -17.78
CA LEU B 8 -26.14 -19.55 -16.90
C LEU B 8 -26.96 -18.44 -17.57
N LEU B 9 -27.26 -18.56 -18.85
CA LEU B 9 -28.09 -17.57 -19.54
C LEU B 9 -29.53 -17.99 -19.70
N ASN B 10 -29.81 -19.29 -19.81
CA ASN B 10 -31.16 -19.80 -20.03
C ASN B 10 -31.49 -20.80 -18.92
N PRO B 11 -31.72 -20.32 -17.70
CA PRO B 11 -32.14 -21.23 -16.63
C PRO B 11 -33.57 -21.71 -16.86
N THR B 12 -33.83 -22.94 -16.43
CA THR B 12 -35.15 -23.51 -16.60
C THR B 12 -36.18 -22.78 -15.75
N ALA B 13 -37.45 -22.95 -16.12
CA ALA B 13 -38.52 -22.34 -15.34
C ALA B 13 -38.54 -22.89 -13.91
N ALA B 14 -38.36 -24.20 -13.76
CA ALA B 14 -38.32 -24.80 -12.43
C ALA B 14 -37.12 -24.31 -11.64
N SER B 15 -35.95 -24.20 -12.29
CA SER B 15 -34.74 -23.81 -11.58
C SER B 15 -34.84 -22.39 -11.02
N GLU B 16 -35.37 -21.46 -11.82
CA GLU B 16 -35.51 -20.09 -11.34
C GLU B 16 -36.51 -20.00 -10.19
N ALA B 17 -37.58 -20.80 -10.25
CA ALA B 17 -38.57 -20.78 -9.19
C ALA B 17 -37.98 -21.24 -7.86
N LYS B 18 -37.11 -22.24 -7.89
CA LYS B 18 -36.52 -22.76 -6.66
C LYS B 18 -35.59 -21.74 -6.00
N ALA B 19 -34.86 -20.98 -6.81
CA ALA B 19 -33.83 -20.09 -6.28
C ALA B 19 -34.45 -19.00 -5.41
N HIS B 20 -33.59 -18.38 -4.61
CA HIS B 20 -34.03 -17.25 -3.79
C HIS B 20 -34.48 -16.11 -4.68
N LYS B 21 -35.38 -15.28 -4.16
CA LYS B 21 -35.97 -14.21 -4.97
C LYS B 21 -34.93 -13.25 -5.50
N MET B 22 -33.76 -13.18 -4.86
CA MET B 22 -32.69 -12.29 -5.30
C MET B 22 -31.64 -12.98 -6.16
N LYS B 23 -31.40 -14.26 -5.93
CA LYS B 23 -30.33 -14.98 -6.62
C LYS B 23 -30.74 -15.52 -7.98
N ARG B 24 -31.81 -14.99 -8.57
CA ARG B 24 -32.19 -15.39 -9.91
C ARG B 24 -31.34 -14.66 -10.94
N LEU B 25 -31.55 -14.97 -12.22
CA LEU B 25 -30.83 -14.29 -13.27
C LEU B 25 -31.13 -12.79 -13.25
N VAL B 26 -32.38 -12.44 -13.47
CA VAL B 26 -32.89 -11.10 -13.20
C VAL B 26 -33.80 -11.21 -11.98
N PRO B 27 -33.45 -10.58 -10.85
CA PRO B 27 -34.26 -10.77 -9.63
C PRO B 27 -35.70 -10.33 -9.84
N THR B 28 -36.62 -11.15 -9.35
CA THR B 28 -38.05 -10.90 -9.42
C THR B 28 -38.67 -11.10 -8.05
N PRO B 29 -39.69 -10.32 -7.70
CA PRO B 29 -40.40 -10.54 -6.44
C PRO B 29 -41.29 -11.78 -6.53
N ASN B 30 -41.41 -12.47 -5.40
CA ASN B 30 -42.31 -13.60 -5.29
C ASN B 30 -43.73 -13.18 -4.94
N SER B 31 -43.95 -11.91 -4.64
CA SER B 31 -45.27 -11.41 -4.26
C SER B 31 -46.08 -11.05 -5.49
N TYR B 32 -47.30 -10.57 -5.25
CA TYR B 32 -48.19 -10.18 -6.32
C TYR B 32 -49.29 -9.31 -5.73
N PHE B 33 -50.06 -8.68 -6.61
CA PHE B 33 -51.25 -7.96 -6.20
C PHE B 33 -52.49 -8.76 -6.59
N LEU B 34 -53.44 -8.85 -5.67
CA LEU B 34 -54.66 -9.60 -5.87
C LEU B 34 -55.84 -8.76 -5.39
N GLU B 35 -57.03 -9.15 -5.81
CA GLU B 35 -58.25 -8.59 -5.25
C GLU B 35 -59.05 -9.70 -4.59
N ILE B 36 -59.79 -9.35 -3.54
CA ILE B 36 -60.56 -10.31 -2.77
C ILE B 36 -62.02 -9.91 -2.86
N LYS B 37 -62.86 -10.81 -3.33
CA LYS B 37 -64.29 -10.57 -3.25
C LYS B 37 -64.73 -10.67 -1.80
N CYS B 38 -65.61 -9.79 -1.40
CA CYS B 38 -66.00 -9.79 0.01
C CYS B 38 -66.98 -10.93 0.27
N PRO B 39 -66.89 -11.57 1.43
CA PRO B 39 -67.98 -12.48 1.82
C PRO B 39 -69.31 -11.76 2.02
N LYS B 40 -69.28 -10.55 2.56
CA LYS B 40 -70.51 -9.82 2.84
C LYS B 40 -71.13 -9.24 1.57
N CYS B 41 -70.33 -8.66 0.69
CA CYS B 41 -70.84 -8.02 -0.51
C CYS B 41 -70.12 -8.53 -1.75
N GLY B 42 -70.36 -7.90 -2.90
CA GLY B 42 -69.72 -8.29 -4.13
C GLY B 42 -68.49 -7.52 -4.50
N ALA B 43 -68.12 -6.50 -3.72
CA ALA B 43 -66.98 -5.66 -4.06
C ALA B 43 -65.66 -6.42 -3.92
N THR B 44 -64.71 -6.08 -4.78
CA THR B 44 -63.39 -6.68 -4.77
C THR B 44 -62.38 -5.63 -4.33
N THR B 45 -61.65 -5.93 -3.26
CA THR B 45 -60.64 -5.02 -2.72
C THR B 45 -59.26 -5.51 -3.12
N THR B 46 -58.52 -4.69 -3.86
CA THR B 46 -57.18 -5.04 -4.29
C THR B 46 -56.18 -4.75 -3.19
N THR B 47 -55.30 -5.71 -2.92
CA THR B 47 -54.32 -5.53 -1.85
C THR B 47 -53.08 -6.35 -2.16
N PHE B 48 -52.00 -6.03 -1.45
CA PHE B 48 -50.75 -6.74 -1.61
C PHE B 48 -50.87 -8.16 -1.08
N SER B 49 -50.07 -9.07 -1.65
CA SER B 49 -50.05 -10.45 -1.17
C SER B 49 -49.50 -10.52 0.24
N HIS B 50 -48.36 -9.87 0.49
CA HIS B 50 -47.76 -9.84 1.82
C HIS B 50 -48.10 -8.52 2.50
N ALA B 51 -49.40 -8.33 2.76
CA ALA B 51 -49.84 -7.15 3.48
C ALA B 51 -49.44 -7.25 4.95
N HIS B 52 -49.13 -6.10 5.54
CA HIS B 52 -48.68 -6.03 6.93
C HIS B 52 -49.70 -5.32 7.82
N ARG B 53 -50.98 -5.43 7.50
CA ARG B 53 -52.02 -4.80 8.30
C ARG B 53 -53.34 -5.50 8.02
N GLN B 54 -54.31 -5.25 8.90
CA GLN B 54 -55.65 -5.81 8.72
C GLN B 54 -56.27 -5.27 7.45
N ILE B 55 -56.82 -6.16 6.63
CA ILE B 55 -57.41 -5.81 5.35
C ILE B 55 -58.93 -5.78 5.51
N LEU B 56 -59.51 -4.61 5.27
CA LEU B 56 -60.95 -4.40 5.37
C LEU B 56 -61.54 -4.16 3.99
N CYS B 57 -62.81 -4.50 3.84
CA CYS B 57 -63.50 -4.21 2.59
C CYS B 57 -63.68 -2.71 2.42
N GLN B 58 -63.98 -2.36 1.24
CA GLN B 58 -64.13 -0.99 1.14
C GLN B 58 -65.57 -0.73 1.54
N LYS B 59 -66.42 -1.73 1.55
CA LYS B 59 -67.82 -1.49 1.83
C LYS B 59 -67.89 -1.62 3.20
N CYS B 60 -67.94 -2.83 3.71
CA CYS B 60 -67.83 -2.92 5.15
C CYS B 60 -66.51 -3.34 5.80
N GLY B 61 -66.46 -4.52 6.29
CA GLY B 61 -65.27 -4.74 6.94
C GLY B 61 -65.41 -6.04 7.36
N GLN B 62 -65.58 -6.90 6.45
CA GLN B 62 -65.54 -8.20 6.85
C GLN B 62 -64.14 -8.27 6.74
N PRO B 63 -63.52 -7.98 7.74
CA PRO B 63 -62.07 -8.19 7.56
C PRO B 63 -61.76 -9.40 6.70
N LEU B 64 -60.97 -9.19 5.65
CA LEU B 64 -60.66 -10.21 4.67
C LEU B 64 -59.32 -10.88 4.86
N GLY B 65 -58.44 -10.35 5.70
CA GLY B 65 -57.12 -10.93 5.86
C GLY B 65 -56.47 -10.52 7.16
N GLN B 66 -55.53 -11.36 7.61
CA GLN B 66 -54.74 -11.12 8.80
C GLN B 66 -53.26 -11.17 8.44
N PRO B 67 -52.47 -10.16 8.80
CA PRO B 67 -51.04 -10.18 8.47
C PRO B 67 -50.30 -11.15 9.38
N THR B 68 -49.62 -12.14 8.79
CA THR B 68 -48.88 -13.13 9.56
C THR B 68 -47.50 -13.32 8.93
N GLY B 69 -46.55 -12.47 9.35
CA GLY B 69 -45.14 -12.65 9.09
C GLY B 69 -44.69 -13.21 7.77
N GLY B 70 -45.28 -12.76 6.66
CA GLY B 70 -44.80 -13.19 5.37
C GLY B 70 -45.85 -13.37 4.29
N LYS B 71 -47.11 -13.54 4.67
CA LYS B 71 -48.18 -13.63 3.69
C LYS B 71 -49.51 -13.42 4.38
N LEU B 72 -50.44 -12.77 3.68
CA LEU B 72 -51.77 -12.52 4.23
C LEU B 72 -52.48 -13.84 4.52
N LYS B 73 -53.11 -13.91 5.69
CA LYS B 73 -53.90 -15.06 6.08
C LYS B 73 -55.36 -14.74 5.79
N LEU B 74 -55.74 -14.93 4.52
CA LEU B 74 -57.10 -14.68 4.11
C LEU B 74 -58.05 -15.66 4.78
N THR B 75 -59.28 -15.21 4.99
CA THR B 75 -60.31 -16.08 5.56
C THR B 75 -60.60 -17.23 4.60
N GLN B 76 -61.14 -18.31 5.16
CA GLN B 76 -61.41 -19.51 4.37
C GLN B 76 -62.49 -19.28 3.32
N GLN B 77 -63.32 -18.27 3.48
CA GLN B 77 -64.43 -17.99 2.57
C GLN B 77 -64.11 -16.87 1.60
N CYS B 78 -62.88 -16.38 1.57
CA CYS B 78 -62.48 -15.29 0.69
C CYS B 78 -61.82 -15.86 -0.55
N LYS B 79 -62.38 -15.58 -1.72
CA LYS B 79 -61.85 -16.05 -2.98
C LYS B 79 -61.13 -14.90 -3.70
N PHE B 80 -59.99 -15.22 -4.30
CA PHE B 80 -59.13 -14.21 -4.90
C PHE B 80 -58.64 -14.70 -6.25
N ARG B 81 -58.20 -13.75 -7.08
CA ARG B 81 -57.51 -14.06 -8.32
C ARG B 81 -56.29 -13.15 -8.43
N ILE B 82 -55.33 -13.58 -9.24
CA ILE B 82 -54.08 -12.85 -9.40
C ILE B 82 -54.30 -11.71 -10.38
N LYS B 83 -54.00 -10.49 -9.95
CA LYS B 83 -54.02 -9.34 -10.84
C LYS B 83 -52.76 -9.34 -11.70
N LYS B 84 -52.94 -9.52 -13.01
CA LYS B 84 -51.80 -9.56 -13.92
C LYS B 84 -51.54 -8.18 -14.51
N ARG F 27 -35.97 -55.57 -12.62
CA ARG F 27 -35.92 -54.41 -11.73
C ARG F 27 -34.56 -53.73 -11.82
N VAL F 28 -33.99 -53.72 -13.03
CA VAL F 28 -32.71 -53.05 -13.26
C VAL F 28 -32.86 -51.54 -13.11
N HIS F 29 -34.05 -51.01 -13.41
CA HIS F 29 -34.26 -49.57 -13.34
C HIS F 29 -34.19 -49.05 -11.91
N ILE F 30 -34.54 -49.87 -10.93
CA ILE F 30 -34.62 -49.41 -9.54
C ILE F 30 -33.22 -49.31 -8.97
N GLY F 31 -32.87 -48.13 -8.46
CA GLY F 31 -31.59 -47.87 -7.85
C GLY F 31 -31.66 -47.90 -6.34
N ALA F 32 -30.76 -47.15 -5.71
CA ALA F 32 -30.72 -47.06 -4.26
C ALA F 32 -31.50 -45.84 -3.79
N THR F 33 -31.39 -45.53 -2.49
CA THR F 33 -32.09 -44.38 -1.92
C THR F 33 -31.24 -43.11 -2.06
N ASN F 34 -30.02 -43.13 -1.54
CA ASN F 34 -29.15 -41.97 -1.63
C ASN F 34 -28.61 -41.84 -3.06
N LEU F 35 -28.71 -40.64 -3.61
CA LEU F 35 -28.35 -40.37 -5.00
C LEU F 35 -27.05 -39.58 -5.06
N ASN F 36 -26.10 -40.06 -5.85
CA ASN F 36 -24.88 -39.32 -6.09
C ASN F 36 -25.15 -38.14 -7.02
N PHE F 37 -24.33 -37.10 -6.89
CA PHE F 37 -24.49 -35.92 -7.73
C PHE F 37 -24.18 -36.20 -9.19
N ALA F 38 -23.36 -37.21 -9.48
CA ALA F 38 -22.98 -37.51 -10.85
C ALA F 38 -24.00 -38.37 -11.59
N MET F 39 -24.96 -38.97 -10.88
CA MET F 39 -25.99 -39.80 -11.50
C MET F 39 -27.35 -39.10 -11.53
N GLU F 40 -27.40 -37.81 -11.21
CA GLU F 40 -28.67 -37.10 -11.22
C GLU F 40 -29.27 -37.04 -12.61
N GLU F 41 -28.43 -36.96 -13.65
CA GLU F 41 -28.94 -36.90 -15.01
C GLU F 41 -29.61 -38.21 -15.39
N TYR F 42 -29.02 -39.35 -15.03
CA TYR F 42 -29.60 -40.64 -15.39
C TYR F 42 -30.87 -40.92 -14.60
N VAL F 43 -30.92 -40.49 -13.34
CA VAL F 43 -32.10 -40.73 -12.51
C VAL F 43 -33.25 -39.92 -13.06
N TYR F 44 -34.41 -40.57 -13.23
CA TYR F 44 -35.56 -39.93 -13.85
C TYR F 44 -36.48 -39.28 -12.81
N GLU F 45 -36.91 -40.05 -11.82
CA GLU F 45 -37.79 -39.53 -10.77
C GLU F 45 -37.82 -40.50 -9.61
N ARG F 46 -37.70 -39.98 -8.38
CA ARG F 46 -37.68 -40.83 -7.21
C ARG F 46 -38.98 -41.61 -7.08
N GLY F 47 -38.88 -42.83 -6.58
CA GLY F 47 -40.02 -43.71 -6.48
C GLY F 47 -40.93 -43.35 -5.32
N ASN F 48 -41.91 -44.25 -5.08
CA ASN F 48 -42.91 -43.99 -4.05
C ASN F 48 -42.29 -43.95 -2.66
N ASN F 49 -41.38 -44.88 -2.37
CA ASN F 49 -40.72 -44.93 -1.07
C ASN F 49 -39.28 -44.42 -1.15
N ASN F 50 -39.07 -43.38 -1.95
CA ASN F 50 -37.80 -42.64 -2.00
C ASN F 50 -36.65 -43.50 -2.51
N GLU F 51 -36.89 -44.20 -3.62
CA GLU F 51 -35.85 -44.89 -4.34
C GLU F 51 -35.71 -44.28 -5.72
N CYS F 52 -34.48 -44.19 -6.20
CA CYS F 52 -34.21 -43.60 -7.51
C CYS F 52 -34.58 -44.58 -8.61
N ILE F 53 -35.20 -44.06 -9.67
CA ILE F 53 -35.62 -44.86 -10.81
C ILE F 53 -34.88 -44.35 -12.03
N PHE F 54 -34.05 -45.20 -12.62
CA PHE F 54 -33.19 -44.79 -13.72
C PHE F 54 -33.99 -44.68 -15.01
N ASN F 55 -33.47 -43.87 -15.93
CA ASN F 55 -34.04 -43.73 -17.27
C ASN F 55 -33.64 -44.94 -18.10
N LEU F 56 -34.63 -45.66 -18.62
CA LEU F 56 -34.34 -46.87 -19.38
C LEU F 56 -33.58 -46.54 -20.66
N MET F 57 -33.99 -45.48 -21.37
CA MET F 57 -33.31 -45.13 -22.62
C MET F 57 -31.86 -44.72 -22.37
N LYS F 58 -31.62 -43.99 -21.28
CA LYS F 58 -30.25 -43.60 -20.96
C LYS F 58 -29.41 -44.81 -20.56
N THR F 59 -30.02 -45.81 -19.92
CA THR F 59 -29.30 -47.04 -19.61
C THR F 59 -28.85 -47.74 -20.89
N TRP F 60 -29.75 -47.86 -21.87
CA TRP F 60 -29.39 -48.51 -23.13
C TRP F 60 -28.40 -47.67 -23.92
N GLU F 61 -28.61 -46.36 -23.96
CA GLU F 61 -27.71 -45.50 -24.73
C GLU F 61 -26.29 -45.57 -24.20
N LYS F 62 -26.13 -45.54 -22.89
CA LYS F 62 -24.80 -45.71 -22.30
C LYS F 62 -24.27 -47.12 -22.56
N LEU F 63 -25.12 -48.14 -22.44
CA LEU F 63 -24.67 -49.51 -22.63
C LEU F 63 -24.22 -49.77 -24.07
N SER F 64 -24.97 -49.27 -25.05
CA SER F 64 -24.57 -49.46 -26.44
C SER F 64 -23.26 -48.76 -26.73
N LEU F 65 -23.07 -47.55 -26.20
CA LEU F 65 -21.80 -46.86 -26.38
C LEU F 65 -20.66 -47.63 -25.73
N ALA F 66 -20.88 -48.14 -24.52
CA ALA F 66 -19.83 -48.90 -23.83
C ALA F 66 -19.49 -50.17 -24.59
N ALA F 67 -20.51 -50.88 -25.08
CA ALA F 67 -20.25 -52.11 -25.82
C ALA F 67 -19.49 -51.82 -27.11
N ARG F 68 -19.81 -50.71 -27.78
CA ARG F 68 -19.08 -50.33 -28.97
C ARG F 68 -17.61 -50.08 -28.66
N VAL F 69 -17.34 -49.39 -27.54
CA VAL F 69 -15.95 -49.15 -27.15
C VAL F 69 -15.24 -50.46 -26.86
N ILE F 70 -15.89 -51.37 -26.14
CA ILE F 70 -15.29 -52.68 -25.87
C ILE F 70 -15.07 -53.44 -27.16
N ALA F 71 -16.07 -53.44 -28.05
CA ALA F 71 -15.95 -54.18 -29.30
C ALA F 71 -14.84 -53.63 -30.18
N GLY F 72 -14.63 -52.30 -30.15
CA GLY F 72 -13.57 -51.72 -30.93
C GLY F 72 -12.19 -52.19 -30.50
N ILE F 73 -11.96 -52.24 -29.18
CA ILE F 73 -10.67 -52.70 -28.67
C ILE F 73 -10.54 -54.22 -28.80
N SER F 74 -11.59 -54.94 -28.41
CA SER F 74 -11.49 -56.39 -28.25
C SER F 74 -11.42 -57.12 -29.58
N ASN F 75 -11.78 -56.48 -30.69
CA ASN F 75 -11.81 -57.17 -31.96
C ASN F 75 -10.43 -57.64 -32.40
N GLU F 76 -9.40 -56.82 -32.14
CA GLU F 76 -8.04 -57.21 -32.50
C GLU F 76 -7.41 -58.06 -31.41
N THR F 77 -7.40 -57.55 -30.17
CA THR F 77 -6.78 -58.23 -29.04
C THR F 77 -7.79 -58.38 -27.91
N PRO F 78 -8.45 -59.53 -27.80
CA PRO F 78 -9.42 -59.71 -26.71
C PRO F 78 -8.81 -59.60 -25.33
N SER F 79 -7.54 -59.99 -25.16
CA SER F 79 -6.93 -60.06 -23.85
C SER F 79 -6.68 -58.69 -23.23
N ASP F 80 -6.80 -57.60 -23.99
CA ASP F 80 -6.57 -56.26 -23.45
C ASP F 80 -7.80 -55.65 -22.83
N VAL F 81 -8.93 -56.35 -22.82
CA VAL F 81 -10.12 -55.91 -22.08
C VAL F 81 -10.23 -56.78 -20.84
N VAL F 82 -10.29 -56.15 -19.68
CA VAL F 82 -10.32 -56.85 -18.40
C VAL F 82 -11.61 -56.52 -17.69
N ALA F 83 -12.35 -57.55 -17.28
CA ALA F 83 -13.59 -57.40 -16.54
C ALA F 83 -13.39 -57.99 -15.15
N VAL F 84 -13.59 -57.18 -14.11
CA VAL F 84 -13.46 -57.64 -12.74
C VAL F 84 -14.83 -57.61 -12.09
N ALA F 85 -15.04 -58.52 -11.13
CA ALA F 85 -16.33 -58.64 -10.47
C ALA F 85 -16.08 -59.12 -9.04
N GLY F 86 -16.01 -58.18 -8.11
CA GLY F 86 -15.72 -58.53 -6.73
C GLY F 86 -16.85 -59.27 -6.05
N ARG F 87 -18.07 -58.78 -6.19
CA ARG F 87 -19.20 -59.33 -5.45
C ARG F 87 -19.58 -60.70 -5.99
N GLU F 88 -20.08 -61.55 -5.10
CA GLU F 88 -20.25 -62.96 -5.42
C GLU F 88 -21.32 -63.21 -6.48
N MET F 89 -22.37 -62.38 -6.53
CA MET F 89 -23.38 -62.58 -7.56
C MET F 89 -22.97 -62.03 -8.90
N ALA F 90 -21.76 -61.51 -9.04
CA ALA F 90 -21.22 -61.10 -10.33
C ALA F 90 -20.09 -62.00 -10.80
N HIS F 91 -19.70 -63.01 -10.01
CA HIS F 91 -18.62 -63.90 -10.42
C HIS F 91 -18.99 -64.68 -11.66
N ARG F 92 -20.14 -65.35 -11.64
CA ARG F 92 -20.53 -66.20 -12.75
C ARG F 92 -20.77 -65.39 -14.02
N ALA F 93 -21.41 -64.23 -13.89
CA ALA F 93 -21.70 -63.43 -15.06
C ALA F 93 -20.43 -62.98 -15.76
N SER F 94 -19.42 -62.57 -15.00
CA SER F 94 -18.17 -62.13 -15.61
C SER F 94 -17.43 -63.30 -16.25
N LEU F 95 -17.53 -64.49 -15.66
CA LEU F 95 -16.80 -65.64 -16.19
C LEU F 95 -17.29 -66.04 -17.57
N LYS F 96 -18.61 -66.00 -17.79
CA LYS F 96 -19.13 -66.31 -19.12
C LYS F 96 -18.76 -65.22 -20.11
N PHE F 97 -18.74 -63.96 -19.67
CA PHE F 97 -18.28 -62.88 -20.52
C PHE F 97 -16.87 -63.15 -21.03
N MET F 98 -16.04 -63.78 -20.19
CA MET F 98 -14.72 -64.21 -20.66
C MET F 98 -14.86 -65.26 -21.75
N LYS F 99 -15.81 -66.18 -21.62
CA LYS F 99 -15.96 -67.25 -22.59
C LYS F 99 -16.40 -66.73 -23.95
N TYR F 100 -17.46 -65.90 -23.97
CA TYR F 100 -18.08 -65.51 -25.22
C TYR F 100 -17.41 -64.33 -25.89
N THR F 101 -16.40 -63.74 -25.28
CA THR F 101 -15.66 -62.64 -25.91
C THR F 101 -14.15 -62.80 -25.85
N GLY F 102 -13.63 -63.60 -24.93
CA GLY F 102 -12.20 -63.79 -24.79
C GLY F 102 -11.51 -62.77 -23.91
N CYS F 103 -12.22 -61.74 -23.46
CA CYS F 103 -11.63 -60.77 -22.55
C CYS F 103 -11.33 -61.42 -21.21
N THR F 104 -10.17 -61.10 -20.66
CA THR F 104 -9.79 -61.67 -19.36
C THR F 104 -10.73 -61.19 -18.27
N ALA F 105 -11.14 -62.12 -17.42
CA ALA F 105 -12.07 -61.84 -16.33
C ALA F 105 -11.43 -62.18 -14.99
N VAL F 106 -11.64 -61.33 -14.01
CA VAL F 106 -11.12 -61.52 -12.66
C VAL F 106 -12.31 -61.72 -11.74
N ALA F 107 -12.39 -62.89 -11.12
CA ALA F 107 -13.55 -63.28 -10.32
C ALA F 107 -13.35 -63.05 -8.82
N GLY F 108 -12.29 -63.59 -8.25
CA GLY F 108 -12.05 -63.46 -6.82
C GLY F 108 -11.60 -62.08 -6.42
N ARG F 109 -10.92 -61.98 -5.28
CA ARG F 109 -10.39 -60.70 -4.85
C ARG F 109 -9.34 -60.21 -5.84
N PHE F 110 -9.29 -58.89 -6.01
CA PHE F 110 -8.36 -58.25 -6.94
C PHE F 110 -7.09 -57.92 -6.18
N THR F 111 -5.98 -58.55 -6.56
CA THR F 111 -4.72 -58.34 -5.89
C THR F 111 -4.26 -56.90 -6.09
N PRO F 112 -3.96 -56.16 -5.03
CA PRO F 112 -3.63 -54.74 -5.16
C PRO F 112 -2.24 -54.50 -5.73
N GLY F 113 -2.11 -54.55 -7.05
CA GLY F 113 -0.82 -54.37 -7.68
C GLY F 113 -0.65 -55.20 -8.93
N SER F 114 -1.69 -55.95 -9.29
CA SER F 114 -1.65 -56.76 -10.50
C SER F 114 -1.57 -55.92 -11.77
N PHE F 115 -1.86 -54.62 -11.69
CA PHE F 115 -1.76 -53.73 -12.84
C PHE F 115 -0.48 -52.90 -12.85
N THR F 116 0.22 -52.83 -11.72
CA THR F 116 1.39 -51.98 -11.60
C THR F 116 2.70 -52.72 -11.33
N ASN F 117 2.65 -53.92 -10.78
CA ASN F 117 3.86 -54.69 -10.47
C ASN F 117 4.20 -55.55 -11.69
N GLN F 118 5.21 -55.12 -12.44
CA GLN F 118 5.59 -55.85 -13.65
C GLN F 118 6.36 -57.13 -13.35
N ILE F 119 7.10 -57.16 -12.24
CA ILE F 119 7.83 -58.37 -11.88
C ILE F 119 6.88 -59.47 -11.41
N GLN F 120 5.69 -59.10 -10.93
CA GLN F 120 4.73 -60.09 -10.48
C GLN F 120 4.30 -60.99 -11.64
N LYS F 121 4.14 -62.28 -11.35
CA LYS F 121 3.88 -63.25 -12.40
C LYS F 121 2.51 -63.07 -13.04
N LYS F 122 1.58 -62.39 -12.37
CA LYS F 122 0.25 -62.13 -12.90
C LYS F 122 0.12 -60.66 -13.31
N PHE F 123 1.20 -60.11 -13.86
CA PHE F 123 1.16 -58.74 -14.33
C PHE F 123 0.33 -58.67 -15.61
N MET F 124 -0.96 -58.43 -15.46
CA MET F 124 -1.87 -58.37 -16.60
C MET F 124 -2.02 -56.92 -17.03
N GLU F 125 -1.90 -56.68 -18.32
CA GLU F 125 -1.99 -55.33 -18.86
C GLU F 125 -3.29 -55.19 -19.62
N PRO F 126 -4.18 -54.29 -19.22
CA PRO F 126 -5.37 -54.02 -20.01
C PRO F 126 -5.20 -52.79 -20.90
N ARG F 127 -6.10 -52.65 -21.86
CA ARG F 127 -6.34 -51.37 -22.53
C ARG F 127 -7.71 -50.81 -22.19
N LEU F 128 -8.47 -51.51 -21.34
CA LEU F 128 -9.81 -51.12 -20.94
C LEU F 128 -10.23 -52.01 -19.78
N ILE F 129 -10.92 -51.43 -18.81
CA ILE F 129 -11.33 -52.14 -17.60
C ILE F 129 -12.83 -52.03 -17.45
N ILE F 130 -13.49 -53.15 -17.19
CA ILE F 130 -14.91 -53.19 -16.88
C ILE F 130 -15.08 -53.71 -15.46
N VAL F 131 -15.80 -52.97 -14.64
CA VAL F 131 -15.96 -53.29 -13.22
C VAL F 131 -17.44 -53.43 -12.92
N SER F 132 -17.80 -54.46 -12.15
CA SER F 132 -19.20 -54.69 -11.82
C SER F 132 -19.72 -53.64 -10.85
N ASP F 133 -18.88 -53.19 -9.92
CA ASP F 133 -19.31 -52.21 -8.94
C ASP F 133 -18.15 -51.34 -8.49
N PRO F 134 -18.21 -50.03 -8.69
CA PRO F 134 -17.14 -49.15 -8.17
C PRO F 134 -16.98 -49.23 -6.67
N SER F 135 -18.06 -49.45 -5.93
CA SER F 135 -17.97 -49.46 -4.47
C SER F 135 -17.22 -50.69 -3.95
N VAL F 136 -17.30 -51.81 -4.66
CA VAL F 136 -16.62 -53.03 -4.26
C VAL F 136 -15.28 -53.20 -4.96
N ASP F 137 -15.22 -52.86 -6.25
CA ASP F 137 -14.00 -53.02 -7.05
C ASP F 137 -13.21 -51.72 -7.15
N HIS F 138 -13.19 -50.95 -6.05
CA HIS F 138 -12.45 -49.68 -6.06
C HIS F 138 -10.97 -49.88 -6.33
N GLN F 139 -10.40 -51.01 -5.91
CA GLN F 139 -8.97 -51.24 -6.10
C GLN F 139 -8.60 -51.28 -7.57
N ALA F 140 -9.41 -51.95 -8.39
CA ALA F 140 -9.16 -51.96 -9.82
C ALA F 140 -9.32 -50.57 -10.42
N LEU F 141 -10.32 -49.82 -9.96
CA LEU F 141 -10.54 -48.47 -10.48
C LEU F 141 -9.39 -47.55 -10.14
N ARG F 142 -8.88 -47.61 -8.90
CA ARG F 142 -7.84 -46.68 -8.49
C ARG F 142 -6.53 -46.94 -9.20
N GLU F 143 -6.24 -48.21 -9.52
CA GLU F 143 -5.02 -48.51 -10.28
C GLU F 143 -5.08 -48.02 -11.71
N SER F 144 -6.29 -47.81 -12.24
CA SER F 144 -6.42 -47.29 -13.60
C SER F 144 -5.89 -45.87 -13.72
N GLY F 145 -5.73 -45.16 -12.60
CA GLY F 145 -5.11 -43.85 -12.61
C GLY F 145 -3.61 -43.87 -12.63
N TYR F 146 -3.00 -45.06 -12.64
CA TYR F 146 -1.56 -45.22 -12.69
C TYR F 146 -1.07 -45.76 -14.03
N ILE F 147 -1.96 -46.28 -14.88
CA ILE F 147 -1.53 -47.03 -16.05
C ILE F 147 -2.16 -46.48 -17.32
N ASN F 148 -2.83 -45.33 -17.23
CA ASN F 148 -3.40 -44.65 -18.39
C ASN F 148 -4.41 -45.53 -19.13
N VAL F 149 -5.38 -46.06 -18.39
CA VAL F 149 -6.35 -47.00 -18.94
C VAL F 149 -7.76 -46.51 -18.62
N PRO F 150 -8.61 -46.30 -19.62
CA PRO F 150 -10.00 -45.91 -19.34
C PRO F 150 -10.78 -47.07 -18.72
N THR F 151 -11.85 -46.72 -18.02
CA THR F 151 -12.62 -47.68 -17.25
C THR F 151 -14.10 -47.57 -17.59
N ILE F 152 -14.81 -48.68 -17.43
CA ILE F 152 -16.25 -48.77 -17.66
C ILE F 152 -16.87 -49.46 -16.46
N ALA F 153 -17.98 -48.92 -15.96
CA ALA F 153 -18.56 -49.40 -14.73
C ALA F 153 -20.08 -49.52 -14.86
N PHE F 154 -20.65 -50.46 -14.11
CA PHE F 154 -22.09 -50.58 -13.93
C PHE F 154 -22.41 -49.91 -12.60
N CYS F 155 -22.79 -48.63 -12.65
CA CYS F 155 -22.94 -47.82 -11.47
C CYS F 155 -24.40 -47.76 -11.02
N ASN F 156 -24.60 -47.81 -9.71
CA ASN F 156 -25.89 -47.60 -9.08
C ASN F 156 -26.00 -46.15 -8.61
N SER F 157 -27.22 -45.76 -8.22
CA SER F 157 -27.49 -44.37 -7.90
C SER F 157 -26.68 -43.86 -6.71
N ASP F 158 -26.16 -44.76 -5.87
CA ASP F 158 -25.37 -44.35 -4.72
C ASP F 158 -23.87 -44.38 -4.96
N ASN F 159 -23.42 -44.91 -6.09
CA ASN F 159 -22.01 -45.13 -6.31
C ASN F 159 -21.29 -43.82 -6.64
N SER F 160 -20.02 -43.76 -6.27
CA SER F 160 -19.18 -42.60 -6.56
C SER F 160 -18.57 -42.75 -7.94
N LEU F 161 -18.71 -41.72 -8.76
CA LEU F 161 -18.32 -41.78 -10.17
C LEU F 161 -16.88 -41.32 -10.39
N LYS F 162 -15.96 -41.86 -9.61
CA LYS F 162 -14.56 -41.46 -9.67
C LYS F 162 -13.75 -42.52 -10.40
N ASN F 163 -12.82 -42.07 -11.24
CA ASN F 163 -11.93 -42.93 -12.02
C ASN F 163 -12.69 -43.84 -12.97
N VAL F 164 -13.89 -43.45 -13.38
CA VAL F 164 -14.61 -44.15 -14.45
C VAL F 164 -14.87 -43.16 -15.55
N ASP F 165 -15.03 -43.67 -16.76
CA ASP F 165 -15.22 -42.83 -17.93
C ASP F 165 -16.48 -43.13 -18.70
N ILE F 166 -16.96 -44.37 -18.70
CA ILE F 166 -18.28 -44.71 -19.23
C ILE F 166 -19.03 -45.46 -18.14
N ALA F 167 -20.12 -44.87 -17.66
CA ALA F 167 -20.90 -45.44 -16.58
C ALA F 167 -22.22 -45.94 -17.12
N ILE F 168 -22.61 -47.15 -16.72
CA ILE F 168 -23.89 -47.72 -17.12
C ILE F 168 -24.83 -47.63 -15.94
N PRO F 169 -25.78 -46.69 -15.95
CA PRO F 169 -26.69 -46.56 -14.80
C PRO F 169 -27.67 -47.71 -14.72
N CYS F 170 -27.54 -48.55 -13.70
CA CYS F 170 -28.38 -49.74 -13.58
C CYS F 170 -28.36 -50.20 -12.13
N ASN F 171 -29.12 -51.25 -11.86
CA ASN F 171 -29.05 -51.92 -10.57
C ASN F 171 -27.92 -52.94 -10.61
N ASN F 172 -27.06 -52.90 -9.59
CA ASN F 172 -25.93 -53.82 -9.53
C ASN F 172 -25.84 -54.50 -8.16
N ARG F 173 -26.99 -54.69 -7.51
CA ARG F 173 -27.09 -55.47 -6.29
C ARG F 173 -27.93 -56.72 -6.46
N SER F 174 -29.13 -56.58 -7.01
CA SER F 174 -29.99 -57.74 -7.25
C SER F 174 -29.34 -58.67 -8.26
N ARG F 175 -29.56 -59.97 -8.06
CA ARG F 175 -28.94 -60.97 -8.93
C ARG F 175 -29.44 -60.86 -10.36
N LEU F 176 -30.75 -60.57 -10.53
CA LEU F 176 -31.32 -60.52 -11.87
C LEU F 176 -30.67 -59.40 -12.70
N SER F 177 -30.52 -58.22 -12.10
CA SER F 177 -29.97 -57.09 -12.84
C SER F 177 -28.49 -57.31 -13.17
N ILE F 178 -27.73 -57.87 -12.24
CA ILE F 178 -26.31 -58.11 -12.47
C ILE F 178 -26.12 -59.08 -13.63
N GLY F 179 -26.87 -60.19 -13.62
CA GLY F 179 -26.75 -61.16 -14.69
C GLY F 179 -27.25 -60.62 -16.02
N LEU F 180 -28.36 -59.89 -16.00
CA LEU F 180 -28.94 -59.38 -17.24
C LEU F 180 -28.01 -58.36 -17.91
N MET F 181 -27.51 -57.40 -17.13
CA MET F 181 -26.69 -56.33 -17.70
C MET F 181 -25.41 -56.89 -18.32
N TRP F 182 -24.76 -57.83 -17.64
CA TRP F 182 -23.57 -58.46 -18.21
C TRP F 182 -23.94 -59.26 -19.45
N TRP F 183 -25.07 -59.98 -19.41
CA TRP F 183 -25.49 -60.74 -20.58
C TRP F 183 -25.91 -59.81 -21.71
N MET F 184 -26.57 -58.69 -21.38
CA MET F 184 -26.90 -57.71 -22.40
C MET F 184 -25.65 -57.08 -23.00
N LEU F 185 -24.68 -56.75 -22.15
CA LEU F 185 -23.42 -56.19 -22.64
C LEU F 185 -22.68 -57.19 -23.53
N THR F 186 -22.68 -58.47 -23.12
CA THR F 186 -22.00 -59.48 -23.92
C THR F 186 -22.63 -59.64 -25.29
N ARG F 187 -23.97 -59.58 -25.34
CA ARG F 187 -24.66 -59.68 -26.63
C ARG F 187 -24.30 -58.52 -27.54
N GLU F 188 -24.25 -57.30 -27.01
CA GLU F 188 -23.97 -56.13 -27.83
C GLU F 188 -22.53 -56.12 -28.33
N ILE F 189 -21.60 -56.64 -27.54
CA ILE F 189 -20.21 -56.71 -27.98
C ILE F 189 -20.09 -57.62 -29.20
N LEU F 190 -20.78 -58.74 -29.18
CA LEU F 190 -20.80 -59.66 -30.32
C LEU F 190 -21.52 -59.02 -31.51
N LEU F 208 -28.49 -68.43 -17.58
CA LEU F 208 -27.16 -69.02 -17.70
C LEU F 208 -26.12 -68.06 -17.15
N PHE F 209 -26.44 -66.77 -17.21
CA PHE F 209 -25.57 -65.74 -16.63
C PHE F 209 -25.86 -65.50 -15.16
N LEU F 210 -27.04 -65.87 -14.68
CA LEU F 210 -27.41 -65.58 -13.31
C LEU F 210 -26.60 -66.45 -12.35
N HIS F 211 -26.12 -65.83 -11.28
CA HIS F 211 -25.21 -66.47 -10.34
C HIS F 211 -25.86 -67.65 -9.61
N TRP G 37 17.66 -56.45 -21.71
CA TRP G 37 17.11 -57.50 -22.55
C TRP G 37 15.92 -58.17 -21.87
N THR G 38 15.31 -59.12 -22.58
CA THR G 38 14.12 -59.85 -22.12
C THR G 38 13.05 -58.88 -21.64
N PRO G 39 12.39 -58.17 -22.56
CA PRO G 39 11.37 -57.20 -22.15
C PRO G 39 10.16 -57.90 -21.53
N VAL G 40 9.48 -57.17 -20.64
CA VAL G 40 8.29 -57.66 -19.96
C VAL G 40 7.05 -56.88 -20.38
N THR G 41 7.14 -55.57 -20.48
CA THR G 41 5.99 -54.74 -20.84
C THR G 41 5.95 -54.53 -22.35
N LYS G 42 4.82 -53.97 -22.81
CA LYS G 42 4.63 -53.72 -24.24
C LYS G 42 5.67 -52.74 -24.76
N LEU G 43 5.80 -51.60 -24.09
CA LEU G 43 6.78 -50.60 -24.51
C LEU G 43 8.18 -51.18 -24.50
N GLY G 44 8.47 -52.06 -23.54
CA GLY G 44 9.74 -52.75 -23.55
C GLY G 44 9.90 -53.63 -24.77
N ARG G 45 8.85 -54.37 -25.13
CA ARG G 45 8.91 -55.19 -26.34
C ARG G 45 9.02 -54.32 -27.58
N LEU G 46 8.27 -53.21 -27.62
CA LEU G 46 8.26 -52.38 -28.82
C LEU G 46 9.62 -51.76 -29.10
N VAL G 47 10.29 -51.26 -28.05
CA VAL G 47 11.60 -50.64 -28.27
C VAL G 47 12.65 -51.68 -28.62
N LYS G 48 12.54 -52.89 -28.06
CA LYS G 48 13.49 -53.93 -28.40
C LYS G 48 13.35 -54.35 -29.87
N ASP G 49 12.12 -54.40 -30.37
CA ASP G 49 11.89 -54.62 -31.79
C ASP G 49 12.19 -53.39 -32.63
N GLY G 50 12.49 -52.25 -32.01
CA GLY G 50 12.77 -51.04 -32.75
C GLY G 50 11.57 -50.46 -33.47
N LYS G 51 10.41 -50.46 -32.83
CA LYS G 51 9.22 -49.87 -33.41
C LYS G 51 8.91 -48.48 -32.88
N VAL G 52 9.36 -48.17 -31.67
CA VAL G 52 9.26 -46.81 -31.12
C VAL G 52 10.66 -46.21 -31.26
N LYS G 53 10.87 -45.47 -32.35
CA LYS G 53 12.21 -45.01 -32.69
C LYS G 53 12.65 -43.80 -31.88
N SER G 54 11.72 -43.10 -31.22
CA SER G 54 12.05 -41.87 -30.52
C SER G 54 11.43 -41.87 -29.13
N ILE G 55 12.19 -41.37 -28.15
CA ILE G 55 11.67 -41.23 -26.80
C ILE G 55 10.52 -40.22 -26.78
N ASP G 56 10.54 -39.25 -27.69
CA ASP G 56 9.50 -38.23 -27.72
C ASP G 56 8.13 -38.82 -28.02
N GLN G 57 8.08 -39.96 -28.72
CA GLN G 57 6.81 -40.63 -28.94
C GLN G 57 6.21 -41.10 -27.64
N ILE G 58 7.04 -41.64 -26.73
CA ILE G 58 6.55 -42.06 -25.43
C ILE G 58 6.04 -40.88 -24.63
N PHE G 59 6.79 -39.78 -24.63
CA PHE G 59 6.37 -38.58 -23.91
C PHE G 59 5.11 -38.00 -24.53
N GLU G 60 4.92 -38.20 -25.84
CA GLU G 60 3.76 -37.61 -26.51
C GLU G 60 2.45 -38.15 -25.93
N PHE G 61 2.39 -39.46 -25.69
CA PHE G 61 1.18 -40.10 -25.20
C PHE G 61 1.21 -40.37 -23.70
N GLY G 62 2.25 -39.90 -23.01
CA GLY G 62 2.30 -40.03 -21.56
C GLY G 62 2.35 -41.45 -21.06
N ILE G 63 3.13 -42.31 -21.71
CA ILE G 63 3.26 -43.70 -21.32
C ILE G 63 4.36 -43.83 -20.28
N LYS G 64 4.08 -44.54 -19.19
CA LYS G 64 5.06 -44.72 -18.14
C LYS G 64 6.17 -45.65 -18.61
N ILE G 65 7.41 -45.33 -18.23
CA ILE G 65 8.57 -46.16 -18.51
C ILE G 65 8.86 -46.99 -17.27
N LYS G 66 8.84 -48.32 -17.43
CA LYS G 66 9.03 -49.22 -16.30
C LYS G 66 10.30 -50.06 -16.39
N GLU G 67 11.04 -49.96 -17.49
CA GLU G 67 12.34 -50.61 -17.62
C GLU G 67 13.38 -49.56 -17.96
N TYR G 68 14.45 -49.50 -17.17
CA TYR G 68 15.52 -48.54 -17.43
C TYR G 68 16.26 -48.85 -18.72
N GLN G 69 16.20 -50.11 -19.19
CA GLN G 69 16.85 -50.45 -20.44
C GLN G 69 16.17 -49.81 -21.65
N ILE G 70 14.92 -49.40 -21.50
CA ILE G 70 14.24 -48.68 -22.59
C ILE G 70 14.93 -47.36 -22.87
N VAL G 71 15.24 -46.62 -21.82
CA VAL G 71 15.91 -45.33 -21.98
C VAL G 71 17.30 -45.52 -22.55
N ASP G 72 17.99 -46.60 -22.17
CA ASP G 72 19.31 -46.88 -22.70
C ASP G 72 19.28 -47.06 -24.21
N HIS G 73 18.23 -47.70 -24.73
CA HIS G 73 18.12 -47.91 -26.16
C HIS G 73 17.86 -46.60 -26.89
N LEU G 74 16.90 -45.82 -26.41
CA LEU G 74 16.45 -44.64 -27.14
C LEU G 74 17.36 -43.43 -26.93
N LEU G 75 18.08 -43.37 -25.82
CA LEU G 75 18.98 -42.26 -25.51
C LEU G 75 20.35 -42.83 -25.17
N PRO G 76 21.13 -43.21 -26.18
CA PRO G 76 22.45 -43.77 -25.92
C PRO G 76 23.46 -42.69 -25.55
N GLY G 77 24.49 -43.11 -24.81
CA GLY G 77 25.53 -42.20 -24.41
C GLY G 77 25.09 -41.10 -23.47
N LEU G 78 24.27 -41.42 -22.48
CA LEU G 78 23.83 -40.42 -21.52
C LEU G 78 24.96 -40.03 -20.58
N LYS G 79 25.16 -38.74 -20.40
CA LYS G 79 26.14 -38.27 -19.42
C LYS G 79 25.62 -38.51 -18.01
N GLU G 80 26.56 -38.65 -17.08
CA GLU G 80 26.21 -38.99 -15.70
C GLU G 80 26.95 -38.05 -14.73
N GLU G 81 26.31 -37.80 -13.60
CA GLU G 81 26.85 -36.88 -12.60
C GLU G 81 26.13 -37.10 -11.28
N VAL G 82 26.86 -37.51 -10.25
CA VAL G 82 26.28 -37.83 -8.96
C VAL G 82 26.25 -36.58 -8.09
N MET G 83 25.06 -36.18 -7.66
CA MET G 83 24.92 -34.92 -6.92
C MET G 83 25.55 -35.01 -5.54
N THR G 84 25.20 -36.04 -4.76
CA THR G 84 25.69 -36.12 -3.39
C THR G 84 25.56 -37.54 -2.87
N MET G 85 26.18 -37.78 -1.71
CA MET G 85 26.13 -39.06 -1.01
C MET G 85 25.79 -38.76 0.45
N GLN G 86 24.50 -38.70 0.77
CA GLN G 86 24.04 -38.42 2.12
C GLN G 86 23.73 -39.72 2.84
N SER G 87 24.22 -39.85 4.07
CA SER G 87 24.06 -41.06 4.85
C SER G 87 22.99 -40.84 5.92
N VAL G 88 21.98 -41.72 5.93
CA VAL G 88 20.93 -41.66 6.90
C VAL G 88 21.19 -42.72 7.97
N GLN G 89 20.48 -42.61 9.09
CA GLN G 89 20.67 -43.54 10.20
C GLN G 89 19.34 -43.81 10.87
N LYS G 90 19.13 -45.06 11.26
CA LYS G 90 17.95 -45.47 12.00
C LYS G 90 18.40 -46.08 13.33
N GLN G 91 17.84 -45.56 14.42
CA GLN G 91 18.21 -46.07 15.73
C GLN G 91 17.64 -47.45 15.95
N THR G 92 18.46 -48.35 16.50
CA THR G 92 18.07 -49.71 16.83
C THR G 92 18.47 -50.01 18.26
N SER G 93 18.01 -51.17 18.75
CA SER G 93 18.37 -51.59 20.10
C SER G 93 19.87 -51.84 20.22
N ALA G 94 20.49 -52.35 19.16
CA ALA G 94 21.92 -52.65 19.18
C ALA G 94 22.79 -51.49 18.73
N GLY G 95 22.18 -50.39 18.26
CA GLY G 95 22.95 -49.26 17.80
C GLY G 95 22.28 -48.48 16.70
N GLN G 96 23.03 -48.15 15.66
CA GLN G 96 22.52 -47.40 14.53
C GLN G 96 22.73 -48.18 13.24
N ARG G 97 21.83 -47.98 12.28
CA ARG G 97 21.85 -48.66 11.00
C ARG G 97 22.07 -47.61 9.92
N THR G 98 23.31 -47.49 9.45
CA THR G 98 23.69 -46.45 8.49
C THR G 98 23.48 -46.94 7.07
N ARG G 99 22.75 -46.15 6.29
CA ARG G 99 22.55 -46.42 4.86
C ARG G 99 22.96 -45.20 4.07
N LEU G 100 23.47 -45.43 2.86
CA LEU G 100 23.92 -44.37 1.98
C LEU G 100 22.86 -44.05 0.96
N LYS G 101 22.45 -42.79 0.89
CA LYS G 101 21.41 -42.33 -0.03
C LYS G 101 22.06 -41.52 -1.14
N ALA G 102 21.75 -41.89 -2.38
CA ALA G 102 22.41 -41.33 -3.55
C ALA G 102 21.41 -40.56 -4.40
N TYR G 103 21.75 -39.31 -4.73
CA TYR G 103 21.01 -38.50 -5.67
C TYR G 103 21.83 -38.39 -6.94
N VAL G 104 21.38 -39.04 -8.01
CA VAL G 104 22.07 -39.01 -9.29
C VAL G 104 21.16 -38.36 -10.32
N ALA G 105 21.75 -37.55 -11.19
CA ALA G 105 21.03 -36.89 -12.26
C ALA G 105 21.55 -37.39 -13.60
N ILE G 106 20.62 -37.72 -14.49
CA ILE G 106 20.96 -38.24 -15.81
C ILE G 106 20.18 -37.46 -16.84
N GLY G 107 20.64 -37.52 -18.09
CA GLY G 107 19.96 -36.84 -19.17
C GLY G 107 20.89 -36.33 -20.25
N ASP G 108 20.52 -36.56 -21.50
CA ASP G 108 21.29 -36.04 -22.62
C ASP G 108 21.17 -34.52 -22.66
N HIS G 109 22.15 -33.91 -23.29
CA HIS G 109 22.24 -32.45 -23.34
C HIS G 109 21.31 -31.84 -24.38
N ASN G 110 20.30 -32.58 -24.84
CA ASN G 110 19.41 -32.07 -25.87
C ASN G 110 17.95 -32.09 -25.42
N GLY G 111 17.69 -31.64 -24.19
CA GLY G 111 16.34 -31.43 -23.74
C GLY G 111 15.71 -32.54 -22.93
N HIS G 112 16.49 -33.50 -22.45
CA HIS G 112 15.98 -34.57 -21.59
C HIS G 112 16.79 -34.63 -20.31
N ALA G 113 16.12 -34.93 -19.20
CA ALA G 113 16.78 -35.01 -17.91
C ALA G 113 16.03 -35.97 -17.01
N GLY G 114 16.72 -36.46 -15.99
CA GLY G 114 16.11 -37.36 -15.03
C GLY G 114 16.81 -37.36 -13.69
N LEU G 115 16.03 -37.44 -12.62
CA LEU G 115 16.56 -37.45 -11.26
C LEU G 115 15.99 -38.65 -10.52
N GLY G 116 16.87 -39.40 -9.87
CA GLY G 116 16.46 -40.60 -9.14
C GLY G 116 17.14 -40.67 -7.79
N VAL G 117 16.43 -41.26 -6.83
CA VAL G 117 16.90 -41.39 -5.46
C VAL G 117 16.84 -42.85 -5.05
N LYS G 118 17.90 -43.32 -4.38
CA LYS G 118 17.96 -44.67 -3.87
C LYS G 118 18.91 -44.71 -2.68
N CYS G 119 18.53 -45.47 -1.65
CA CYS G 119 19.33 -45.62 -0.45
C CYS G 119 19.62 -47.09 -0.20
N ALA G 120 20.84 -47.39 0.22
CA ALA G 120 21.26 -48.77 0.46
C ALA G 120 22.47 -48.75 1.39
N LYS G 121 22.97 -49.95 1.70
CA LYS G 121 24.09 -50.09 2.64
C LYS G 121 25.45 -49.85 2.00
N GLU G 122 25.54 -49.85 0.67
CA GLU G 122 26.82 -49.69 -0.02
C GLU G 122 26.74 -48.52 -0.99
N VAL G 123 27.83 -47.76 -1.06
CA VAL G 123 27.87 -46.63 -1.98
C VAL G 123 27.81 -47.10 -3.42
N ALA G 124 28.53 -48.18 -3.74
CA ALA G 124 28.57 -48.67 -5.11
C ALA G 124 27.20 -49.11 -5.59
N GLU G 125 26.46 -49.84 -4.74
CA GLU G 125 25.14 -50.32 -5.16
C GLU G 125 24.14 -49.18 -5.17
N ALA G 126 24.22 -48.27 -4.20
CA ALA G 126 23.24 -47.19 -4.11
C ALA G 126 23.29 -46.31 -5.35
N ILE G 127 24.49 -46.05 -5.87
CA ILE G 127 24.60 -45.33 -7.13
C ILE G 127 23.95 -46.12 -8.25
N LYS G 128 24.22 -47.43 -8.31
CA LYS G 128 23.61 -48.26 -9.34
C LYS G 128 22.10 -48.30 -9.21
N GLY G 129 21.59 -48.42 -7.97
CA GLY G 129 20.16 -48.41 -7.77
C GLY G 129 19.53 -47.08 -8.14
N ALA G 130 20.16 -45.97 -7.75
CA ALA G 130 19.70 -44.66 -8.17
C ALA G 130 19.92 -44.45 -9.67
N MET G 131 20.92 -45.14 -10.24
CA MET G 131 21.14 -45.07 -11.68
C MET G 131 19.92 -45.57 -12.44
N ILE G 132 19.33 -46.67 -11.99
CA ILE G 132 18.11 -47.17 -12.60
C ILE G 132 16.99 -46.16 -12.44
N GLN G 133 16.77 -45.70 -11.21
CA GLN G 133 15.63 -44.84 -10.91
C GLN G 133 15.68 -43.54 -11.69
N ALA G 134 16.88 -43.04 -12.00
CA ALA G 134 17.00 -41.82 -12.78
C ALA G 134 16.48 -42.03 -14.20
N LYS G 135 16.69 -43.23 -14.75
CA LYS G 135 16.31 -43.47 -16.14
C LYS G 135 14.79 -43.55 -16.30
N LEU G 136 14.08 -44.23 -15.40
CA LEU G 136 12.63 -44.26 -15.50
C LEU G 136 12.01 -42.89 -15.21
N ALA G 137 12.74 -41.99 -14.55
CA ALA G 137 12.23 -40.67 -14.22
C ALA G 137 12.63 -39.63 -15.26
N MET G 138 12.79 -40.04 -16.51
CA MET G 138 13.09 -39.10 -17.58
C MET G 138 11.89 -38.20 -17.84
N VAL G 139 12.17 -36.94 -18.13
CA VAL G 139 11.12 -35.97 -18.40
C VAL G 139 11.56 -35.08 -19.57
N PRO G 140 10.66 -34.65 -20.43
CA PRO G 140 11.03 -33.68 -21.46
C PRO G 140 11.23 -32.30 -20.86
N VAL G 141 12.18 -31.56 -21.42
CA VAL G 141 12.48 -30.20 -21.01
C VAL G 141 12.18 -29.29 -22.19
N ARG G 142 11.15 -28.48 -22.06
CA ARG G 142 10.83 -27.53 -23.11
C ARG G 142 11.65 -26.27 -22.92
N ARG G 143 12.35 -25.86 -23.98
CA ARG G 143 13.16 -24.66 -23.96
C ARG G 143 12.85 -23.84 -25.19
N GLY G 144 13.09 -22.54 -25.09
CA GLY G 144 12.79 -21.63 -26.18
C GLY G 144 13.85 -20.58 -26.42
N TYR G 145 13.44 -19.42 -26.92
CA TYR G 145 14.33 -18.32 -27.21
C TYR G 145 14.05 -17.17 -26.26
N TRP G 146 14.92 -16.16 -26.32
CA TRP G 146 14.75 -14.97 -25.48
C TRP G 146 13.93 -13.90 -26.18
N GLY G 147 14.42 -13.42 -27.32
CA GLY G 147 13.73 -12.36 -28.03
C GLY G 147 13.51 -12.57 -29.50
N ALA G 148 14.19 -13.55 -30.10
CA ALA G 148 14.07 -13.78 -31.53
C ALA G 148 14.47 -15.20 -31.84
N THR G 149 14.08 -15.66 -33.02
CA THR G 149 14.32 -17.05 -33.44
C THR G 149 15.60 -17.10 -34.27
N ILE G 150 16.72 -16.90 -33.75
CA ILE G 150 17.92 -16.92 -34.48
C ILE G 150 18.90 -17.77 -33.81
N GLY G 151 19.21 -18.93 -34.23
CA GLY G 151 20.22 -19.72 -33.65
C GLY G 151 19.47 -20.82 -33.22
N GLU G 152 20.00 -21.70 -32.41
CA GLU G 152 19.25 -22.75 -31.84
C GLU G 152 18.78 -22.47 -30.50
N VAL G 153 17.90 -23.19 -30.05
CA VAL G 153 17.23 -23.00 -28.77
C VAL G 153 18.21 -23.12 -27.61
N HIS G 154 18.11 -22.19 -26.66
CA HIS G 154 19.09 -22.14 -25.58
C HIS G 154 18.47 -22.04 -24.18
N THR G 155 17.32 -21.40 -24.04
CA THR G 155 16.81 -21.03 -22.73
C THR G 155 15.35 -21.45 -22.58
N VAL G 156 14.86 -21.37 -21.35
CA VAL G 156 13.49 -21.77 -21.01
C VAL G 156 12.51 -20.84 -21.71
N PRO G 157 11.27 -21.27 -21.97
CA PRO G 157 10.34 -20.42 -22.73
C PRO G 157 9.65 -19.37 -21.88
N CYS G 158 9.44 -19.66 -20.61
CA CYS G 158 8.72 -18.75 -19.72
C CYS G 158 9.30 -18.92 -18.31
N LYS G 159 8.58 -18.42 -17.31
CA LYS G 159 9.02 -18.50 -15.93
C LYS G 159 8.43 -19.74 -15.27
N LEU G 160 9.29 -20.56 -14.68
CA LEU G 160 8.90 -21.81 -14.04
C LEU G 160 9.39 -21.83 -12.60
N THR G 161 8.62 -22.47 -11.73
CA THR G 161 8.92 -22.49 -10.30
C THR G 161 8.81 -23.92 -9.77
N GLY G 162 9.88 -24.40 -9.14
CA GLY G 162 9.84 -25.69 -8.50
C GLY G 162 9.04 -25.68 -7.21
N ALA G 163 8.41 -26.81 -6.91
CA ALA G 163 7.44 -26.91 -5.82
C ALA G 163 7.80 -28.11 -4.93
N CYS G 164 9.06 -28.16 -4.53
CA CYS G 164 9.54 -29.12 -3.53
C CYS G 164 9.08 -28.66 -2.15
N GLY G 165 9.77 -29.08 -1.10
CA GLY G 165 9.37 -28.71 0.25
C GLY G 165 9.69 -27.24 0.48
N SER G 166 10.32 -26.88 1.59
CA SER G 166 10.57 -25.46 1.83
C SER G 166 11.38 -24.82 0.72
N VAL G 167 12.13 -25.60 -0.06
CA VAL G 167 12.91 -25.07 -1.16
C VAL G 167 12.00 -24.78 -2.35
N ARG G 168 12.21 -23.62 -2.99
CA ARG G 168 11.46 -23.25 -4.18
C ARG G 168 12.41 -22.55 -5.14
N VAL G 169 12.51 -23.10 -6.35
CA VAL G 169 13.48 -22.65 -7.35
C VAL G 169 12.73 -22.06 -8.53
N ARG G 170 13.07 -20.83 -8.89
CA ARG G 170 12.44 -20.13 -9.99
C ARG G 170 13.46 -19.98 -11.12
N LEU G 171 13.02 -20.25 -12.36
CA LEU G 171 13.87 -20.12 -13.54
C LEU G 171 13.31 -19.02 -14.43
N VAL G 172 14.19 -18.13 -14.88
CA VAL G 172 13.79 -17.01 -15.74
C VAL G 172 14.59 -17.10 -17.04
N PRO G 173 13.97 -16.85 -18.20
CA PRO G 173 14.74 -16.84 -19.44
C PRO G 173 15.79 -15.73 -19.43
N ALA G 174 16.91 -16.01 -20.07
CA ALA G 174 18.07 -15.13 -20.07
C ALA G 174 18.61 -14.96 -21.47
N PRO G 175 19.33 -13.88 -21.74
CA PRO G 175 19.94 -13.69 -23.07
C PRO G 175 21.00 -14.75 -23.35
N ARG G 176 21.53 -14.70 -24.57
CA ARG G 176 22.40 -15.75 -25.06
C ARG G 176 23.68 -15.87 -24.23
N GLY G 177 24.32 -14.73 -23.92
CA GLY G 177 25.64 -14.78 -23.33
C GLY G 177 25.66 -15.37 -21.93
N THR G 178 24.69 -14.99 -21.10
CA THR G 178 24.71 -15.38 -19.69
C THR G 178 24.61 -16.89 -19.56
N GLY G 179 25.47 -17.46 -18.72
CA GLY G 179 25.40 -18.87 -18.43
C GLY G 179 24.28 -19.16 -17.45
N ILE G 180 24.31 -20.38 -16.91
CA ILE G 180 23.32 -20.78 -15.91
C ILE G 180 23.67 -20.07 -14.61
N VAL G 181 22.99 -18.96 -14.33
CA VAL G 181 23.20 -18.24 -13.09
C VAL G 181 22.46 -18.96 -11.98
N ALA G 182 23.15 -19.84 -11.27
CA ALA G 182 22.50 -20.66 -10.25
C ALA G 182 23.56 -21.19 -9.30
N ALA G 183 23.08 -21.76 -8.19
CA ALA G 183 23.96 -22.44 -7.27
C ALA G 183 24.56 -23.66 -7.93
N PRO G 184 25.70 -24.15 -7.45
CA PRO G 184 26.31 -25.32 -8.09
C PRO G 184 25.40 -26.53 -8.17
N THR G 185 24.56 -26.76 -7.15
CA THR G 185 23.72 -27.94 -7.15
C THR G 185 22.70 -27.96 -8.28
N PRO G 186 21.89 -26.91 -8.53
CA PRO G 186 21.02 -26.95 -9.70
C PRO G 186 21.71 -26.57 -11.00
N LYS G 187 22.86 -25.91 -10.94
CA LYS G 187 23.62 -25.66 -12.17
C LYS G 187 24.10 -26.97 -12.78
N LYS G 188 24.50 -27.91 -11.93
CA LYS G 188 24.91 -29.22 -12.44
C LYS G 188 23.76 -29.94 -13.13
N PHE G 189 22.56 -29.84 -12.58
CA PHE G 189 21.40 -30.47 -13.20
C PHE G 189 21.00 -29.74 -14.48
N LEU G 190 20.93 -28.40 -14.42
CA LEU G 190 20.48 -27.63 -15.57
C LEU G 190 21.44 -27.77 -16.74
N ILE G 191 22.72 -28.04 -16.48
CA ILE G 191 23.67 -28.27 -17.56
C ILE G 191 23.27 -29.52 -18.33
N LEU G 192 22.89 -30.59 -17.63
CA LEU G 192 22.54 -31.84 -18.29
C LEU G 192 21.29 -31.68 -19.14
N ALA G 193 20.31 -30.93 -18.66
CA ALA G 193 19.06 -30.76 -19.39
C ALA G 193 19.22 -29.99 -20.69
N GLY G 194 20.37 -29.37 -20.93
CA GLY G 194 20.60 -28.62 -22.14
C GLY G 194 20.22 -27.16 -22.08
N ILE G 195 19.81 -26.66 -20.92
CA ILE G 195 19.48 -25.24 -20.75
C ILE G 195 20.79 -24.49 -20.61
N GLU G 196 21.21 -23.81 -21.67
CA GLU G 196 22.49 -23.11 -21.63
C GLU G 196 22.40 -21.80 -20.86
N ASP G 197 21.29 -21.08 -20.97
CA ASP G 197 21.14 -19.77 -20.36
C ASP G 197 19.88 -19.76 -19.51
N VAL G 198 19.98 -19.29 -18.28
CA VAL G 198 18.82 -19.17 -17.39
C VAL G 198 19.19 -18.25 -16.24
N PHE G 199 18.18 -17.64 -15.62
CA PHE G 199 18.31 -16.88 -14.39
C PHE G 199 17.53 -17.61 -13.29
N THR G 200 18.09 -17.66 -12.10
CA THR G 200 17.49 -18.41 -11.01
C THR G 200 17.30 -17.53 -9.78
N GLN G 201 16.27 -17.86 -9.00
CA GLN G 201 15.99 -17.21 -7.73
C GLN G 201 15.43 -18.27 -6.79
N THR G 202 16.24 -18.68 -5.82
CA THR G 202 15.87 -19.75 -4.91
C THR G 202 15.31 -19.20 -3.60
N THR G 203 14.52 -20.03 -2.93
CA THR G 203 13.89 -19.63 -1.68
C THR G 203 13.71 -20.87 -0.81
N GLY G 204 14.08 -20.76 0.47
CA GLY G 204 13.93 -21.86 1.38
C GLY G 204 15.24 -22.36 1.94
N HIS G 205 15.24 -23.54 2.54
CA HIS G 205 16.44 -24.14 3.09
C HIS G 205 17.18 -24.86 1.98
N THR G 206 17.86 -24.07 1.15
CA THR G 206 18.61 -24.63 0.02
C THR G 206 19.82 -25.44 0.47
N LYS G 207 20.21 -25.36 1.75
CA LYS G 207 21.25 -26.24 2.25
C LYS G 207 20.84 -27.71 2.18
N THR G 208 19.54 -27.98 2.18
CA THR G 208 19.03 -29.33 1.98
C THR G 208 19.31 -29.75 0.54
N LEU G 209 20.33 -30.60 0.36
CA LEU G 209 20.78 -30.93 -0.99
C LEU G 209 19.70 -31.69 -1.75
N GLY G 210 19.03 -32.64 -1.08
CA GLY G 210 18.05 -33.45 -1.77
C GLY G 210 16.88 -32.66 -2.30
N ASN G 211 16.35 -31.73 -1.51
CA ASN G 211 15.23 -30.93 -1.96
C ASN G 211 15.66 -29.89 -2.99
N PHE G 212 16.91 -29.45 -2.95
CA PHE G 212 17.39 -28.47 -3.91
C PHE G 212 17.38 -29.02 -5.33
N VAL G 213 17.82 -30.26 -5.51
CA VAL G 213 17.75 -30.89 -6.82
C VAL G 213 16.30 -31.20 -7.18
N LYS G 214 15.53 -31.68 -6.20
CA LYS G 214 14.14 -32.03 -6.45
C LYS G 214 13.33 -30.82 -6.90
N ALA G 215 13.62 -29.64 -6.36
CA ALA G 215 12.90 -28.45 -6.77
C ALA G 215 13.23 -28.08 -8.22
N THR G 216 14.50 -28.20 -8.61
CA THR G 216 14.87 -27.94 -9.99
C THR G 216 14.21 -28.93 -10.94
N TYR G 217 14.19 -30.21 -10.55
CA TYR G 217 13.54 -31.22 -11.38
C TYR G 217 12.06 -30.95 -11.53
N ASP G 218 11.44 -30.33 -10.53
CA ASP G 218 10.02 -30.04 -10.60
C ASP G 218 9.72 -28.87 -11.54
N ALA G 219 10.54 -27.82 -11.49
CA ALA G 219 10.33 -26.68 -12.38
C ALA G 219 10.51 -27.10 -13.83
N VAL G 220 11.53 -27.92 -14.11
CA VAL G 220 11.73 -28.46 -15.45
C VAL G 220 10.59 -29.38 -15.83
N ARG G 221 10.04 -30.13 -14.88
CA ARG G 221 9.04 -31.15 -15.18
C ARG G 221 7.80 -30.56 -15.83
N GLN G 222 7.34 -29.41 -15.34
CA GLN G 222 6.10 -28.80 -15.80
C GLN G 222 6.32 -27.77 -16.90
N SER G 223 7.48 -27.80 -17.55
CA SER G 223 7.72 -26.87 -18.66
C SER G 223 6.76 -27.13 -19.82
N TYR G 224 6.51 -28.40 -20.13
CA TYR G 224 5.63 -28.77 -21.23
C TYR G 224 4.16 -28.81 -20.82
N GLY G 225 3.85 -28.60 -19.53
CA GLY G 225 2.48 -28.53 -19.10
C GLY G 225 1.90 -27.15 -19.05
N PHE G 226 2.73 -26.12 -19.14
CA PHE G 226 2.27 -24.74 -19.12
C PHE G 226 1.92 -24.33 -20.54
N GLN G 227 0.64 -24.04 -20.77
CA GLN G 227 0.15 -23.74 -22.11
C GLN G 227 0.46 -22.30 -22.46
N THR G 228 1.43 -22.09 -23.33
CA THR G 228 1.75 -20.76 -23.82
C THR G 228 0.86 -20.44 -25.03
N LYS G 229 1.17 -19.34 -25.72
CA LYS G 229 0.33 -18.94 -26.85
C LYS G 229 0.59 -19.80 -28.08
N ASP G 230 1.84 -20.23 -28.31
CA ASP G 230 2.16 -20.99 -29.50
C ASP G 230 1.57 -22.40 -29.48
N LEU G 231 1.16 -22.89 -28.32
CA LEU G 231 0.62 -24.23 -28.18
C LEU G 231 -0.90 -24.28 -28.29
N TRP G 232 -1.54 -23.18 -28.66
CA TRP G 232 -3.00 -23.16 -28.75
C TRP G 232 -3.51 -24.10 -29.84
N LYS G 233 -2.81 -24.15 -30.97
CA LYS G 233 -3.25 -24.99 -32.08
C LYS G 233 -3.32 -26.45 -31.66
N VAL G 234 -4.45 -27.09 -31.95
CA VAL G 234 -4.65 -28.49 -31.58
C VAL G 234 -3.80 -29.42 -32.44
N GLY G 235 -3.29 -28.95 -33.57
CA GLY G 235 -2.49 -29.81 -34.42
C GLY G 235 -3.33 -30.89 -35.08
N GLY G 236 -2.66 -32.00 -35.41
CA GLY G 236 -3.30 -33.13 -36.03
C GLY G 236 -3.53 -34.28 -35.06
N VAL G 237 -4.17 -35.31 -35.59
CA VAL G 237 -4.50 -36.52 -34.82
C VAL G 237 -3.42 -37.56 -35.07
N LYS G 238 -2.83 -38.06 -33.98
CA LYS G 238 -1.78 -39.06 -34.05
C LYS G 238 -2.25 -40.36 -33.42
N GLN G 239 -1.73 -41.48 -33.93
CA GLN G 239 -2.10 -42.79 -33.45
C GLN G 239 -1.16 -43.23 -32.33
N SER G 240 -1.73 -43.76 -31.25
CA SER G 240 -0.92 -44.23 -30.15
C SER G 240 -0.14 -45.48 -30.57
N PRO G 241 1.14 -45.58 -30.22
CA PRO G 241 1.93 -46.77 -30.60
C PRO G 241 1.42 -48.06 -29.99
N MET G 242 0.70 -48.00 -28.87
CA MET G 242 0.17 -49.22 -28.26
C MET G 242 -1.12 -49.70 -28.91
N ASP G 243 -1.76 -48.86 -29.73
CA ASP G 243 -2.94 -49.28 -30.48
C ASP G 243 -2.61 -49.69 -31.91
N LYS G 244 -1.65 -49.01 -32.54
CA LYS G 244 -1.27 -49.39 -33.90
C LYS G 244 -0.53 -50.72 -33.91
N TYR G 245 0.26 -51.01 -32.87
CA TYR G 245 0.97 -52.27 -32.74
C TYR G 245 0.34 -53.18 -31.69
N ALA G 246 -0.96 -53.03 -31.43
CA ALA G 246 -1.63 -53.89 -30.46
C ALA G 246 -1.68 -55.33 -30.94
N LYS G 247 -1.86 -55.54 -32.24
CA LYS G 247 -1.99 -56.89 -32.77
C LYS G 247 -0.69 -57.67 -32.63
N ILE G 248 0.43 -57.06 -33.02
CA ILE G 248 1.70 -57.78 -33.03
C ILE G 248 2.11 -58.15 -31.60
N LEU G 249 1.90 -57.24 -30.65
CA LEU G 249 2.29 -57.51 -29.26
C LEU G 249 1.53 -58.69 -28.69
N ALA G 250 0.25 -58.82 -29.05
CA ALA G 250 -0.51 -60.00 -28.63
C ALA G 250 0.06 -61.27 -29.26
N GLU G 251 0.46 -61.20 -30.52
CA GLU G 251 1.04 -62.34 -31.22
C GLU G 251 2.57 -62.30 -31.15
N GLU H 24 -35.03 -53.59 81.49
CA GLU H 24 -35.73 -53.82 80.24
C GLU H 24 -36.26 -52.52 79.66
N PRO H 25 -35.96 -52.25 78.40
CA PRO H 25 -36.37 -50.97 77.79
C PRO H 25 -37.82 -50.93 77.36
N PHE H 26 -38.36 -52.07 76.93
CA PHE H 26 -39.70 -52.13 76.38
C PHE H 26 -40.76 -52.46 77.42
N SER H 27 -40.39 -52.51 78.70
CA SER H 27 -41.37 -52.80 79.74
C SER H 27 -42.42 -51.71 79.89
N LYS H 28 -42.09 -50.47 79.50
CA LYS H 28 -43.01 -49.35 79.65
C LYS H 28 -43.73 -48.99 78.35
N LYS H 29 -43.55 -49.77 77.29
CA LYS H 29 -44.03 -49.39 75.97
C LYS H 29 -45.40 -49.99 75.69
N GLU H 30 -46.23 -49.24 74.97
CA GLU H 30 -47.56 -49.65 74.57
C GLU H 30 -47.70 -49.54 73.07
N TRP H 31 -48.53 -50.41 72.49
CA TRP H 31 -48.77 -50.43 71.06
C TRP H 31 -50.20 -50.01 70.78
N TYR H 32 -50.37 -49.06 69.87
CA TYR H 32 -51.68 -48.52 69.52
C TYR H 32 -52.02 -48.89 68.09
N ASN H 33 -53.30 -49.11 67.84
CA ASN H 33 -53.78 -49.40 66.49
C ASN H 33 -53.94 -48.10 65.71
N VAL H 34 -53.61 -48.15 64.43
CA VAL H 34 -53.63 -46.98 63.55
C VAL H 34 -54.80 -47.13 62.58
N LYS H 35 -55.64 -46.09 62.53
CA LYS H 35 -56.83 -46.10 61.68
C LYS H 35 -56.76 -44.91 60.73
N VAL H 36 -56.86 -45.20 59.43
CA VAL H 36 -56.93 -44.16 58.40
C VAL H 36 -58.40 -43.91 58.09
N PRO H 37 -58.76 -42.76 57.52
CA PRO H 37 -60.17 -42.49 57.22
C PRO H 37 -60.77 -43.55 56.29
N LYS H 38 -62.09 -43.47 56.14
CA LYS H 38 -62.85 -44.47 55.40
C LYS H 38 -62.60 -44.41 53.90
N ASN H 39 -61.89 -43.40 53.41
CA ASN H 39 -61.65 -43.25 51.98
C ASN H 39 -60.86 -44.42 51.39
N PHE H 40 -60.15 -45.17 52.22
CA PHE H 40 -59.25 -46.21 51.74
C PHE H 40 -59.80 -47.59 52.08
N LYS H 41 -59.49 -48.56 51.21
CA LYS H 41 -60.00 -49.92 51.39
C LYS H 41 -59.48 -50.55 52.68
N ARG H 42 -58.20 -50.37 52.97
CA ARG H 42 -57.62 -50.91 54.20
C ARG H 42 -57.73 -49.87 55.31
N ARG H 43 -58.31 -50.28 56.43
CA ARG H 43 -58.58 -49.36 57.53
C ARG H 43 -57.50 -49.38 58.60
N THR H 44 -56.81 -50.51 58.77
CA THR H 44 -55.71 -50.63 59.72
C THR H 44 -54.41 -50.82 58.95
N VAL H 45 -53.42 -49.99 59.23
CA VAL H 45 -52.17 -50.00 58.49
C VAL H 45 -50.99 -50.50 59.32
N GLY H 46 -51.13 -50.60 60.63
CA GLY H 46 -50.04 -51.06 61.46
C GLY H 46 -50.22 -50.62 62.89
N GLN H 47 -49.14 -50.74 63.66
CA GLN H 47 -49.13 -50.40 65.07
C GLN H 47 -48.00 -49.43 65.33
N ILE H 48 -48.24 -48.48 66.24
CA ILE H 48 -47.24 -47.48 66.61
C ILE H 48 -47.00 -47.57 68.11
N VAL H 49 -45.75 -47.37 68.50
CA VAL H 49 -45.28 -47.61 69.86
C VAL H 49 -45.22 -46.29 70.61
N VAL H 50 -45.56 -46.33 71.91
CA VAL H 50 -45.42 -45.17 72.78
C VAL H 50 -45.24 -45.67 74.20
N ASN H 51 -44.47 -44.92 74.99
CA ASN H 51 -44.26 -45.26 76.38
C ASN H 51 -45.57 -45.12 77.16
N LYS H 52 -45.70 -45.92 78.21
CA LYS H 52 -46.88 -45.82 79.07
C LYS H 52 -46.87 -44.49 79.82
N THR H 53 -48.04 -44.14 80.36
CA THR H 53 -48.20 -42.84 80.98
C THR H 53 -47.32 -42.71 82.22
N ALA H 54 -47.09 -41.46 82.62
CA ALA H 54 -46.23 -41.13 83.75
C ALA H 54 -46.91 -39.99 84.51
N GLY H 55 -46.16 -39.35 85.40
CA GLY H 55 -46.68 -38.25 86.20
C GLY H 55 -47.36 -37.18 85.38
N THR H 56 -46.60 -36.49 84.53
CA THR H 56 -47.16 -35.46 83.68
C THR H 56 -46.91 -35.78 82.21
N ARG H 57 -47.11 -37.03 81.83
CA ARG H 57 -46.86 -37.48 80.46
C ARG H 57 -47.93 -38.50 80.08
N ILE H 58 -48.96 -38.04 79.38
CA ILE H 58 -50.04 -38.91 78.94
C ILE H 58 -49.75 -39.36 77.51
N ALA H 59 -49.87 -40.67 77.27
CA ALA H 59 -49.56 -41.20 75.94
C ALA H 59 -50.50 -40.63 74.89
N SER H 60 -51.79 -40.51 75.20
CA SER H 60 -52.73 -39.91 74.25
C SER H 60 -52.36 -38.47 73.96
N GLU H 61 -51.73 -37.78 74.91
CA GLU H 61 -51.21 -36.44 74.64
C GLU H 61 -49.91 -36.50 73.83
N GLN H 62 -49.10 -37.53 74.03
CA GLN H 62 -47.84 -37.65 73.29
C GLN H 62 -48.05 -38.10 71.85
N LEU H 63 -49.05 -38.95 71.60
CA LEU H 63 -49.38 -39.36 70.24
C LEU H 63 -50.30 -38.33 69.58
N LYS H 64 -49.79 -37.11 69.44
CA LYS H 64 -50.55 -36.03 68.85
C LYS H 64 -49.85 -35.37 67.67
N GLY H 65 -48.60 -35.71 67.40
CA GLY H 65 -47.88 -35.14 66.27
C GLY H 65 -47.12 -36.20 65.50
N ARG H 66 -47.52 -37.46 65.64
CA ARG H 66 -46.86 -38.55 64.96
C ARG H 66 -47.35 -38.64 63.53
N VAL H 67 -46.40 -38.70 62.59
CA VAL H 67 -46.70 -38.78 61.16
C VAL H 67 -46.37 -40.18 60.69
N VAL H 68 -47.37 -40.87 60.15
CA VAL H 68 -47.21 -42.22 59.64
C VAL H 68 -47.19 -42.17 58.12
N GLU H 69 -46.17 -42.77 57.52
CA GLU H 69 -46.02 -42.83 56.07
C GLU H 69 -46.28 -44.24 55.61
N VAL H 70 -47.23 -44.41 54.69
CA VAL H 70 -47.60 -45.71 54.16
C VAL H 70 -47.82 -45.61 52.67
N ASN H 71 -47.47 -46.68 51.96
CA ASN H 71 -47.65 -46.73 50.52
C ASN H 71 -49.12 -46.74 50.15
N LEU H 72 -49.41 -46.34 48.92
CA LEU H 72 -50.78 -46.37 48.43
C LEU H 72 -51.20 -47.76 47.97
N ALA H 73 -50.24 -48.64 47.69
CA ALA H 73 -50.55 -50.01 47.32
C ALA H 73 -50.99 -50.85 48.51
N ASP H 74 -51.06 -50.26 49.69
CA ASP H 74 -51.54 -50.94 50.89
C ASP H 74 -52.90 -50.43 51.33
N LEU H 75 -53.15 -49.13 51.22
CA LEU H 75 -54.45 -48.58 51.58
C LEU H 75 -55.54 -48.99 50.59
N MET H 76 -55.16 -49.32 49.35
CA MET H 76 -56.12 -49.74 48.34
C MET H 76 -56.05 -51.23 48.04
N GLU H 77 -55.07 -51.94 48.60
CA GLU H 77 -54.90 -53.38 48.43
C GLU H 77 -54.71 -53.79 46.98
N ASN H 78 -54.31 -52.85 46.13
CA ASN H 78 -53.97 -53.13 44.74
C ASN H 78 -52.58 -52.54 44.46
N GLU H 79 -51.80 -53.26 43.65
CA GLU H 79 -50.43 -52.87 43.37
C GLU H 79 -50.29 -52.06 42.09
N LYS H 80 -51.39 -51.61 41.50
CA LYS H 80 -51.35 -50.60 40.46
C LYS H 80 -51.25 -49.20 41.03
N PHE H 81 -51.21 -49.07 42.35
CA PHE H 81 -51.04 -47.82 43.05
C PHE H 81 -49.68 -47.71 43.73
N GLY H 82 -48.74 -48.60 43.39
CA GLY H 82 -47.56 -48.80 44.18
C GLY H 82 -46.59 -47.63 44.20
N ALA H 83 -46.61 -46.78 43.17
CA ALA H 83 -45.64 -45.70 43.09
C ALA H 83 -46.16 -44.41 43.72
N TYR H 84 -46.73 -44.52 44.92
CA TYR H 84 -47.22 -43.36 45.65
C TYR H 84 -47.12 -43.63 47.14
N ASN H 85 -46.52 -42.70 47.87
CA ASN H 85 -46.41 -42.78 49.32
C ASN H 85 -47.35 -41.76 49.95
N TYR H 86 -48.16 -42.21 50.90
CA TYR H 86 -49.11 -41.35 51.59
C TYR H 86 -48.68 -41.17 53.04
N LYS H 87 -48.94 -39.99 53.58
CA LYS H 87 -48.57 -39.66 54.95
C LYS H 87 -49.81 -39.20 55.72
N PHE H 88 -49.90 -39.64 56.97
CA PHE H 88 -51.01 -39.28 57.83
C PHE H 88 -50.50 -38.82 59.19
N LYS H 89 -51.24 -37.92 59.82
CA LYS H 89 -50.96 -37.47 61.17
C LYS H 89 -52.10 -37.88 62.09
N CYS H 90 -51.79 -37.97 63.38
CA CYS H 90 -52.76 -38.39 64.38
C CYS H 90 -53.41 -37.18 65.03
N GLU H 91 -54.74 -37.24 65.18
CA GLU H 91 -55.50 -36.12 65.71
C GLU H 91 -56.15 -36.39 67.06
N ASP H 92 -56.29 -37.65 67.46
CA ASP H 92 -56.78 -38.01 68.78
C ASP H 92 -56.61 -39.50 68.96
N VAL H 93 -56.53 -39.93 70.22
CA VAL H 93 -56.44 -41.34 70.57
C VAL H 93 -57.79 -41.76 71.13
N ASN H 94 -58.55 -42.49 70.31
CA ASN H 94 -59.89 -42.94 70.70
C ASN H 94 -59.84 -44.38 71.21
N GLY H 95 -59.21 -44.53 72.38
CA GLY H 95 -59.19 -45.83 73.02
C GLY H 95 -58.32 -46.85 72.29
N LYS H 96 -57.01 -46.66 72.34
CA LYS H 96 -56.01 -47.51 71.69
C LYS H 96 -56.04 -47.42 70.18
N ASP H 97 -56.80 -46.48 69.62
CA ASP H 97 -56.86 -46.26 68.18
C ASP H 97 -56.43 -44.83 67.90
N CYS H 98 -55.51 -44.67 66.95
CA CYS H 98 -55.06 -43.35 66.51
C CYS H 98 -55.79 -43.01 65.22
N LEU H 99 -56.70 -42.05 65.30
CA LEU H 99 -57.50 -41.66 64.15
C LEU H 99 -56.69 -40.69 63.29
N MET H 100 -56.29 -41.14 62.11
CA MET H 100 -55.42 -40.38 61.25
C MET H 100 -56.20 -39.46 60.31
N ILE H 101 -55.53 -38.39 59.87
CA ILE H 101 -56.02 -37.51 58.83
C ILE H 101 -54.94 -37.38 57.77
N PHE H 102 -55.35 -37.04 56.56
CA PHE H 102 -54.41 -36.98 55.45
C PHE H 102 -53.41 -35.85 55.68
N HIS H 103 -52.13 -36.15 55.48
CA HIS H 103 -51.06 -35.19 55.72
C HIS H 103 -50.24 -34.84 54.50
N GLY H 104 -50.23 -35.70 53.47
CA GLY H 104 -49.49 -35.39 52.25
C GLY H 104 -49.34 -36.63 51.42
N LEU H 105 -48.92 -36.42 50.17
CA LEU H 105 -48.60 -37.51 49.27
C LEU H 105 -47.36 -37.15 48.49
N LYS H 106 -46.60 -38.18 48.10
CA LYS H 106 -45.34 -37.97 47.41
C LYS H 106 -45.04 -39.18 46.54
N LEU H 107 -44.54 -38.93 45.33
CA LEU H 107 -44.14 -40.01 44.45
C LEU H 107 -43.00 -40.81 45.07
N THR H 108 -43.00 -42.11 44.84
CA THR H 108 -41.89 -42.95 45.26
C THR H 108 -40.61 -42.51 44.54
N THR H 109 -39.49 -42.60 45.24
CA THR H 109 -38.23 -42.07 44.70
C THR H 109 -37.84 -42.80 43.43
N ASP H 110 -38.06 -44.11 43.37
CA ASP H 110 -37.69 -44.86 42.17
C ASP H 110 -38.53 -44.43 40.98
N LYS H 111 -39.82 -44.17 41.19
CA LYS H 111 -40.69 -43.77 40.08
C LYS H 111 -40.31 -42.40 39.55
N LEU H 112 -40.00 -41.46 40.45
CA LEU H 112 -39.70 -40.10 40.02
C LEU H 112 -38.49 -40.06 39.11
N ARG H 113 -37.43 -40.81 39.45
CA ARG H 113 -36.22 -40.81 38.64
C ARG H 113 -36.32 -41.74 37.43
N SER H 114 -37.37 -42.56 37.35
CA SER H 114 -37.53 -43.48 36.23
C SER H 114 -38.30 -42.88 35.07
N ILE H 115 -38.84 -41.67 35.22
CA ILE H 115 -39.65 -41.04 34.18
C ILE H 115 -38.94 -39.83 33.59
N VAL H 116 -37.68 -39.62 33.92
CA VAL H 116 -36.93 -38.46 33.43
C VAL H 116 -36.09 -38.96 32.25
N LYS H 117 -36.64 -38.86 31.05
CA LYS H 117 -35.90 -39.18 29.84
C LYS H 117 -34.95 -38.05 29.49
N LYS H 118 -33.96 -38.36 28.65
CA LYS H 118 -32.88 -37.40 28.42
C LYS H 118 -33.19 -36.39 27.33
N TRP H 119 -33.61 -36.85 26.15
CA TRP H 119 -33.72 -35.98 24.99
C TRP H 119 -35.08 -35.30 24.88
N CYS H 120 -35.75 -35.06 26.00
CA CYS H 120 -37.05 -34.43 26.02
C CYS H 120 -37.05 -33.27 27.01
N THR H 121 -38.04 -32.39 26.86
CA THR H 121 -38.15 -31.21 27.71
C THR H 121 -38.97 -31.56 28.95
N LEU H 122 -38.46 -31.15 30.12
CA LEU H 122 -39.13 -31.37 31.39
C LEU H 122 -39.93 -30.13 31.76
N ILE H 123 -41.20 -30.31 32.09
CA ILE H 123 -42.09 -29.22 32.45
C ILE H 123 -42.54 -29.42 33.89
N GLU H 124 -42.29 -28.42 34.73
CA GLU H 124 -42.61 -28.48 36.15
C GLU H 124 -43.48 -27.28 36.53
N THR H 125 -44.35 -27.48 37.51
CA THR H 125 -45.19 -26.40 37.97
C THR H 125 -45.60 -26.67 39.41
N SER H 126 -46.11 -25.63 40.06
CA SER H 126 -46.63 -25.73 41.41
C SER H 126 -47.75 -24.71 41.58
N VAL H 127 -48.82 -25.10 42.25
CA VAL H 127 -49.99 -24.25 42.43
C VAL H 127 -50.38 -24.25 43.90
N ASP H 128 -50.84 -23.09 44.39
CA ASP H 128 -51.35 -22.95 45.74
C ASP H 128 -52.86 -22.76 45.64
N VAL H 129 -53.61 -23.77 46.08
CA VAL H 129 -55.06 -23.80 45.92
C VAL H 129 -55.71 -23.91 47.28
N LYS H 130 -56.76 -23.12 47.49
CA LYS H 130 -57.58 -23.18 48.69
C LYS H 130 -58.81 -24.01 48.41
N THR H 131 -58.98 -25.11 49.14
CA THR H 131 -60.08 -26.02 48.89
C THR H 131 -61.40 -25.42 49.37
N THR H 132 -62.49 -26.10 49.01
CA THR H 132 -63.82 -25.62 49.39
C THR H 132 -64.04 -25.71 50.89
N ASP H 133 -63.46 -26.70 51.56
CA ASP H 133 -63.66 -26.89 52.99
C ASP H 133 -62.66 -26.12 53.84
N GLY H 134 -61.77 -25.34 53.23
CA GLY H 134 -60.90 -24.44 53.95
C GLY H 134 -59.43 -24.81 53.94
N HIS H 135 -59.08 -26.05 53.59
CA HIS H 135 -57.68 -26.45 53.57
C HIS H 135 -56.93 -25.74 52.45
N LEU H 136 -55.70 -25.32 52.75
CA LEU H 136 -54.82 -24.71 51.77
C LEU H 136 -53.68 -25.68 51.48
N ILE H 137 -53.54 -26.07 50.22
CA ILE H 137 -52.58 -27.09 49.82
C ILE H 137 -51.74 -26.58 48.66
N ARG H 138 -50.58 -27.20 48.49
CA ARG H 138 -49.69 -26.96 47.37
C ARG H 138 -49.58 -28.24 46.56
N ILE H 139 -49.76 -28.13 45.25
CA ILE H 139 -49.75 -29.28 44.34
C ILE H 139 -48.65 -29.08 43.32
N PHE H 140 -47.81 -30.10 43.15
CA PHE H 140 -46.72 -30.08 42.19
C PHE H 140 -47.06 -31.03 41.03
N CYS H 141 -46.85 -30.56 39.81
CA CYS H 141 -47.10 -31.35 38.62
C CYS H 141 -45.83 -31.44 37.78
N ILE H 142 -45.61 -32.60 37.17
CA ILE H 142 -44.47 -32.81 36.29
C ILE H 142 -44.99 -33.33 34.96
N GLY H 143 -44.26 -33.02 33.89
CA GLY H 143 -44.64 -33.44 32.57
C GLY H 143 -43.42 -33.58 31.69
N PHE H 144 -43.63 -34.19 30.53
CA PHE H 144 -42.52 -34.45 29.62
C PHE H 144 -43.02 -34.40 28.18
N THR H 145 -42.40 -33.56 27.37
CA THR H 145 -42.57 -33.63 25.93
C THR H 145 -42.18 -35.02 25.43
N SER H 146 -42.98 -35.57 24.53
CA SER H 146 -42.78 -36.93 24.08
C SER H 146 -42.38 -36.98 22.61
N ARG H 147 -42.08 -38.20 22.17
CA ARG H 147 -41.84 -38.48 20.75
C ARG H 147 -43.19 -38.59 20.04
N LYS H 148 -43.16 -39.03 18.79
CA LYS H 148 -44.37 -39.28 18.03
C LYS H 148 -44.25 -40.62 17.33
N SER H 149 -45.37 -41.07 16.76
CA SER H 149 -45.39 -42.37 16.09
C SER H 149 -44.42 -42.40 14.91
N ASN H 150 -44.43 -41.35 14.10
CA ASN H 150 -43.59 -41.28 12.91
C ASN H 150 -42.34 -40.44 13.09
N GLN H 151 -42.02 -40.04 14.32
CA GLN H 151 -40.87 -39.17 14.54
C GLN H 151 -39.58 -39.89 14.16
N ILE H 152 -38.70 -39.16 13.48
CA ILE H 152 -37.42 -39.69 13.04
C ILE H 152 -36.25 -39.02 13.75
N LYS H 153 -36.32 -37.71 13.94
CA LYS H 153 -35.24 -37.00 14.62
C LYS H 153 -35.17 -37.42 16.09
N LYS H 154 -33.95 -37.46 16.61
CA LYS H 154 -33.72 -37.99 17.95
C LYS H 154 -34.33 -37.09 19.02
N THR H 155 -34.09 -35.79 18.93
CA THR H 155 -34.49 -34.88 19.99
C THR H 155 -35.93 -34.43 19.81
N SER H 156 -36.60 -34.17 20.93
CA SER H 156 -37.95 -33.60 20.93
C SER H 156 -37.98 -32.51 22.00
N TYR H 157 -37.59 -31.30 21.60
CA TYR H 157 -37.60 -30.14 22.49
C TYR H 157 -38.72 -29.19 22.11
N ALA H 158 -39.05 -28.31 23.03
CA ALA H 158 -40.09 -27.32 22.84
C ALA H 158 -39.51 -25.91 22.97
N LYS H 159 -40.04 -24.98 22.19
CA LYS H 159 -39.63 -23.60 22.32
C LYS H 159 -40.07 -23.04 23.68
N SER H 160 -39.48 -21.90 24.04
CA SER H 160 -39.85 -21.26 25.30
C SER H 160 -41.30 -20.79 25.30
N ALA H 161 -41.85 -20.52 24.12
CA ALA H 161 -43.25 -20.11 24.04
C ALA H 161 -44.18 -21.28 24.32
N GLN H 162 -43.86 -22.46 23.81
CA GLN H 162 -44.71 -23.61 24.01
C GLN H 162 -44.67 -24.11 25.46
N ILE H 163 -43.52 -23.97 26.12
CA ILE H 163 -43.42 -24.39 27.52
C ILE H 163 -44.33 -23.54 28.39
N LYS H 164 -44.31 -22.22 28.19
CA LYS H 164 -45.15 -21.34 28.98
C LYS H 164 -46.63 -21.57 28.70
N LYS H 165 -46.97 -21.86 27.45
CA LYS H 165 -48.35 -22.20 27.12
C LYS H 165 -48.79 -23.47 27.83
N ILE H 166 -47.93 -24.49 27.85
CA ILE H 166 -48.27 -25.75 28.50
C ILE H 166 -48.39 -25.55 30.01
N ARG H 167 -47.44 -24.83 30.61
CA ARG H 167 -47.47 -24.63 32.04
C ARG H 167 -48.71 -23.86 32.47
N LYS H 168 -49.09 -22.83 31.70
CA LYS H 168 -50.29 -22.08 32.03
C LYS H 168 -51.55 -22.94 31.93
N ILE H 169 -51.55 -23.90 30.99
CA ILE H 169 -52.71 -24.79 30.86
C ILE H 169 -52.81 -25.71 32.07
N MET H 170 -51.72 -26.41 32.38
CA MET H 170 -51.73 -27.32 33.52
C MET H 170 -51.84 -26.59 34.85
N ASN H 171 -51.45 -25.31 34.89
CA ASN H 171 -51.67 -24.51 36.10
C ASN H 171 -53.14 -24.20 36.27
N ASN H 172 -53.82 -23.80 35.20
CA ASN H 172 -55.24 -23.46 35.29
C ASN H 172 -56.10 -24.70 35.43
N LEU H 173 -55.76 -25.77 34.70
CA LEU H 173 -56.59 -26.96 34.70
C LEU H 173 -56.56 -27.66 36.05
N ILE H 174 -55.39 -27.69 36.69
CA ILE H 174 -55.28 -28.35 38.00
C ILE H 174 -55.98 -27.51 39.08
N THR H 175 -56.08 -26.20 38.89
CA THR H 175 -56.74 -25.35 39.88
C THR H 175 -58.24 -25.54 39.86
N LYS H 176 -58.83 -25.67 38.67
CA LYS H 176 -60.27 -25.86 38.56
C LYS H 176 -60.70 -27.17 39.23
N GLU H 177 -59.94 -28.24 39.02
CA GLU H 177 -60.31 -29.53 39.57
C GLU H 177 -60.09 -29.62 41.08
N ALA H 178 -59.16 -28.82 41.62
CA ALA H 178 -58.83 -28.91 43.03
C ALA H 178 -59.60 -27.91 43.89
N ALA H 179 -59.86 -26.72 43.37
CA ALA H 179 -60.55 -25.70 44.17
C ALA H 179 -62.02 -26.02 44.34
N SER H 180 -62.62 -26.77 43.40
CA SER H 180 -64.05 -27.02 43.44
C SER H 180 -64.44 -28.09 44.45
N ARG H 181 -63.49 -28.93 44.89
CA ARG H 181 -63.80 -30.05 45.75
C ARG H 181 -63.02 -29.95 47.06
N GLU H 182 -63.58 -30.57 48.10
CA GLU H 182 -62.94 -30.58 49.40
C GLU H 182 -61.67 -31.44 49.36
N LEU H 183 -60.87 -31.33 50.43
CA LEU H 183 -59.59 -32.03 50.47
C LEU H 183 -59.77 -33.54 50.41
N THR H 184 -60.76 -34.07 51.12
CA THR H 184 -60.95 -35.52 51.18
C THR H 184 -61.34 -36.07 49.82
N GLN H 185 -62.30 -35.44 49.15
CA GLN H 185 -62.76 -35.94 47.86
C GLN H 185 -61.78 -35.64 46.75
N PHE H 186 -60.99 -34.57 46.86
CA PHE H 186 -59.96 -34.29 45.86
C PHE H 186 -58.87 -35.34 45.89
N VAL H 187 -58.49 -35.80 47.09
CA VAL H 187 -57.45 -36.82 47.19
C VAL H 187 -57.91 -38.12 46.52
N ASP H 188 -59.16 -38.52 46.78
CA ASP H 188 -59.69 -39.71 46.12
C ASP H 188 -59.82 -39.48 44.62
N TYR H 189 -59.99 -38.24 44.19
CA TYR H 189 -59.96 -37.95 42.76
C TYR H 189 -58.58 -38.23 42.19
N LEU H 190 -57.53 -37.89 42.93
CA LEU H 190 -56.17 -38.12 42.45
C LEU H 190 -55.90 -39.58 42.17
N ARG H 191 -56.58 -40.48 42.88
CA ARG H 191 -56.43 -41.90 42.60
C ARG H 191 -56.91 -42.24 41.19
N GLU H 192 -58.04 -41.68 40.79
CA GLU H 192 -58.48 -41.81 39.41
C GLU H 192 -57.56 -41.01 38.50
N ASN H 193 -57.25 -41.56 37.35
CA ASN H 193 -56.30 -40.94 36.43
C ASN H 193 -56.94 -39.86 35.57
N LYS H 194 -58.11 -39.33 35.97
CA LYS H 194 -58.80 -38.36 35.14
C LYS H 194 -57.96 -37.10 34.95
N LEU H 195 -57.39 -36.56 36.02
CA LEU H 195 -56.60 -35.34 35.91
C LEU H 195 -55.37 -35.50 35.04
N PRO H 196 -54.50 -36.51 35.26
CA PRO H 196 -53.37 -36.66 34.32
C PRO H 196 -53.80 -36.95 32.89
N LYS H 197 -54.88 -37.72 32.71
CA LYS H 197 -55.37 -37.99 31.36
C LYS H 197 -55.91 -36.73 30.71
N GLU H 198 -56.61 -35.89 31.47
CA GLU H 198 -57.19 -34.68 30.91
C GLU H 198 -56.11 -33.66 30.55
N ILE H 199 -55.05 -33.58 31.35
CA ILE H 199 -53.96 -32.66 31.04
C ILE H 199 -53.27 -33.05 29.74
N VAL H 200 -53.01 -34.35 29.55
CA VAL H 200 -52.40 -34.81 28.32
C VAL H 200 -53.30 -34.56 27.12
N ALA H 201 -54.61 -34.70 27.30
CA ALA H 201 -55.55 -34.52 26.21
C ALA H 201 -55.89 -33.06 25.96
N LYS H 202 -55.35 -32.15 26.76
CA LYS H 202 -55.55 -30.72 26.56
C LYS H 202 -54.26 -29.97 26.27
N CYS H 203 -53.11 -30.54 26.60
CA CYS H 203 -51.82 -30.00 26.19
C CYS H 203 -51.32 -30.66 24.92
N SER H 204 -52.06 -31.61 24.36
CA SER H 204 -51.66 -32.25 23.12
C SER H 204 -51.95 -31.40 21.89
N LYS H 205 -52.72 -30.32 22.05
CA LYS H 205 -52.91 -29.37 20.97
C LYS H 205 -51.81 -28.32 20.93
N VAL H 206 -50.86 -28.38 21.87
CA VAL H 206 -49.69 -27.51 21.86
C VAL H 206 -48.41 -28.30 21.64
N PHE H 207 -48.28 -29.46 22.26
CA PHE H 207 -47.10 -30.30 22.10
C PHE H 207 -47.46 -31.72 22.49
N SER H 208 -46.60 -32.66 22.11
CA SER H 208 -46.83 -34.07 22.38
C SER H 208 -46.33 -34.40 23.78
N MET H 209 -47.27 -34.63 24.71
CA MET H 209 -46.95 -34.97 26.09
C MET H 209 -47.40 -36.40 26.37
N ASP H 210 -46.57 -37.15 27.09
CA ASP H 210 -46.90 -38.53 27.43
C ASP H 210 -47.01 -38.76 28.93
N ASN H 211 -45.99 -38.36 29.71
CA ASN H 211 -45.94 -38.62 31.13
C ASN H 211 -46.37 -37.37 31.89
N VAL H 212 -47.48 -37.46 32.61
CA VAL H 212 -47.94 -36.40 33.49
C VAL H 212 -48.25 -37.02 34.83
N TYR H 213 -47.57 -36.55 35.87
CA TYR H 213 -47.77 -37.07 37.22
C TYR H 213 -47.84 -35.92 38.20
N ILE H 214 -48.53 -36.13 39.30
CA ILE H 214 -48.57 -35.20 40.41
C ILE H 214 -47.58 -35.74 41.44
N ARG H 215 -46.39 -35.15 41.48
CA ARG H 215 -45.30 -35.75 42.24
C ARG H 215 -45.43 -35.52 43.74
N LYS H 216 -46.07 -34.43 44.17
CA LYS H 216 -46.16 -34.16 45.59
C LYS H 216 -47.33 -33.22 45.85
N VAL H 217 -48.03 -33.46 46.96
CA VAL H 217 -49.07 -32.55 47.45
C VAL H 217 -48.76 -32.25 48.91
N LYS H 218 -48.64 -30.97 49.24
CA LYS H 218 -48.37 -30.53 50.59
C LYS H 218 -49.64 -30.00 51.23
N ILE H 219 -49.52 -29.57 52.48
CA ILE H 219 -50.59 -28.87 53.20
C ILE H 219 -49.93 -27.66 53.84
N LEU H 220 -50.00 -26.51 53.16
CA LEU H 220 -49.34 -25.32 53.67
C LEU H 220 -50.00 -24.82 54.95
N LYS H 221 -51.32 -24.78 54.98
CA LYS H 221 -52.06 -24.29 56.13
C LYS H 221 -53.16 -25.29 56.45
N ALA H 222 -53.12 -25.85 57.66
CA ALA H 222 -54.14 -26.80 58.08
C ALA H 222 -55.42 -26.07 58.38
N GLY H 223 -56.48 -26.41 57.65
CA GLY H 223 -57.77 -25.79 57.89
C GLY H 223 -58.40 -26.28 59.19
N LYS H 224 -59.40 -25.53 59.64
CA LYS H 224 -60.08 -25.88 60.88
C LYS H 224 -60.82 -27.20 60.73
N ILE H 225 -60.78 -28.01 61.79
CA ILE H 225 -61.46 -29.31 61.80
C ILE H 225 -62.26 -29.41 63.10
N ASP H 226 -63.28 -30.27 63.06
CA ASP H 226 -64.12 -30.53 64.21
C ASP H 226 -64.14 -32.02 64.49
N SER H 227 -64.42 -32.38 65.75
CA SER H 227 -64.53 -33.78 66.12
C SER H 227 -65.65 -34.46 65.36
N LEU H 228 -66.79 -33.78 65.22
CA LEU H 228 -67.89 -34.33 64.42
C LEU H 228 -67.48 -34.46 62.96
N LYS H 229 -66.76 -33.47 62.42
CA LYS H 229 -66.24 -33.59 61.07
C LYS H 229 -65.22 -34.72 60.97
N LEU H 230 -64.37 -34.85 61.99
CA LEU H 230 -63.44 -35.99 62.03
C LEU H 230 -64.20 -37.30 62.18
N LEU H 231 -65.25 -37.31 63.01
CA LEU H 231 -66.07 -38.51 63.14
C LEU H 231 -66.76 -38.84 61.83
N ASP H 232 -67.17 -37.81 61.07
CA ASP H 232 -67.64 -38.04 59.71
C ASP H 232 -66.54 -38.65 58.84
N GLN H 233 -65.29 -38.23 59.07
CA GLN H 233 -64.17 -38.76 58.30
C GLN H 233 -63.82 -40.17 58.70
N HIS H 234 -64.16 -40.59 59.92
CA HIS H 234 -63.84 -41.92 60.43
C HIS H 234 -65.16 -42.63 60.75
N GLN H 235 -65.67 -43.37 59.77
CA GLN H 235 -66.93 -44.10 59.91
C GLN H 235 -68.07 -43.17 60.32
N ALA I 2 33.59 36.06 -0.26
CA ALA I 2 32.85 36.84 -1.23
C ALA I 2 32.50 38.21 -0.67
N ARG I 3 33.52 38.96 -0.24
CA ARG I 3 33.30 40.31 0.25
C ARG I 3 33.11 41.32 -0.87
N GLY I 4 33.47 40.97 -2.10
CA GLY I 4 33.37 41.88 -3.22
C GLY I 4 33.30 41.16 -4.54
N PRO I 5 33.40 41.90 -5.63
CA PRO I 5 33.36 41.28 -6.96
C PRO I 5 34.49 40.28 -7.14
N ARG I 6 34.20 39.22 -7.89
CA ARG I 6 35.19 38.20 -8.18
C ARG I 6 36.01 38.59 -9.40
N HIS I 7 37.32 38.34 -9.33
CA HIS I 7 38.21 38.67 -10.42
C HIS I 7 38.78 37.46 -11.15
N HIS I 8 38.76 36.28 -10.52
CA HIS I 8 39.23 35.06 -11.15
C HIS I 8 38.08 34.29 -11.75
N LEU I 9 38.41 33.36 -12.65
CA LEU I 9 37.43 32.47 -13.26
C LEU I 9 38.08 31.11 -13.44
N LYS I 10 37.67 30.13 -12.65
CA LYS I 10 38.23 28.80 -12.77
C LYS I 10 37.86 28.19 -14.11
N ARG I 11 38.72 27.32 -14.62
CA ARG I 11 38.55 26.80 -15.96
C ARG I 11 37.24 26.01 -16.09
N LEU I 12 36.92 25.18 -15.10
CA LEU I 12 35.72 24.37 -15.17
C LEU I 12 34.45 25.21 -15.12
N ASN I 13 34.50 26.40 -14.54
CA ASN I 13 33.33 27.27 -14.47
C ASN I 13 33.17 28.15 -15.70
N ALA I 14 34.11 28.11 -16.63
CA ALA I 14 34.01 28.90 -17.84
C ALA I 14 32.85 28.40 -18.71
N PRO I 15 32.25 29.28 -19.52
CA PRO I 15 31.14 28.84 -20.38
C PRO I 15 31.57 27.70 -21.28
N HIS I 16 30.64 26.76 -21.50
CA HIS I 16 31.00 25.50 -22.16
C HIS I 16 31.42 25.72 -23.61
N HIS I 17 30.71 26.59 -24.33
CA HIS I 17 30.96 26.73 -25.76
C HIS I 17 32.31 27.38 -26.06
N TRP I 18 33.11 27.70 -25.04
CA TRP I 18 34.48 28.08 -25.29
C TRP I 18 35.36 26.88 -25.60
N MET I 19 35.02 25.72 -25.04
CA MET I 19 35.83 24.50 -25.15
C MET I 19 37.29 24.76 -24.76
N LEU I 20 37.45 25.08 -23.48
CA LEU I 20 38.77 25.14 -22.87
C LEU I 20 39.11 23.75 -22.33
N SER I 21 40.30 23.26 -22.70
CA SER I 21 40.70 21.93 -22.28
C SER I 21 40.79 21.84 -20.76
N LYS I 22 40.22 20.78 -20.20
CA LYS I 22 40.09 20.67 -18.75
C LYS I 22 41.41 20.44 -18.05
N LEU I 23 42.47 20.10 -18.77
CA LEU I 23 43.79 19.91 -18.17
C LEU I 23 44.79 20.96 -18.62
N GLY I 24 44.35 21.96 -19.38
CA GLY I 24 45.27 23.00 -19.82
C GLY I 24 45.76 23.87 -18.68
N GLY I 25 44.89 24.18 -17.74
CA GLY I 25 45.28 25.01 -16.61
C GLY I 25 44.15 25.08 -15.60
N THR I 26 44.43 25.79 -14.51
CA THR I 26 43.46 25.93 -13.43
C THR I 26 42.56 27.15 -13.57
N PHE I 27 42.81 28.00 -14.57
CA PHE I 27 42.07 29.25 -14.71
C PHE I 27 41.64 29.46 -16.15
N ALA I 28 40.65 30.32 -16.33
CA ALA I 28 40.14 30.73 -17.62
C ALA I 28 40.09 32.25 -17.68
N PRO I 29 40.28 32.85 -18.86
CA PRO I 29 40.31 34.31 -18.94
C PRO I 29 38.95 34.93 -18.71
N LYS I 30 38.77 35.58 -17.57
CA LYS I 30 37.51 36.22 -17.27
C LYS I 30 37.33 37.44 -18.16
N PRO I 31 36.23 37.54 -18.91
CA PRO I 31 36.07 38.67 -19.83
C PRO I 31 35.70 39.94 -19.06
N SER I 32 36.44 41.00 -19.35
CA SER I 32 36.16 42.28 -18.70
C SER I 32 34.78 42.78 -19.10
N HIS I 33 34.14 43.50 -18.17
CA HIS I 33 32.81 44.02 -18.41
C HIS I 33 32.82 44.95 -19.62
N GLY I 34 31.63 45.18 -20.17
CA GLY I 34 31.51 46.00 -21.35
C GLY I 34 30.22 45.75 -22.11
N PRO I 35 30.34 45.53 -23.42
CA PRO I 35 29.12 45.43 -24.23
C PRO I 35 28.32 44.16 -24.00
N HIS I 36 28.97 43.01 -23.86
CA HIS I 36 28.29 41.74 -23.86
C HIS I 36 28.51 41.01 -22.53
N GLY I 37 27.58 40.13 -22.21
CA GLY I 37 27.62 39.39 -20.96
C GLY I 37 28.77 38.40 -20.91
N MET I 38 28.97 37.83 -19.72
CA MET I 38 30.08 36.92 -19.51
C MET I 38 29.94 35.65 -20.32
N LYS I 39 28.72 35.16 -20.51
CA LYS I 39 28.50 33.90 -21.22
C LYS I 39 27.97 34.08 -22.63
N GLU I 40 27.71 35.31 -23.05
CA GLU I 40 27.32 35.60 -24.43
C GLU I 40 28.46 36.24 -25.22
N CYS I 41 29.71 36.02 -24.79
CA CYS I 41 30.85 36.69 -25.38
C CYS I 41 32.00 35.72 -25.54
N LEU I 42 32.91 36.08 -26.44
CA LEU I 42 34.16 35.36 -26.62
C LEU I 42 35.31 36.33 -26.38
N PRO I 43 36.12 36.13 -25.36
CA PRO I 43 37.22 37.06 -25.10
C PRO I 43 38.20 37.11 -26.26
N LEU I 44 38.79 38.29 -26.46
CA LEU I 44 39.69 38.48 -27.59
C LEU I 44 40.88 37.53 -27.52
N ILE I 45 41.34 37.19 -26.33
CA ILE I 45 42.47 36.26 -26.21
C ILE I 45 42.09 34.88 -26.75
N LEU I 46 40.86 34.45 -26.47
CA LEU I 46 40.41 33.15 -26.95
C LEU I 46 40.39 33.09 -28.48
N ILE I 47 39.96 34.19 -29.12
CA ILE I 47 39.85 34.20 -30.58
C ILE I 47 41.22 34.04 -31.22
N LEU I 48 42.20 34.80 -30.75
CA LEU I 48 43.51 34.81 -31.40
C LEU I 48 44.27 33.52 -31.13
N ARG I 49 44.28 33.06 -29.88
CA ARG I 49 45.13 31.93 -29.51
C ARG I 49 44.57 30.62 -30.04
N ASN I 50 43.26 30.40 -29.92
CA ASN I 50 42.66 29.12 -30.24
C ASN I 50 42.06 29.09 -31.64
N ARG I 51 41.13 30.00 -31.92
CA ARG I 51 40.41 29.96 -33.19
C ARG I 51 41.28 30.32 -34.39
N LEU I 52 42.37 31.06 -34.17
CA LEU I 52 43.20 31.53 -35.27
C LEU I 52 44.66 31.13 -35.16
N ASN I 53 45.13 30.77 -33.97
CA ASN I 53 46.50 30.28 -33.75
C ASN I 53 47.56 31.33 -34.08
N TYR I 54 47.20 32.61 -34.06
CA TYR I 54 48.22 33.64 -34.23
C TYR I 54 49.15 33.71 -33.03
N ALA I 55 48.67 33.32 -31.85
CA ALA I 55 49.48 33.31 -30.64
C ALA I 55 49.36 31.97 -29.96
N LEU I 56 50.43 31.55 -29.29
CA LEU I 56 50.48 30.26 -28.65
C LEU I 56 50.29 30.32 -27.13
N ASN I 57 50.27 31.51 -26.55
CA ASN I 57 50.05 31.66 -25.12
C ASN I 57 49.59 33.08 -24.84
N GLY I 58 49.19 33.32 -23.60
CA GLY I 58 48.75 34.65 -23.19
C GLY I 58 49.83 35.70 -23.30
N ARG I 59 51.10 35.30 -23.22
CA ARG I 59 52.19 36.23 -23.42
C ARG I 59 52.17 36.82 -24.83
N GLU I 60 51.95 35.98 -25.83
CA GLU I 60 51.98 36.42 -27.22
C GLU I 60 50.70 37.10 -27.66
N VAL I 61 49.58 36.87 -26.96
CA VAL I 61 48.36 37.61 -27.27
C VAL I 61 48.53 39.08 -26.92
N THR I 62 49.23 39.36 -25.82
CA THR I 62 49.47 40.74 -25.44
C THR I 62 50.29 41.48 -26.49
N MET I 63 51.32 40.83 -27.03
CA MET I 63 52.17 41.48 -28.02
C MET I 63 51.38 41.83 -29.27
N ILE I 64 50.43 40.98 -29.66
CA ILE I 64 49.61 41.28 -30.84
C ILE I 64 48.67 42.44 -30.55
N VAL I 65 48.00 42.42 -29.40
CA VAL I 65 46.96 43.41 -29.13
C VAL I 65 47.55 44.74 -28.69
N LYS I 66 48.66 44.73 -27.94
CA LYS I 66 49.28 45.97 -27.51
C LYS I 66 50.08 46.64 -28.62
N ASN I 67 50.21 45.98 -29.78
CA ASN I 67 50.81 46.59 -30.96
C ASN I 67 49.82 47.44 -31.74
N ARG I 68 48.57 47.54 -31.27
CA ARG I 68 47.53 48.32 -31.94
C ARG I 68 47.26 47.78 -33.33
N THR I 69 46.85 46.51 -33.39
CA THR I 69 46.68 45.80 -34.65
C THR I 69 45.33 45.12 -34.81
N ILE I 70 44.40 45.29 -33.87
CA ILE I 70 43.11 44.61 -33.91
C ILE I 70 42.01 45.64 -33.75
N LYS I 71 41.01 45.58 -34.64
CA LYS I 71 39.90 46.52 -34.63
C LYS I 71 38.61 45.76 -34.38
N ILE I 72 37.95 46.05 -33.26
CA ILE I 72 36.60 45.57 -32.99
C ILE I 72 35.63 46.66 -33.40
N ASP I 73 34.67 46.32 -34.25
CA ASP I 73 33.79 47.29 -34.90
C ASP I 73 34.68 48.22 -35.72
N GLY I 74 34.53 49.53 -35.62
CA GLY I 74 35.43 50.43 -36.31
C GLY I 74 36.55 50.89 -35.39
N LYS I 75 36.31 50.80 -34.09
CA LYS I 75 37.29 51.22 -33.11
C LYS I 75 38.35 50.14 -32.92
N ILE I 76 39.45 50.52 -32.31
CA ILE I 76 40.58 49.64 -32.07
C ILE I 76 40.72 49.43 -30.58
N ARG I 77 40.69 48.17 -30.15
CA ARG I 77 40.69 47.80 -28.75
C ARG I 77 42.05 47.22 -28.36
N THR I 78 42.53 47.61 -27.19
CA THR I 78 43.80 47.12 -26.65
C THR I 78 43.61 46.28 -25.39
N ASP I 79 42.38 45.84 -25.13
CA ASP I 79 42.08 45.03 -23.95
C ASP I 79 42.12 43.55 -24.34
N THR I 80 43.02 42.81 -23.70
CA THR I 80 43.20 41.39 -24.03
C THR I 80 41.97 40.56 -23.74
N ARG I 81 41.12 41.01 -22.82
CA ARG I 81 39.92 40.28 -22.43
C ARG I 81 38.65 41.05 -22.80
N TYR I 82 38.71 41.75 -23.93
CA TYR I 82 37.53 42.47 -24.41
C TYR I 82 36.46 41.47 -24.81
N PRO I 83 35.22 41.63 -24.35
CA PRO I 83 34.15 40.67 -24.68
C PRO I 83 33.61 40.91 -26.07
N VAL I 84 33.91 39.99 -26.98
CA VAL I 84 33.36 40.00 -28.34
C VAL I 84 32.24 38.97 -28.37
N GLY I 85 31.02 39.42 -28.64
CA GLY I 85 29.88 38.54 -28.58
C GLY I 85 29.28 38.20 -29.93
N PHE I 86 28.16 38.83 -30.26
CA PHE I 86 27.45 38.55 -31.49
C PHE I 86 28.15 39.21 -32.67
N MET I 87 27.39 39.45 -33.75
CA MET I 87 27.91 39.70 -35.08
C MET I 87 28.79 40.94 -35.16
N ASP I 88 29.08 41.54 -34.01
CA ASP I 88 30.14 42.53 -33.87
C ASP I 88 31.33 42.12 -34.71
N VAL I 89 31.73 42.97 -35.66
CA VAL I 89 32.75 42.58 -36.62
C VAL I 89 34.13 42.62 -35.96
N LEU I 90 35.04 41.81 -36.50
CA LEU I 90 36.41 41.72 -36.01
C LEU I 90 37.33 41.88 -37.21
N SER I 91 38.10 42.96 -37.21
CA SER I 91 38.94 43.31 -38.35
C SER I 91 40.41 43.25 -37.96
N ILE I 92 41.21 42.58 -38.77
CA ILE I 92 42.65 42.55 -38.63
C ILE I 92 43.27 43.15 -39.89
N PRO I 93 43.61 44.45 -39.86
CA PRO I 93 44.09 45.10 -41.08
C PRO I 93 45.51 44.71 -41.47
N ARG I 94 46.32 44.21 -40.53
CA ARG I 94 47.67 43.78 -40.89
C ARG I 94 47.62 42.53 -41.76
N THR I 95 46.68 41.62 -41.50
CA THR I 95 46.49 40.43 -42.30
C THR I 95 45.42 40.62 -43.38
N LYS I 96 44.80 41.80 -43.45
CA LYS I 96 43.79 42.12 -44.46
C LYS I 96 42.67 41.07 -44.48
N GLU I 97 42.07 40.84 -43.32
CA GLU I 97 40.96 39.91 -43.20
C GLU I 97 39.96 40.42 -42.19
N ASN I 98 38.69 40.13 -42.43
CA ASN I 98 37.60 40.56 -41.58
C ASN I 98 36.70 39.38 -41.26
N PHE I 99 36.38 39.21 -39.98
CA PHE I 99 35.51 38.15 -39.51
C PHE I 99 34.30 38.74 -38.82
N ARG I 100 33.25 37.93 -38.73
CA ARG I 100 32.05 38.27 -37.96
C ARG I 100 31.75 37.13 -37.02
N LEU I 101 31.59 37.44 -35.73
CA LEU I 101 31.37 36.41 -34.73
C LEU I 101 29.91 35.98 -34.78
N MET I 102 29.65 34.88 -35.48
CA MET I 102 28.33 34.33 -35.67
C MET I 102 28.18 33.00 -34.93
N TYR I 103 26.94 32.62 -34.68
CA TYR I 103 26.64 31.33 -34.09
C TYR I 103 26.60 30.25 -35.16
N ASN I 104 26.46 29.02 -34.72
CA ASN I 104 26.23 27.89 -35.61
C ASN I 104 25.35 26.88 -34.91
N THR I 105 24.96 25.83 -35.63
CA THR I 105 24.00 24.87 -35.10
C THR I 105 24.54 24.08 -33.92
N LYS I 106 25.86 24.05 -33.73
CA LYS I 106 26.47 23.33 -32.62
C LYS I 106 26.62 24.19 -31.38
N ARG I 107 25.81 25.24 -31.24
CA ARG I 107 25.82 26.11 -30.06
C ARG I 107 27.22 26.66 -29.80
N ARG I 108 27.81 27.23 -30.84
CA ARG I 108 29.20 27.67 -30.79
C ARG I 108 29.35 29.00 -31.50
N PHE I 109 30.41 29.72 -31.15
CA PHE I 109 30.80 30.95 -31.82
C PHE I 109 31.75 30.59 -32.96
N CYS I 110 31.38 30.95 -34.18
CA CYS I 110 32.21 30.69 -35.36
C CYS I 110 32.48 31.99 -36.09
N LEU I 111 33.69 32.12 -36.62
CA LEU I 111 34.12 33.32 -37.33
C LEU I 111 33.75 33.18 -38.80
N VAL I 112 32.83 34.02 -39.26
CA VAL I 112 32.39 34.03 -40.66
C VAL I 112 33.23 35.06 -41.41
N PRO I 113 33.97 34.66 -42.44
CA PRO I 113 34.74 35.63 -43.21
C PRO I 113 33.83 36.63 -43.93
N LEU I 114 34.32 37.85 -44.05
CA LEU I 114 33.58 38.93 -44.69
C LEU I 114 34.47 39.66 -45.68
N THR I 115 33.83 40.32 -46.65
CA THR I 115 34.53 41.24 -47.52
C THR I 115 34.68 42.60 -46.84
N ALA I 116 35.55 43.43 -47.42
CA ALA I 116 35.81 44.74 -46.82
C ALA I 116 34.58 45.62 -46.88
N GLU I 117 33.79 45.52 -47.95
CA GLU I 117 32.62 46.39 -48.08
C GLU I 117 31.48 45.95 -47.17
N GLN I 118 31.40 44.67 -46.85
CA GLN I 118 30.38 44.16 -45.94
C GLN I 118 30.85 44.06 -44.50
N ALA I 119 32.11 44.39 -44.23
CA ALA I 119 32.61 44.53 -42.87
C ALA I 119 32.44 45.94 -42.34
N LYS I 120 31.80 46.82 -43.11
CA LYS I 120 31.53 48.20 -42.71
C LYS I 120 30.11 48.38 -42.18
N PHE I 121 29.41 47.29 -41.89
CA PHE I 121 28.04 47.39 -41.40
C PHE I 121 27.81 46.29 -40.38
N LYS I 122 26.76 46.48 -39.58
CA LYS I 122 26.48 45.59 -38.47
C LYS I 122 24.99 45.65 -38.16
N LEU I 123 24.44 44.54 -37.69
CA LEU I 123 23.04 44.45 -37.31
C LEU I 123 22.95 44.40 -35.78
N CYS I 124 22.13 45.27 -35.22
CA CYS I 124 21.91 45.33 -33.78
C CYS I 124 20.44 45.10 -33.47
N LYS I 125 20.18 44.35 -32.41
CA LYS I 125 18.82 44.07 -31.96
C LYS I 125 18.45 45.04 -30.87
N ILE I 126 17.38 45.81 -31.08
CA ILE I 126 16.88 46.70 -30.04
C ILE I 126 16.46 45.88 -28.84
N GLU I 127 16.73 46.41 -27.65
CA GLU I 127 16.32 45.77 -26.41
C GLU I 127 15.22 46.53 -25.68
N LYS I 128 15.30 47.86 -25.65
CA LYS I 128 14.24 48.66 -25.05
C LYS I 128 14.25 50.04 -25.68
N ARG I 129 13.10 50.69 -25.64
CA ARG I 129 12.96 52.08 -26.08
C ARG I 129 12.19 52.84 -25.01
N VAL I 130 12.84 53.83 -24.40
CA VAL I 130 12.26 54.61 -23.32
C VAL I 130 12.43 56.09 -23.61
N LEU I 131 11.65 56.90 -22.93
CA LEU I 131 11.74 58.35 -23.04
C LEU I 131 12.77 58.87 -22.04
N GLY I 132 13.84 59.45 -22.55
CA GLY I 132 14.85 60.04 -21.69
C GLY I 132 14.38 61.37 -21.12
N THR I 133 15.27 61.99 -20.37
CA THR I 133 14.96 63.27 -19.75
C THR I 133 14.88 64.35 -20.82
N GLY I 134 13.85 65.18 -20.75
CA GLY I 134 13.58 66.14 -21.79
C GLY I 134 12.78 65.60 -22.95
N ALA I 135 12.10 64.47 -22.77
CA ALA I 135 11.33 63.82 -23.83
C ALA I 135 12.21 63.49 -25.03
N ILE I 136 13.44 63.06 -24.75
CA ILE I 136 14.37 62.63 -25.79
C ILE I 136 14.35 61.09 -25.82
N PRO I 137 13.79 60.47 -26.86
CA PRO I 137 13.77 59.02 -26.91
C PRO I 137 15.10 58.45 -27.34
N TYR I 138 15.42 57.27 -26.81
CA TYR I 138 16.63 56.58 -27.18
C TYR I 138 16.39 55.08 -27.12
N ILE I 139 17.19 54.33 -27.87
CA ILE I 139 17.09 52.88 -27.94
C ILE I 139 18.36 52.27 -27.38
N VAL I 140 18.22 51.10 -26.78
CA VAL I 140 19.33 50.31 -26.28
C VAL I 140 19.38 49.02 -27.06
N THR I 141 20.53 48.74 -27.67
CA THR I 141 20.70 47.56 -28.50
C THR I 141 21.32 46.42 -27.70
N HIS I 142 21.21 45.21 -28.25
CA HIS I 142 21.80 44.04 -27.61
C HIS I 142 23.30 44.21 -27.44
N ASP I 143 23.94 44.96 -28.33
CA ASP I 143 25.36 45.27 -28.18
C ASP I 143 25.58 46.04 -26.89
N GLY I 144 24.69 46.98 -26.59
CA GLY I 144 24.83 47.81 -25.41
C GLY I 144 24.98 49.27 -25.78
N ARG I 145 24.87 49.57 -27.06
CA ARG I 145 24.93 50.94 -27.53
C ARG I 145 23.71 51.73 -27.10
N THR I 146 23.93 52.98 -26.73
CA THR I 146 22.86 53.95 -26.55
C THR I 146 22.83 54.85 -27.77
N ILE I 147 21.67 54.93 -28.42
CA ILE I 147 21.51 55.66 -29.66
C ILE I 147 20.51 56.77 -29.41
N ARG I 148 20.84 57.99 -29.84
CA ARG I 148 19.97 59.13 -29.64
C ARG I 148 18.82 59.06 -30.62
N TYR I 149 18.13 60.18 -30.83
CA TYR I 149 16.78 60.22 -31.38
C TYR I 149 16.59 59.24 -32.53
N PRO I 150 15.81 58.19 -32.32
CA PRO I 150 15.59 57.20 -33.37
C PRO I 150 14.30 57.43 -34.12
N HIS I 151 14.07 56.63 -35.16
CA HIS I 151 12.80 56.67 -35.85
C HIS I 151 11.67 56.21 -34.92
N PRO I 152 10.52 56.88 -34.94
CA PRO I 152 9.44 56.49 -34.02
C PRO I 152 8.94 55.06 -34.18
N GLU I 153 9.17 54.44 -35.34
CA GLU I 153 8.73 53.07 -35.53
C GLU I 153 9.68 52.04 -34.92
N LEU I 154 10.84 52.47 -34.44
CA LEU I 154 11.80 51.55 -33.85
C LEU I 154 11.31 51.12 -32.47
N GLN I 155 10.64 49.97 -32.41
CA GLN I 155 10.08 49.47 -31.17
C GLN I 155 11.08 48.56 -30.46
N ALA I 156 10.60 47.80 -29.47
CA ALA I 156 11.50 47.14 -28.54
C ALA I 156 12.24 45.97 -29.17
N ASN I 157 11.54 45.12 -29.93
CA ASN I 157 12.04 43.80 -30.29
C ASN I 157 12.53 43.70 -31.73
N ASP I 158 12.82 44.82 -32.37
CA ASP I 158 13.17 44.78 -33.79
C ASP I 158 14.68 44.67 -33.98
N THR I 159 15.13 44.84 -35.21
CA THR I 159 16.54 44.81 -35.56
C THR I 159 16.85 46.01 -36.46
N ILE I 160 18.05 46.56 -36.30
CA ILE I 160 18.49 47.71 -37.07
C ILE I 160 19.85 47.41 -37.68
N LYS I 161 20.15 48.10 -38.77
CA LYS I 161 21.44 48.01 -39.42
C LYS I 161 22.25 49.25 -39.11
N LEU I 162 23.49 49.06 -38.69
CA LEU I 162 24.36 50.14 -38.27
C LEU I 162 25.46 50.37 -39.31
N ASN I 163 25.80 51.64 -39.52
CA ASN I 163 26.94 52.02 -40.34
C ASN I 163 28.10 52.29 -39.39
N LEU I 164 29.07 51.38 -39.37
CA LEU I 164 30.09 51.41 -38.32
C LEU I 164 30.95 52.66 -38.37
N GLU I 165 31.28 53.14 -39.56
CA GLU I 165 32.18 54.27 -39.67
C GLU I 165 31.54 55.56 -39.19
N THR I 166 30.22 55.68 -39.31
CA THR I 166 29.50 56.89 -38.92
C THR I 166 28.57 56.71 -37.74
N GLY I 167 28.16 55.47 -37.43
CA GLY I 167 27.25 55.23 -36.34
C GLY I 167 25.78 55.48 -36.65
N LYS I 168 25.46 55.83 -37.89
CA LYS I 168 24.08 56.12 -38.26
C LYS I 168 23.28 54.83 -38.39
N ILE I 169 21.99 54.98 -38.65
CA ILE I 169 21.08 53.85 -38.86
C ILE I 169 20.78 53.77 -40.35
N VAL I 170 21.01 52.60 -40.93
CA VAL I 170 20.86 52.39 -42.36
C VAL I 170 19.52 51.73 -42.69
N ASP I 171 19.23 50.59 -42.05
CA ASP I 171 18.01 49.85 -42.36
C ASP I 171 17.52 49.22 -41.07
N PHE I 172 16.21 49.10 -40.96
CA PHE I 172 15.56 48.49 -39.80
C PHE I 172 14.56 47.45 -40.26
N VAL I 173 14.47 46.35 -39.52
CA VAL I 173 13.58 45.24 -39.86
C VAL I 173 12.61 45.04 -38.72
N LYS I 174 11.32 45.03 -39.05
CA LYS I 174 10.28 44.86 -38.04
C LYS I 174 10.26 43.41 -37.56
N PHE I 175 9.93 43.23 -36.29
CA PHE I 175 9.81 41.90 -35.70
C PHE I 175 8.38 41.41 -35.91
N ASP I 176 8.14 40.78 -37.05
CA ASP I 176 6.82 40.31 -37.46
C ASP I 176 6.84 38.80 -37.63
N ILE I 177 5.76 38.28 -38.21
CA ILE I 177 5.55 36.84 -38.31
C ILE I 177 5.91 36.31 -39.70
N GLY I 178 6.75 37.02 -40.44
CA GLY I 178 7.18 36.53 -41.73
C GLY I 178 8.63 36.82 -42.03
N ASN I 179 9.44 36.96 -40.98
CA ASN I 179 10.81 37.41 -41.11
C ASN I 179 11.78 36.37 -40.55
N THR I 180 12.97 36.33 -41.13
CA THR I 180 14.00 35.40 -40.70
C THR I 180 14.52 35.77 -39.32
N ALA I 181 14.96 34.76 -38.57
CA ALA I 181 15.50 34.97 -37.24
C ALA I 181 16.54 33.90 -36.94
N MET I 182 17.59 34.31 -36.22
CA MET I 182 18.63 33.40 -35.75
C MET I 182 18.60 33.36 -34.24
N MET I 183 18.47 32.16 -33.68
CA MET I 183 18.36 32.01 -32.24
C MET I 183 19.71 32.13 -31.56
N ILE I 184 19.69 32.67 -30.34
CA ILE I 184 20.91 32.99 -29.60
C ILE I 184 20.89 32.47 -28.17
N GLY I 185 19.85 31.73 -27.78
CA GLY I 185 19.64 31.41 -26.38
C GLY I 185 19.89 29.96 -26.00
N GLY I 186 18.82 29.17 -25.96
CA GLY I 186 18.90 27.81 -25.47
C GLY I 186 19.23 26.78 -26.52
N ASN I 187 18.35 25.78 -26.67
CA ASN I 187 18.63 24.66 -27.56
C ASN I 187 18.59 25.06 -29.03
N GLY I 188 18.03 26.21 -29.36
CA GLY I 188 17.99 26.69 -30.72
C GLY I 188 19.21 27.47 -31.14
N MET I 189 20.25 27.48 -30.32
CA MET I 189 21.44 28.30 -30.53
C MET I 189 22.02 28.09 -31.91
N GLY I 190 22.00 29.14 -32.73
CA GLY I 190 22.53 29.10 -34.08
C GLY I 190 21.56 28.68 -35.15
N ARG I 191 20.36 28.22 -34.78
CA ARG I 191 19.38 27.78 -35.76
C ARG I 191 18.73 28.97 -36.45
N VAL I 192 18.46 28.84 -37.74
CA VAL I 192 17.87 29.89 -38.55
C VAL I 192 16.58 29.37 -39.18
N GLY I 193 15.51 30.14 -39.04
CA GLY I 193 14.24 29.78 -39.65
C GLY I 193 13.38 30.98 -39.95
N VAL I 194 12.09 30.76 -40.15
CA VAL I 194 11.13 31.82 -40.44
C VAL I 194 10.02 31.77 -39.40
N ILE I 195 9.75 32.91 -38.76
CA ILE I 195 8.73 32.98 -37.72
C ILE I 195 7.37 32.68 -38.33
N VAL I 196 6.61 31.80 -37.68
CA VAL I 196 5.29 31.42 -38.17
C VAL I 196 4.20 31.62 -37.13
N LYS I 197 4.51 31.65 -35.84
CA LYS I 197 3.51 31.82 -34.80
C LYS I 197 4.15 32.49 -33.60
N ARG I 198 3.40 33.36 -32.94
CA ARG I 198 3.89 34.09 -31.77
C ARG I 198 2.77 34.12 -30.74
N GLU I 199 2.81 33.18 -29.80
CA GLU I 199 1.80 33.09 -28.76
C GLU I 199 2.31 33.75 -27.48
N VAL I 200 1.41 34.45 -26.79
CA VAL I 200 1.75 35.25 -25.63
C VAL I 200 1.01 34.72 -24.41
N HIS I 201 1.71 34.63 -23.30
CA HIS I 201 1.11 34.32 -22.01
C HIS I 201 1.08 35.58 -21.17
N PRO I 202 -0.04 35.89 -20.53
CA PRO I 202 -0.14 37.19 -19.84
C PRO I 202 0.89 37.39 -18.75
N GLY I 203 1.35 36.31 -18.11
CA GLY I 203 2.17 36.47 -16.94
C GLY I 203 3.68 36.36 -17.13
N SER I 204 4.14 35.35 -17.86
CA SER I 204 5.53 34.95 -17.79
C SER I 204 6.32 35.25 -19.05
N PHE I 205 5.93 34.73 -20.21
CA PHE I 205 6.82 34.76 -21.36
C PHE I 205 6.03 34.72 -22.66
N GLU I 206 6.71 35.12 -23.73
CA GLU I 206 6.23 34.95 -25.10
C GLU I 206 7.01 33.82 -25.73
N ILE I 207 6.31 32.83 -26.29
CA ILE I 207 6.92 31.67 -26.91
C ILE I 207 6.64 31.73 -28.40
N VAL I 208 7.70 31.60 -29.20
CA VAL I 208 7.63 31.81 -30.64
C VAL I 208 7.82 30.48 -31.34
N HIS I 209 6.91 30.15 -32.25
CA HIS I 209 7.03 29.00 -33.12
C HIS I 209 7.65 29.42 -34.43
N ILE I 210 8.70 28.72 -34.86
CA ILE I 210 9.48 29.08 -36.02
C ILE I 210 9.64 27.84 -36.89
N LYS I 211 9.53 28.03 -38.21
CA LYS I 211 9.64 26.93 -39.16
C LYS I 211 10.99 27.01 -39.87
N ASP I 212 11.74 25.91 -39.84
CA ASP I 212 13.04 25.84 -40.47
C ASP I 212 12.88 25.81 -41.99
N ALA I 213 13.95 26.15 -42.70
CA ALA I 213 13.90 26.20 -44.16
C ALA I 213 13.62 24.83 -44.76
N LYS I 214 14.05 23.75 -44.11
CA LYS I 214 13.81 22.39 -44.59
C LYS I 214 12.48 21.83 -44.10
N GLY I 215 11.60 22.67 -43.55
CA GLY I 215 10.31 22.24 -43.09
C GLY I 215 10.24 21.86 -41.63
N ASN I 216 11.38 21.74 -40.95
CA ASN I 216 11.37 21.43 -39.53
C ASN I 216 10.78 22.59 -38.74
N THR I 217 10.15 22.25 -37.62
CA THR I 217 9.55 23.26 -36.75
C THR I 217 10.02 23.04 -35.33
N PHE I 218 10.26 24.14 -34.62
CA PHE I 218 10.63 24.10 -33.22
C PHE I 218 10.18 25.40 -32.56
N THR I 219 10.46 25.52 -31.27
CA THR I 219 9.95 26.61 -30.47
C THR I 219 11.04 27.17 -29.59
N THR I 220 10.91 28.45 -29.24
CA THR I 220 11.90 29.13 -28.40
C THR I 220 11.21 30.28 -27.69
N ARG I 221 11.90 30.82 -26.69
CA ARG I 221 11.42 32.00 -26.00
C ARG I 221 11.74 33.25 -26.79
N LEU I 222 10.89 34.28 -26.62
CA LEU I 222 11.06 35.53 -27.35
C LEU I 222 12.40 36.18 -27.06
N ASN I 223 13.02 35.87 -25.92
CA ASN I 223 14.32 36.45 -25.59
C ASN I 223 15.38 36.01 -26.59
N ASN I 224 15.33 34.76 -27.03
CA ASN I 224 16.37 34.20 -27.89
C ASN I 224 16.21 34.56 -29.35
N VAL I 225 15.11 35.18 -29.74
CA VAL I 225 14.87 35.52 -31.15
C VAL I 225 15.68 36.75 -31.53
N PHE I 226 16.32 36.69 -32.69
CA PHE I 226 17.13 37.78 -33.21
C PHE I 226 16.87 37.86 -34.71
N VAL I 227 16.08 38.86 -35.13
CA VAL I 227 15.67 38.94 -36.52
C VAL I 227 16.86 39.26 -37.40
N ILE I 228 17.06 38.47 -38.45
CA ILE I 228 18.16 38.65 -39.38
C ILE I 228 17.72 39.42 -40.61
N GLY I 229 16.55 39.12 -41.15
CA GLY I 229 16.09 39.79 -42.36
C GLY I 229 14.59 39.66 -42.50
N LYS I 230 14.08 40.22 -43.59
CA LYS I 230 12.65 40.25 -43.86
C LYS I 230 12.31 39.36 -45.05
N GLY I 231 11.22 38.60 -44.91
CA GLY I 231 10.73 37.79 -46.01
C GLY I 231 11.68 36.72 -46.49
N THR I 232 12.25 35.96 -45.54
CA THR I 232 13.17 34.86 -45.78
C THR I 232 14.47 35.30 -46.44
N GLU I 233 14.74 36.60 -46.49
CA GLU I 233 15.93 37.13 -47.15
C GLU I 233 16.82 37.73 -46.06
N THR I 234 18.07 37.28 -46.01
CA THR I 234 18.99 37.64 -44.95
C THR I 234 19.84 38.84 -45.34
N LEU I 235 20.08 39.72 -44.37
CA LEU I 235 20.97 40.85 -44.56
C LEU I 235 22.42 40.52 -44.25
N VAL I 236 22.69 39.33 -43.71
CA VAL I 236 24.05 38.90 -43.38
C VAL I 236 24.27 37.50 -43.94
N ASN I 237 25.54 37.17 -44.15
CA ASN I 237 25.90 35.87 -44.71
C ASN I 237 25.98 34.85 -43.58
N LEU I 238 25.14 33.82 -43.67
CA LEU I 238 25.08 32.80 -42.64
C LEU I 238 26.31 31.89 -42.72
N PRO I 239 26.59 31.14 -41.65
CA PRO I 239 27.74 30.21 -41.68
C PRO I 239 27.56 29.08 -42.67
N LEU I 240 28.53 28.16 -42.70
CA LEU I 240 28.54 27.10 -43.71
C LEU I 240 27.27 26.26 -43.64
N ASP I 241 26.84 25.89 -42.43
CA ASP I 241 25.61 25.12 -42.27
C ASP I 241 24.36 25.90 -42.63
N LYS I 242 24.47 27.22 -42.77
CA LYS I 242 23.35 28.09 -43.16
C LYS I 242 22.16 27.95 -42.21
N GLY I 243 22.45 27.75 -40.92
CA GLY I 243 21.40 27.63 -39.93
C GLY I 243 20.50 26.43 -40.09
N ILE I 244 21.06 25.29 -40.49
CA ILE I 244 20.33 24.05 -40.67
C ILE I 244 20.97 22.98 -39.81
N LYS I 245 20.21 22.41 -38.88
CA LYS I 245 20.73 21.40 -37.98
C LYS I 245 20.45 20.02 -38.58
N LYS I 246 21.52 19.31 -38.92
CA LYS I 246 21.37 17.93 -39.38
C LYS I 246 20.96 17.05 -38.21
N PRO I 247 19.85 16.32 -38.30
CA PRO I 247 19.35 15.60 -37.13
C PRO I 247 20.18 14.38 -36.76
N LEU I 248 21.30 14.61 -36.08
CA LEU I 248 22.07 13.54 -35.42
C LEU I 248 22.68 12.56 -36.41
N LEU I 249 21.87 11.62 -36.90
CA LEU I 249 22.38 10.53 -37.72
C LEU I 249 23.22 11.03 -38.89
N GLN I 250 22.78 12.09 -39.56
CA GLN I 250 23.54 12.64 -40.66
C GLN I 250 24.89 13.19 -40.19
N GLN I 251 24.89 13.89 -39.05
CA GLN I 251 26.14 14.43 -38.53
C GLN I 251 27.12 13.33 -38.15
N VAL I 252 26.63 12.26 -37.52
CA VAL I 252 27.51 11.15 -37.17
C VAL I 252 28.02 10.45 -38.44
N ASN I 253 27.15 10.24 -39.41
CA ASN I 253 27.57 9.57 -40.64
C ASN I 253 28.55 10.43 -41.43
N GLU I 254 28.32 11.75 -41.49
CA GLU I 254 29.22 12.62 -42.22
C GLU I 254 30.57 12.77 -41.55
N THR I 255 30.65 12.56 -40.22
CA THR I 255 31.93 12.54 -39.55
C THR I 255 32.69 11.25 -39.80
N ILE I 256 31.97 10.14 -39.99
CA ILE I 256 32.62 8.88 -40.33
C ILE I 256 33.28 8.99 -41.70
N LYS I 257 32.58 9.59 -42.66
CA LYS I 257 33.10 9.75 -44.02
C LYS I 257 34.24 10.76 -44.07
N PHE J 45 75.43 83.47 29.68
CA PHE J 45 75.45 84.63 28.80
C PHE J 45 74.17 85.45 28.94
N LYS J 46 74.00 86.45 28.06
CA LYS J 46 72.91 87.40 28.21
C LYS J 46 71.54 86.71 28.11
N GLY J 47 71.39 85.79 27.17
CA GLY J 47 70.14 85.06 27.03
C GLY J 47 69.07 85.80 26.26
N TYR J 48 68.32 85.06 25.46
CA TYR J 48 67.15 85.56 24.73
C TYR J 48 65.92 84.81 25.22
N ILE J 49 64.78 85.08 24.57
CA ILE J 49 63.53 84.40 24.88
C ILE J 49 63.26 83.35 23.81
N LEU J 50 62.71 82.22 24.23
CA LEU J 50 62.46 81.08 23.36
C LEU J 50 61.09 80.51 23.67
N LYS J 51 60.58 79.69 22.75
CA LYS J 51 59.33 78.98 22.94
C LYS J 51 59.52 77.50 22.67
N ILE J 52 59.09 76.66 23.60
CA ILE J 52 59.25 75.23 23.46
C ILE J 52 58.40 74.73 22.29
N THR J 53 59.04 74.01 21.37
CA THR J 53 58.36 73.53 20.17
C THR J 53 58.40 72.01 20.01
N GLY J 54 59.04 71.30 20.91
CA GLY J 54 59.08 69.86 20.82
C GLY J 54 59.92 69.27 21.93
N GLY J 55 60.17 67.97 21.83
CA GLY J 55 60.98 67.29 22.81
C GLY J 55 60.67 65.81 22.83
N CYS J 56 61.55 65.07 23.51
CA CYS J 56 61.43 63.62 23.63
C CYS J 56 61.68 63.21 25.07
N ASP J 57 61.04 62.10 25.46
CA ASP J 57 61.21 61.57 26.80
C ASP J 57 62.56 60.87 26.92
N LYS J 58 62.86 60.42 28.14
CA LYS J 58 64.09 59.66 28.36
C LYS J 58 64.09 58.35 27.59
N ASP J 59 62.91 57.81 27.30
CA ASP J 59 62.77 56.56 26.57
C ASP J 59 62.54 56.77 25.08
N GLY J 60 62.59 58.01 24.61
CA GLY J 60 62.37 58.30 23.21
C GLY J 60 60.94 58.60 22.82
N PHE J 61 60.00 58.48 23.75
CA PHE J 61 58.61 58.78 23.43
C PHE J 61 58.43 60.29 23.27
N PRO J 62 57.87 60.75 22.17
CA PRO J 62 57.77 62.20 21.94
C PRO J 62 56.77 62.88 22.87
N MET J 63 56.65 64.20 22.73
CA MET J 63 55.71 64.99 23.51
C MET J 63 54.62 65.54 22.61
N MET J 64 53.37 65.29 22.99
CA MET J 64 52.24 65.81 22.24
C MET J 64 51.89 67.21 22.72
N THR J 65 51.65 68.11 21.76
CA THR J 65 51.36 69.50 22.11
C THR J 65 50.05 69.62 22.87
N GLY J 66 49.02 68.89 22.44
CA GLY J 66 47.73 69.00 23.09
C GLY J 66 47.71 68.45 24.51
N VAL J 67 48.41 67.34 24.73
CA VAL J 67 48.34 66.64 26.02
C VAL J 67 48.95 67.52 27.10
N ALA J 68 48.21 67.73 28.19
CA ALA J 68 48.56 68.67 29.24
C ALA J 68 48.83 67.97 30.58
N THR J 69 49.55 66.87 30.55
CA THR J 69 49.96 66.18 31.77
C THR J 69 51.49 66.10 31.83
N ASN J 70 51.98 65.53 32.91
CA ASN J 70 53.41 65.37 33.13
C ASN J 70 53.88 63.95 32.86
N ASN J 71 53.11 62.95 33.25
CA ASN J 71 53.49 61.56 33.06
C ASN J 71 53.25 61.14 31.61
N ARG J 72 53.36 59.86 31.33
CA ARG J 72 53.15 59.32 30.00
C ARG J 72 51.74 58.75 29.89
N VAL J 73 51.11 58.98 28.74
CA VAL J 73 49.76 58.50 28.47
C VAL J 73 49.77 57.74 27.15
N ARG J 74 48.77 56.86 27.00
CA ARG J 74 48.58 56.09 25.78
C ARG J 74 47.32 56.57 25.09
N LEU J 75 47.45 57.00 23.84
CA LEU J 75 46.36 57.58 23.08
C LEU J 75 46.20 56.82 21.77
N LEU J 76 45.02 56.98 21.16
CA LEU J 76 44.75 56.43 19.84
C LEU J 76 45.23 57.45 18.82
N LEU J 77 46.35 57.14 18.16
CA LEU J 77 47.06 58.11 17.33
C LEU J 77 46.83 57.85 15.85
N ASP J 78 46.65 58.93 15.11
CA ASP J 78 46.65 58.93 13.66
C ASP J 78 47.88 59.71 13.18
N GLY J 79 47.97 59.91 11.87
CA GLY J 79 49.02 60.75 11.34
C GLY J 79 48.73 62.23 11.42
N ARG J 80 47.58 62.61 11.95
CA ARG J 80 47.18 64.01 11.96
C ARG J 80 48.05 64.82 12.90
N ASN J 81 48.23 64.34 14.13
CA ASN J 81 49.02 65.07 15.12
C ASN J 81 50.50 64.72 15.07
N GLY J 82 50.90 63.78 14.23
CA GLY J 82 52.30 63.56 13.95
C GLY J 82 52.95 62.39 14.65
N CYS J 83 52.62 62.18 15.93
CA CYS J 83 53.37 61.25 16.76
C CYS J 83 53.26 59.79 16.32
N TYR J 84 52.58 59.52 15.20
CA TYR J 84 52.47 58.17 14.69
C TYR J 84 52.36 58.22 13.18
N LYS J 85 53.26 57.53 12.48
CA LYS J 85 53.24 57.49 11.03
C LYS J 85 52.54 56.22 10.57
N PRO J 86 51.37 56.32 9.95
CA PRO J 86 50.63 55.11 9.58
C PRO J 86 51.24 54.39 8.40
N LEU J 87 50.99 53.09 8.32
CA LEU J 87 51.42 52.29 7.18
C LEU J 87 50.31 52.18 6.14
N ARG J 88 49.16 51.67 6.53
CA ARG J 88 48.00 51.63 5.65
C ARG J 88 47.32 53.01 5.65
N ASN J 89 46.20 53.11 4.96
CA ASN J 89 45.41 54.34 4.93
C ASN J 89 44.24 54.18 5.88
N GLY J 90 44.00 55.19 6.71
CA GLY J 90 42.97 55.09 7.72
C GLY J 90 43.27 54.05 8.78
N GLU J 91 44.55 53.90 9.14
CA GLU J 91 44.98 52.93 10.15
C GLU J 91 45.44 53.68 11.38
N ARG J 92 44.81 53.41 12.51
CA ARG J 92 45.16 54.03 13.78
C ARG J 92 45.79 53.01 14.70
N ARG J 93 46.54 53.49 15.69
CA ARG J 93 47.19 52.62 16.64
C ARG J 93 47.27 53.32 18.00
N ARG J 94 47.14 52.54 19.06
CA ARG J 94 47.23 53.05 20.42
C ARG J 94 48.69 53.09 20.81
N LYS J 95 49.28 54.28 20.79
CA LYS J 95 50.69 54.48 21.09
C LYS J 95 50.84 55.26 22.39
N THR J 96 52.07 55.26 22.91
CA THR J 96 52.39 55.97 24.15
C THR J 96 53.16 57.24 23.83
N VAL J 97 52.83 58.31 24.55
CA VAL J 97 53.40 59.64 24.31
C VAL J 97 53.66 60.31 25.65
N ARG J 98 54.22 61.52 25.59
CA ARG J 98 54.49 62.32 26.77
C ARG J 98 53.68 63.61 26.70
N GLY J 99 53.37 64.17 27.86
CA GLY J 99 52.62 65.40 27.91
C GLY J 99 53.45 66.59 27.47
N ALA J 100 52.78 67.74 27.35
CA ALA J 100 53.44 68.97 26.94
C ALA J 100 54.12 69.68 28.10
N ILE J 101 54.01 69.16 29.32
CA ILE J 101 54.65 69.77 30.48
C ILE J 101 56.05 69.21 30.63
N VAL J 102 57.03 70.10 30.74
CA VAL J 102 58.43 69.70 30.88
C VAL J 102 58.68 69.21 32.30
N ALA J 103 59.57 68.22 32.42
CA ALA J 103 59.94 67.68 33.73
C ALA J 103 61.36 67.13 33.62
N GLY J 104 61.83 66.58 34.73
CA GLY J 104 63.20 66.07 34.79
C GLY J 104 63.45 64.84 33.94
N ASP J 105 62.38 64.11 33.59
CA ASP J 105 62.54 62.91 32.78
C ASP J 105 62.91 63.22 31.33
N ILE J 106 62.74 64.46 30.89
CA ILE J 106 63.02 64.81 29.50
C ILE J 106 64.51 64.68 29.23
N SER J 107 64.83 64.11 28.07
CA SER J 107 66.22 63.94 27.64
C SER J 107 66.67 65.02 26.66
N VAL J 108 65.85 65.38 25.69
CA VAL J 108 66.17 66.40 24.71
C VAL J 108 64.94 67.28 24.50
N LEU J 109 65.17 68.59 24.37
CA LEU J 109 64.10 69.56 24.18
C LEU J 109 64.46 70.46 23.01
N ASN J 110 63.70 70.37 21.93
CA ASN J 110 63.82 71.29 20.80
C ASN J 110 62.99 72.52 21.14
N THR J 111 63.66 73.63 21.45
CA THR J 111 62.99 74.71 22.15
C THR J 111 63.34 76.12 21.68
N ILE J 112 63.63 75.89 20.40
CA ILE J 112 64.05 76.94 19.58
C ILE J 112 63.38 78.16 18.96
N VAL J 113 64.23 79.10 18.49
CA VAL J 113 63.72 80.42 18.16
C VAL J 113 64.00 81.90 18.06
N LYS J 116 68.25 75.52 18.17
CA LYS J 116 68.84 74.82 19.32
C LYS J 116 68.91 73.30 19.35
N GLY J 117 68.00 72.46 19.87
CA GLY J 117 68.36 71.05 19.75
C GLY J 117 69.14 70.58 20.98
N GLU J 118 69.15 71.46 22.01
CA GLU J 118 69.86 71.15 23.26
C GLU J 118 69.24 69.93 23.95
N GLY J 119 70.05 69.09 24.53
CA GLY J 119 69.58 67.96 25.16
C GLY J 119 69.16 68.70 26.22
N GLU J 120 69.51 68.22 27.36
CA GLU J 120 69.13 69.02 28.49
C GLU J 120 70.23 69.81 29.42
N ILE J 121 71.53 70.16 29.06
CA ILE J 121 72.46 70.97 29.89
C ILE J 121 73.17 71.37 28.80
N GLU J 122 73.52 70.41 28.01
CA GLU J 122 74.20 70.66 26.80
C GLU J 122 73.56 71.60 25.82
N GLY J 123 73.48 71.25 24.58
CA GLY J 123 72.81 72.08 23.66
C GLY J 123 73.19 71.45 22.45
N VAL J 124 72.96 72.13 21.42
CA VAL J 124 73.30 71.63 20.11
C VAL J 124 72.68 72.60 19.25
N THR J 125 72.91 72.57 17.99
CA THR J 125 72.43 73.68 17.22
C THR J 125 72.21 73.73 15.78
N ASN J 126 71.12 74.27 15.33
CA ASN J 126 70.78 74.29 13.97
C ASN J 126 70.74 75.64 13.34
N ASP J 127 71.52 75.93 12.33
CA ASP J 127 71.67 77.27 11.81
C ASP J 127 70.83 77.99 10.72
N MET J 131 69.84 77.54 0.85
CA MET J 131 68.45 77.70 0.18
C MET J 131 68.00 76.44 -0.53
N ARG J 132 68.63 75.27 -0.27
CA ARG J 132 68.37 74.01 -0.94
C ARG J 132 67.21 74.22 -1.72
N ALA J 133 67.44 74.52 -2.95
CA ALA J 133 66.40 74.66 -3.81
C ALA J 133 65.50 75.70 -3.52
N GLY J 134 65.23 76.43 -4.51
CA GLY J 134 64.44 77.58 -4.31
C GLY J 134 63.18 77.60 -4.94
N PRO J 135 62.62 78.77 -4.77
CA PRO J 135 61.30 78.49 -5.31
C PRO J 135 61.34 78.14 -6.79
N LYS J 136 60.21 77.61 -7.27
CA LYS J 136 60.06 77.08 -8.61
C LYS J 136 59.03 77.82 -9.44
N ARG J 137 57.90 78.19 -8.85
CA ARG J 137 56.87 78.92 -9.59
C ARG J 137 57.36 80.31 -9.97
N ALA J 138 56.99 80.76 -11.18
CA ALA J 138 57.37 82.09 -11.63
C ALA J 138 56.77 83.17 -10.75
N SER J 139 55.53 82.97 -10.30
CA SER J 139 54.91 83.95 -9.40
C SER J 139 55.72 84.13 -8.13
N HIS J 140 56.42 83.07 -7.69
CA HIS J 140 57.30 83.20 -6.54
C HIS J 140 58.55 84.00 -6.88
N ILE J 141 59.03 83.89 -8.12
CA ILE J 141 60.21 84.64 -8.53
C ILE J 141 59.94 86.15 -8.48
N ARG J 142 58.75 86.55 -8.94
CA ARG J 142 58.40 87.97 -8.90
C ARG J 142 58.35 88.49 -7.47
N LYS J 143 57.90 87.65 -6.53
CA LYS J 143 57.80 88.08 -5.15
C LYS J 143 59.17 88.34 -4.53
N LEU J 144 60.14 87.46 -4.78
CA LEU J 144 61.41 87.54 -4.06
C LEU J 144 62.33 88.65 -4.57
N PHE J 145 62.35 88.91 -5.88
CA PHE J 145 63.32 89.84 -6.45
C PHE J 145 62.69 91.18 -6.82
N ASN J 146 61.50 91.48 -6.28
CA ASN J 146 60.79 92.73 -6.54
C ASN J 146 60.55 92.91 -8.04
N LEU J 147 59.90 91.92 -8.63
CA LEU J 147 59.63 91.88 -10.05
C LEU J 147 58.12 92.02 -10.29
N SER J 148 57.77 92.84 -11.28
CA SER J 148 56.37 93.09 -11.61
C SER J 148 55.83 91.91 -12.42
N GLN J 149 54.61 92.07 -12.93
CA GLN J 149 53.98 91.00 -13.70
C GLN J 149 54.52 90.90 -15.12
N LYS J 150 54.90 92.03 -15.71
CA LYS J 150 55.26 92.05 -17.13
C LYS J 150 56.73 91.76 -17.38
N ASP J 151 57.62 92.14 -16.45
CA ASP J 151 59.05 91.97 -16.68
C ASP J 151 59.42 90.49 -16.69
N ASP J 152 60.40 90.15 -17.53
CA ASP J 152 60.87 88.78 -17.62
C ASP J 152 61.60 88.38 -16.34
N VAL J 153 61.41 87.12 -15.95
CA VAL J 153 62.03 86.61 -14.72
C VAL J 153 63.08 85.54 -14.99
N LYS J 154 63.23 85.08 -16.24
CA LYS J 154 64.28 84.12 -16.54
C LYS J 154 65.66 84.70 -16.28
N LYS J 155 65.82 86.02 -16.44
CA LYS J 155 67.07 86.68 -16.11
C LYS J 155 67.37 86.62 -14.61
N PHE J 156 66.35 86.41 -13.78
CA PHE J 156 66.49 86.44 -12.33
C PHE J 156 66.13 85.10 -11.70
N VAL J 157 66.28 84.00 -12.44
CA VAL J 157 66.10 82.67 -11.88
C VAL J 157 67.37 82.25 -11.17
N ILE J 158 67.21 81.70 -9.96
CA ILE J 158 68.35 81.28 -9.15
C ILE J 158 69.06 80.14 -9.88
N ARG J 159 70.28 80.40 -10.33
CA ARG J 159 71.09 79.42 -11.06
C ARG J 159 72.20 78.90 -10.15
N ARG J 160 72.30 77.57 -10.06
CA ARG J 160 73.36 76.94 -9.29
C ARG J 160 74.30 76.21 -10.23
N GLU J 161 75.60 76.37 -10.00
CA GLU J 161 76.62 75.77 -10.83
C GLU J 161 76.87 74.33 -10.40
N VAL J 162 77.55 73.59 -11.27
CA VAL J 162 78.02 72.24 -10.97
C VAL J 162 79.53 72.22 -11.12
N ALA J 163 80.23 71.80 -10.06
CA ALA J 163 81.69 71.77 -10.03
C ALA J 163 82.13 70.33 -9.79
N LYS J 164 82.41 69.61 -10.89
CA LYS J 164 82.82 68.22 -10.81
C LYS J 164 83.54 67.87 -12.10
N LYS J 165 84.17 66.70 -12.11
CA LYS J 165 84.93 66.23 -13.26
C LYS J 165 84.07 66.14 -14.52
N LYS J 174 81.20 73.07 -15.66
CA LYS J 174 80.17 72.39 -16.45
C LYS J 174 78.79 72.55 -15.81
N ARG J 175 77.83 73.01 -16.63
CA ARG J 175 76.42 73.15 -16.24
C ARG J 175 76.19 74.26 -15.23
N SER J 176 75.15 75.05 -15.45
CA SER J 176 74.67 76.03 -14.49
C SER J 176 73.18 75.76 -14.32
N LYS J 177 72.82 75.03 -13.27
CA LYS J 177 71.50 74.44 -13.14
C LYS J 177 70.51 75.37 -12.45
N ALA J 178 69.24 75.19 -12.79
CA ALA J 178 68.13 75.91 -12.17
C ALA J 178 66.88 75.05 -12.31
N PRO J 179 65.87 75.27 -11.46
CA PRO J 179 64.67 74.43 -11.50
C PRO J 179 63.96 74.53 -12.85
N LYS J 180 63.02 73.62 -13.04
CA LYS J 180 62.09 73.73 -14.15
C LYS J 180 61.06 74.81 -13.83
N ILE J 181 60.84 75.74 -14.75
CA ILE J 181 59.98 76.87 -14.45
C ILE J 181 58.52 76.43 -14.52
N GLN J 182 57.65 77.27 -13.98
CA GLN J 182 56.22 77.03 -14.01
C GLN J 182 55.51 78.37 -14.15
N ARG J 183 54.50 78.39 -15.05
CA ARG J 183 53.51 79.48 -15.09
C ARG J 183 54.17 80.78 -15.57
N LEU J 184 54.51 80.78 -16.87
CA LEU J 184 55.17 81.94 -17.48
C LEU J 184 54.37 82.46 -18.68
N VAL J 185 55.05 82.84 -19.77
CA VAL J 185 54.40 83.44 -20.94
C VAL J 185 54.88 82.88 -22.29
N THR J 186 55.39 81.64 -22.29
CA THR J 186 55.92 81.08 -23.52
C THR J 186 54.83 80.99 -24.57
N PRO J 187 55.14 81.19 -25.86
CA PRO J 187 54.12 81.01 -26.90
C PRO J 187 53.40 79.67 -26.79
N ARG J 188 54.12 78.60 -26.47
CA ARG J 188 53.47 77.31 -26.25
C ARG J 188 53.02 77.12 -24.80
N ARG J 189 53.31 78.06 -23.89
CA ARG J 189 52.57 78.06 -22.63
C ARG J 189 51.09 77.90 -22.93
N LEU J 190 50.61 78.60 -23.97
CA LEU J 190 49.37 78.19 -24.60
C LEU J 190 49.64 76.89 -25.35
N GLN J 191 49.98 75.85 -24.58
CA GLN J 191 49.78 74.44 -24.86
C GLN J 191 48.68 74.14 -23.86
N HIS J 192 48.76 75.09 -22.98
CA HIS J 192 47.79 75.10 -22.05
C HIS J 192 46.78 75.49 -23.01
N LYS J 193 47.15 75.81 -24.20
CA LYS J 193 46.18 76.31 -25.07
C LYS J 193 46.83 76.06 -26.22
N ALA J 194 47.51 74.97 -26.23
CA ALA J 194 48.28 74.70 -27.37
C ALA J 194 47.17 74.77 -28.12
N GLN J 195 46.32 73.99 -27.69
CA GLN J 195 45.16 74.08 -28.25
C GLN J 195 44.68 73.76 -26.94
N LYS J 196 45.06 72.62 -26.34
CA LYS J 196 44.54 72.05 -25.19
C LYS J 196 43.39 72.81 -24.78
N LEU J 197 43.47 74.06 -24.56
CA LEU J 197 42.32 74.77 -24.30
C LEU J 197 41.66 74.65 -25.53
N GLU J 198 42.19 75.29 -26.50
CA GLU J 198 41.58 75.30 -27.72
C GLU J 198 41.32 73.93 -28.06
N ALA J 199 40.07 73.59 -28.07
CA ALA J 199 39.60 72.33 -28.31
C ALA J 199 38.52 72.43 -27.27
N LYS J 200 37.74 73.47 -27.38
CA LYS J 200 36.55 73.61 -26.63
C LYS J 200 35.86 73.50 -27.91
N LYS J 201 36.48 73.68 -29.06
CA LYS J 201 35.81 73.43 -30.26
C LYS J 201 34.98 72.28 -30.23
N LEU J 202 35.52 71.07 -30.35
CA LEU J 202 34.62 69.92 -30.25
C LEU J 202 33.39 70.29 -29.44
N HIS J 203 33.58 70.60 -28.16
CA HIS J 203 32.50 71.09 -27.30
C HIS J 203 31.73 72.23 -27.97
N LYS J 204 32.46 73.20 -28.51
CA LYS J 204 31.92 74.44 -29.06
C LYS J 204 31.26 74.14 -30.40
N ILE J 205 30.03 73.63 -30.33
CA ILE J 205 29.13 73.59 -31.46
C ILE J 205 29.58 72.58 -32.51
N ALA J 206 30.88 72.31 -32.60
CA ALA J 206 31.32 71.16 -33.37
C ALA J 206 30.56 69.94 -32.90
N MET J 207 30.38 69.82 -31.59
CA MET J 207 29.44 68.91 -30.97
C MET J 207 28.08 69.58 -30.74
N LEU J 208 28.04 70.72 -30.04
CA LEU J 208 26.78 71.32 -29.59
C LEU J 208 25.76 71.53 -30.70
N LYS J 209 26.19 71.95 -31.90
CA LYS J 209 25.22 72.14 -32.99
C LYS J 209 24.61 70.82 -33.43
N GLU J 210 25.38 69.74 -33.43
CA GLU J 210 24.80 68.40 -33.55
C GLU J 210 23.61 68.28 -32.62
N ALA J 211 23.77 68.67 -31.37
CA ALA J 211 22.70 68.54 -30.38
C ALA J 211 21.53 69.45 -30.73
N LYS J 212 21.72 70.32 -31.71
CA LYS J 212 20.60 71.02 -32.34
C LYS J 212 20.35 70.54 -33.76
N ARG J 213 21.35 69.95 -34.41
CA ARG J 213 21.08 69.18 -35.62
C ARG J 213 20.19 68.00 -35.25
N TYR J 214 20.72 67.09 -34.43
CA TYR J 214 20.02 65.90 -33.95
C TYR J 214 18.60 66.20 -33.49
N ALA J 215 18.47 67.09 -32.52
CA ALA J 215 17.16 67.51 -32.00
C ALA J 215 16.20 67.84 -33.13
N ALA J 216 16.61 68.68 -34.07
CA ALA J 216 15.66 69.35 -34.95
C ALA J 216 14.98 68.36 -35.87
N ILE J 217 15.78 67.63 -36.64
CA ILE J 217 15.26 66.63 -37.57
C ILE J 217 14.44 65.56 -36.87
N LEU J 218 14.65 65.36 -35.56
CA LEU J 218 13.78 64.46 -34.81
C LEU J 218 12.35 64.97 -34.80
N ASN J 219 12.14 66.23 -34.40
CA ASN J 219 10.79 66.76 -34.37
C ASN J 219 10.12 66.74 -35.73
N ARG J 220 10.87 66.48 -36.81
CA ARG J 220 10.24 66.30 -38.11
C ARG J 220 9.48 64.98 -38.19
N TYR J 221 10.17 63.86 -38.04
CA TYR J 221 9.42 62.62 -38.18
C TYR J 221 8.61 62.27 -36.93
N LYS J 222 8.74 63.04 -35.85
CA LYS J 222 7.70 63.01 -34.83
C LYS J 222 6.45 63.75 -35.23
N VAL J 223 6.47 64.59 -36.27
CA VAL J 223 5.27 65.38 -36.55
C VAL J 223 4.47 64.77 -37.72
N LEU J 224 5.11 63.95 -38.56
CA LEU J 224 4.35 63.22 -39.56
C LEU J 224 3.20 62.45 -38.91
N LYS J 225 3.52 61.46 -38.06
CA LYS J 225 2.61 60.77 -37.15
C LYS J 225 1.24 60.58 -37.82
N ALA J 226 1.26 60.05 -39.03
CA ALA J 226 0.03 59.90 -39.79
C ALA J 226 -0.11 58.49 -40.33
N LYS K 100 -40.17 14.56 -28.88
CA LYS K 100 -38.88 15.10 -29.30
C LYS K 100 -37.97 15.36 -28.12
N ARG K 101 -36.73 14.90 -28.21
CA ARG K 101 -35.74 15.08 -27.15
C ARG K 101 -34.41 15.43 -27.77
N VAL K 102 -33.56 16.08 -26.98
CA VAL K 102 -32.27 16.58 -27.45
C VAL K 102 -31.17 15.97 -26.60
N VAL K 103 -30.13 15.45 -27.26
CA VAL K 103 -28.94 14.94 -26.59
C VAL K 103 -27.89 16.04 -26.60
N ALA K 104 -27.51 16.49 -25.41
CA ALA K 104 -26.62 17.63 -25.29
C ALA K 104 -25.16 17.21 -25.39
N HIS K 105 -24.31 18.20 -25.68
CA HIS K 105 -22.87 17.97 -25.70
C HIS K 105 -22.31 18.06 -24.28
N THR K 106 -21.19 17.50 -24.04
CA THR K 106 -20.70 17.46 -22.67
C THR K 106 -19.49 18.32 -22.50
N LYS K 107 -18.90 18.35 -21.34
CA LYS K 107 -17.75 19.19 -21.28
C LYS K 107 -16.48 18.47 -21.39
N LYS K 108 -16.40 17.25 -20.97
CA LYS K 108 -15.19 16.51 -20.90
C LYS K 108 -14.34 17.17 -19.81
N VAL K 109 -13.08 16.80 -19.53
CA VAL K 109 -12.32 17.55 -18.46
C VAL K 109 -11.41 18.69 -18.92
N GLY K 110 -10.62 18.45 -19.91
CA GLY K 110 -9.74 19.47 -20.28
C GLY K 110 -10.64 20.44 -20.86
N GLN K 111 -11.67 19.95 -21.51
CA GLN K 111 -12.69 20.83 -22.05
C GLN K 111 -12.07 21.84 -22.79
N SER K 112 -12.54 23.08 -22.59
CA SER K 112 -12.06 24.26 -23.23
C SER K 112 -13.35 24.64 -23.78
N GLY K 113 -13.92 25.72 -23.37
CA GLY K 113 -15.25 25.96 -23.84
C GLY K 113 -16.39 26.30 -22.88
N LYS K 114 -17.30 25.37 -22.70
CA LYS K 114 -18.43 25.71 -21.95
C LYS K 114 -19.32 24.52 -21.70
N THR K 115 -20.53 24.70 -21.13
CA THR K 115 -21.46 23.66 -20.86
C THR K 115 -22.57 23.77 -21.73
N ASP K 116 -23.36 22.73 -21.86
CA ASP K 116 -24.57 22.88 -22.65
C ASP K 116 -25.86 22.63 -21.85
N TYR K 117 -25.76 22.59 -20.57
CA TYR K 117 -26.90 22.50 -19.74
C TYR K 117 -27.37 21.21 -19.80
N LYS K 118 -26.62 20.25 -19.38
CA LYS K 118 -27.22 19.03 -19.38
C LYS K 118 -27.76 18.69 -18.20
N PRO K 119 -29.00 18.54 -18.20
CA PRO K 119 -29.36 18.03 -17.03
C PRO K 119 -29.08 16.61 -17.31
N ARG K 120 -29.86 15.64 -16.91
CA ARG K 120 -29.74 14.19 -16.93
C ARG K 120 -30.77 13.60 -17.87
N SER K 121 -31.92 14.27 -18.00
CA SER K 121 -32.91 13.89 -19.00
C SER K 121 -32.43 14.16 -20.42
N ARG K 122 -31.33 14.91 -20.57
CA ARG K 122 -30.76 15.22 -21.87
C ARG K 122 -29.53 14.39 -22.18
N THR K 123 -29.34 13.28 -21.47
CA THR K 123 -28.22 12.39 -21.74
C THR K 123 -28.59 11.36 -22.80
N SER K 124 -27.58 10.84 -23.49
CA SER K 124 -27.82 9.86 -24.53
C SER K 124 -28.47 8.60 -23.96
N LYS K 125 -28.06 8.20 -22.76
CA LYS K 125 -28.67 7.04 -22.12
C LYS K 125 -30.15 7.27 -21.84
N ALA K 126 -30.48 8.40 -21.21
CA ALA K 126 -31.87 8.67 -20.85
C ALA K 126 -32.73 8.86 -22.08
N VAL K 127 -32.24 9.57 -23.10
CA VAL K 127 -33.04 9.85 -24.29
C VAL K 127 -33.38 8.55 -25.01
N HIS K 128 -32.37 7.69 -25.22
CA HIS K 128 -32.61 6.44 -25.93
C HIS K 128 -33.55 5.53 -25.13
N GLU K 129 -33.38 5.49 -23.81
CA GLU K 129 -34.31 4.74 -22.98
C GLU K 129 -35.71 5.34 -23.02
N ALA K 130 -35.80 6.68 -23.00
CA ALA K 130 -37.09 7.33 -23.10
C ALA K 130 -37.73 7.06 -24.45
N TYR K 131 -36.96 7.15 -25.54
CA TYR K 131 -37.49 6.81 -26.84
C TYR K 131 -37.90 5.35 -26.91
N LEU K 132 -37.07 4.45 -26.37
CA LEU K 132 -37.38 3.03 -26.44
C LEU K 132 -38.67 2.70 -25.70
N ASN K 133 -38.87 3.28 -24.53
CA ASN K 133 -40.09 3.02 -23.78
C ASN K 133 -41.30 3.64 -24.47
N GLU K 134 -41.17 4.90 -24.91
CA GLU K 134 -42.28 5.58 -25.58
C GLU K 134 -42.60 4.92 -26.91
N MET K 135 -41.59 4.49 -27.66
CA MET K 135 -41.83 3.86 -28.95
C MET K 135 -42.59 2.54 -28.79
N LEU K 136 -42.24 1.76 -27.76
CA LEU K 136 -42.84 0.44 -27.59
C LEU K 136 -44.26 0.49 -27.06
N TYR K 137 -44.56 1.60 -26.42
CA TYR K 137 -45.79 1.75 -25.63
C TYR K 137 -46.68 0.68 -25.26
N PRO K 138 -47.44 0.27 -26.19
CA PRO K 138 -48.27 -0.73 -25.56
C PRO K 138 -47.38 -1.80 -25.10
N VAL K 139 -46.35 -2.06 -25.86
CA VAL K 139 -45.58 -3.16 -25.56
C VAL K 139 -44.72 -2.72 -24.48
N GLU K 140 -44.34 -3.62 -23.66
CA GLU K 140 -43.38 -3.24 -22.64
C GLU K 140 -42.15 -4.12 -22.70
N VAL K 141 -41.00 -3.51 -22.45
CA VAL K 141 -39.71 -4.19 -22.43
C VAL K 141 -39.45 -4.72 -21.03
N ALA K 142 -39.12 -6.01 -20.92
CA ALA K 142 -38.81 -6.62 -19.65
C ALA K 142 -37.45 -7.29 -19.62
N GLY K 143 -36.66 -7.19 -20.68
CA GLY K 143 -35.31 -7.72 -20.68
C GLY K 143 -34.43 -6.91 -21.61
N GLN K 144 -33.13 -7.02 -21.39
CA GLN K 144 -32.17 -6.29 -22.21
C GLN K 144 -30.81 -6.97 -22.08
N ARG K 145 -30.30 -7.49 -23.19
CA ARG K 145 -29.04 -8.22 -23.19
C ARG K 145 -28.15 -7.72 -24.32
N VAL K 146 -26.88 -7.51 -24.02
CA VAL K 146 -25.88 -7.07 -25.00
C VAL K 146 -24.86 -8.19 -25.16
N HIS K 147 -24.62 -8.58 -26.41
CA HIS K 147 -23.71 -9.67 -26.73
C HIS K 147 -22.50 -9.12 -27.47
N ALA K 148 -21.31 -9.29 -26.89
CA ALA K 148 -20.07 -8.80 -27.46
C ALA K 148 -19.27 -9.97 -28.02
N THR K 149 -18.84 -9.85 -29.26
CA THR K 149 -18.10 -10.91 -29.94
C THR K 149 -17.06 -10.26 -30.85
N LEU K 150 -16.14 -11.09 -31.33
CA LEU K 150 -15.10 -10.63 -32.26
C LEU K 150 -15.62 -10.69 -33.69
N VAL K 151 -15.58 -9.56 -34.39
CA VAL K 151 -15.85 -9.49 -35.81
C VAL K 151 -14.68 -8.76 -36.47
N HIS K 152 -13.88 -9.49 -37.24
CA HIS K 152 -12.73 -8.95 -37.95
C HIS K 152 -11.84 -8.13 -37.01
N LYS K 153 -11.38 -8.80 -35.95
CA LYS K 153 -10.46 -8.24 -34.96
C LYS K 153 -11.08 -7.06 -34.20
N LYS K 154 -12.36 -6.78 -34.44
CA LYS K 154 -13.09 -5.72 -33.76
C LYS K 154 -14.21 -6.32 -32.93
N VAL K 155 -14.54 -5.64 -31.83
CA VAL K 155 -15.61 -6.08 -30.93
C VAL K 155 -16.94 -5.54 -31.45
N ALA K 156 -17.97 -6.36 -31.37
CA ALA K 156 -19.30 -6.00 -31.85
C ALA K 156 -20.30 -6.18 -30.71
N ASN K 157 -20.80 -5.07 -30.18
CA ASN K 157 -21.76 -5.09 -29.09
C ASN K 157 -23.15 -5.17 -29.69
N SER K 158 -23.69 -6.39 -29.79
CA SER K 158 -24.99 -6.63 -30.39
C SER K 158 -26.06 -6.52 -29.30
N LYS K 159 -26.61 -5.32 -29.16
CA LYS K 159 -27.68 -5.11 -28.19
C LYS K 159 -28.97 -5.74 -28.69
N THR K 160 -29.66 -6.46 -27.80
CA THR K 160 -30.92 -7.11 -28.14
C THR K 160 -31.93 -6.79 -27.04
N VAL K 161 -32.91 -5.95 -27.34
CA VAL K 161 -34.02 -5.73 -26.42
C VAL K 161 -34.84 -7.02 -26.37
N PHE K 162 -35.03 -7.54 -25.17
CA PHE K 162 -35.49 -8.91 -24.99
C PHE K 162 -36.76 -8.89 -24.16
N VAL K 163 -37.62 -9.89 -24.40
CA VAL K 163 -38.97 -9.95 -23.84
C VAL K 163 -39.74 -8.69 -24.24
N ALA K 164 -40.44 -8.76 -25.38
CA ALA K 164 -41.26 -7.65 -25.85
C ALA K 164 -42.71 -7.95 -25.48
N VAL K 165 -42.78 -8.06 -24.18
CA VAL K 165 -44.05 -8.30 -23.70
C VAL K 165 -43.97 -7.20 -22.79
N THR K 189 -32.42 6.88 -33.24
CA THR K 189 -31.33 7.06 -32.29
C THR K 189 -29.98 6.70 -32.91
N GLY K 190 -29.86 5.46 -33.37
CA GLY K 190 -28.64 5.03 -34.04
C GLY K 190 -28.10 3.70 -33.57
N GLU K 191 -28.85 3.00 -32.71
CA GLU K 191 -28.42 1.72 -32.17
C GLU K 191 -29.20 0.61 -32.86
N LYS K 192 -28.47 -0.33 -33.46
CA LYS K 192 -29.09 -1.49 -34.12
C LYS K 192 -29.41 -2.54 -33.06
N VAL K 193 -30.69 -2.76 -32.81
CA VAL K 193 -31.16 -3.65 -31.75
C VAL K 193 -32.05 -4.71 -32.37
N LYS K 194 -32.16 -5.84 -31.66
CA LYS K 194 -32.96 -6.99 -32.11
C LYS K 194 -34.05 -7.26 -31.09
N PHE K 195 -35.26 -6.78 -31.37
CA PHE K 195 -36.39 -7.02 -30.49
C PHE K 195 -36.88 -8.45 -30.65
N ALA K 196 -37.13 -9.12 -29.53
CA ALA K 196 -37.54 -10.52 -29.57
C ALA K 196 -38.31 -10.85 -28.29
N PHE K 197 -38.98 -11.99 -28.33
CA PHE K 197 -39.75 -12.51 -27.21
C PHE K 197 -38.87 -13.35 -26.31
N PRO K 198 -39.38 -13.81 -25.16
CA PRO K 198 -38.63 -14.78 -24.38
C PRO K 198 -38.28 -16.01 -25.21
N VAL K 199 -37.01 -16.43 -25.13
CA VAL K 199 -36.53 -17.51 -25.98
C VAL K 199 -37.13 -18.85 -25.55
N VAL K 200 -37.23 -19.09 -24.24
CA VAL K 200 -37.81 -20.33 -23.74
C VAL K 200 -38.79 -20.01 -22.61
N ALA K 201 -38.73 -18.78 -22.11
CA ALA K 201 -39.55 -18.33 -20.99
C ALA K 201 -39.39 -19.23 -19.78
N GLY L 2 27.47 46.97 16.24
CA GLY L 2 26.55 48.05 15.91
C GLY L 2 25.12 47.57 15.78
N ILE L 3 24.20 48.51 15.63
CA ILE L 3 22.79 48.16 15.48
C ILE L 3 22.60 47.38 14.19
N THR L 4 21.85 46.29 14.27
CA THR L 4 21.65 45.38 13.14
C THR L 4 20.19 45.37 12.73
N ARG L 5 19.96 45.09 11.45
CA ARG L 5 18.62 44.97 10.90
C ARG L 5 18.33 43.60 10.32
N ASP L 6 19.18 42.61 10.58
CA ASP L 6 18.93 41.28 10.07
C ASP L 6 17.79 40.62 10.83
N SER L 7 17.21 39.59 10.23
CA SER L 7 16.15 38.81 10.84
C SER L 7 16.66 37.52 11.46
N ARG L 8 17.98 37.35 11.56
CA ARG L 8 18.54 36.16 12.17
C ARG L 8 18.50 36.20 13.69
N HIS L 9 18.22 37.36 14.30
CA HIS L 9 18.11 37.47 15.74
C HIS L 9 16.67 37.40 16.23
N LYS L 10 15.70 37.22 15.32
CA LYS L 10 14.30 37.16 15.68
C LYS L 10 13.89 35.72 15.94
N ARG L 11 12.60 35.48 16.07
CA ARG L 11 12.05 34.14 16.18
C ARG L 11 11.20 33.84 14.95
N ARG L 12 11.02 32.55 14.68
CA ARG L 12 10.21 32.13 13.55
C ARG L 12 8.72 32.39 13.83
N ALA L 13 7.92 32.25 12.77
CA ALA L 13 6.48 32.42 12.93
C ALA L 13 5.88 31.37 13.84
N THR L 14 6.59 30.27 14.08
CA THR L 14 6.15 29.23 14.99
C THR L 14 6.57 29.49 16.44
N GLY L 15 7.31 30.57 16.68
CA GLY L 15 7.79 30.88 18.01
C GLY L 15 9.09 30.21 18.39
N GLY L 16 9.68 29.41 17.52
CA GLY L 16 10.91 28.72 17.84
C GLY L 16 12.12 29.65 17.74
N LYS L 17 13.06 29.45 18.64
CA LYS L 17 14.28 30.24 18.64
C LYS L 17 15.10 29.95 17.39
N LYS L 18 15.89 30.94 16.98
CA LYS L 18 16.64 30.90 15.74
C LYS L 18 18.12 30.82 16.07
N ASN L 19 18.77 29.73 15.68
CA ASN L 19 20.17 29.52 16.02
C ASN L 19 21.08 30.37 15.13
N SER L 20 22.34 30.46 15.53
CA SER L 20 23.31 31.37 14.92
C SER L 20 24.33 30.59 14.11
N MET L 21 24.56 31.03 12.88
CA MET L 21 25.57 30.45 12.00
C MET L 21 26.70 31.41 11.66
N GLN L 22 26.40 32.70 11.54
CA GLN L 22 27.39 33.71 11.17
C GLN L 22 27.47 34.77 12.27
N LYS L 23 28.22 35.82 12.00
CA LYS L 23 28.35 36.98 12.87
C LYS L 23 27.70 38.18 12.19
N LYS L 24 27.75 39.33 12.87
CA LYS L 24 27.18 40.55 12.33
C LYS L 24 27.93 40.97 11.07
N LYS L 25 27.21 41.59 10.14
CA LYS L 25 27.80 42.00 8.87
C LYS L 25 27.34 43.40 8.52
N LYS L 26 28.16 44.10 7.73
CA LYS L 26 27.89 45.48 7.37
C LYS L 26 26.64 45.64 6.51
N ASN L 27 26.22 44.60 5.81
CA ASN L 27 25.06 44.71 4.94
C ASN L 27 23.81 45.09 5.73
N THR L 28 23.64 44.48 6.90
CA THR L 28 22.48 44.72 7.76
C THR L 28 22.79 45.71 8.86
N MET L 29 23.64 46.70 8.58
CA MET L 29 24.04 47.67 9.60
C MET L 29 23.03 48.80 9.68
N GLY L 30 22.63 49.15 10.90
CA GLY L 30 21.83 50.32 11.16
C GLY L 30 22.67 51.39 11.86
N ARG L 31 22.08 52.56 11.98
CA ARG L 31 22.75 53.68 12.63
C ARG L 31 21.85 54.28 13.70
N GLN L 32 22.48 54.98 14.63
CA GLN L 32 21.74 55.57 15.74
C GLN L 32 20.82 56.66 15.22
N PRO L 33 19.53 56.66 15.59
CA PRO L 33 18.63 57.70 15.11
C PRO L 33 19.07 59.06 15.58
N ALA L 34 18.80 60.07 14.74
CA ALA L 34 19.05 61.47 15.08
C ALA L 34 17.70 62.14 15.22
N ASN L 35 17.33 62.47 16.46
CA ASN L 35 16.05 63.12 16.74
C ASN L 35 16.21 64.60 16.43
N THR L 36 15.73 65.01 15.25
CA THR L 36 15.87 66.39 14.82
C THR L 36 15.01 67.29 15.70
N ARG L 37 15.65 68.03 16.60
CA ARG L 37 14.94 68.93 17.48
C ARG L 37 14.72 70.27 16.78
N LEU L 38 14.28 71.27 17.54
CA LEU L 38 14.06 72.61 17.03
C LEU L 38 15.08 73.55 17.66
N GLY L 39 15.82 74.27 16.82
CA GLY L 39 16.85 75.15 17.33
C GLY L 39 17.75 75.61 16.21
N ALA L 40 18.96 76.05 16.58
CA ALA L 40 19.92 76.56 15.61
C ALA L 40 20.29 75.48 14.61
N ILE L 41 20.59 75.92 13.38
CA ILE L 41 20.84 74.97 12.30
C ILE L 41 22.07 74.13 12.63
N ARG L 42 21.91 72.82 12.54
CA ARG L 42 23.01 71.89 12.85
C ARG L 42 22.79 70.63 12.03
N VAL L 43 23.60 70.45 10.99
CA VAL L 43 23.49 69.30 10.11
C VAL L 43 24.85 68.63 9.99
N HIS L 44 24.83 67.33 9.71
CA HIS L 44 26.05 66.54 9.55
C HIS L 44 25.94 65.70 8.28
N ASP L 45 27.10 65.43 7.69
CA ASP L 45 27.19 64.60 6.50
C ASP L 45 27.62 63.20 6.90
N VAL L 46 26.85 62.20 6.49
CA VAL L 46 27.09 60.81 6.86
C VAL L 46 27.41 60.03 5.59
N ARG L 47 28.57 59.38 5.58
CA ARG L 47 28.90 58.49 4.47
C ARG L 47 28.08 57.22 4.60
N CYS L 48 27.23 56.96 3.62
CA CYS L 48 26.43 55.75 3.59
C CYS L 48 27.16 54.70 2.78
N ARG L 49 26.46 53.60 2.47
CA ARG L 49 27.03 52.59 1.60
C ARG L 49 27.12 53.12 0.17
N TYR L 50 28.11 52.61 -0.57
CA TYR L 50 28.41 53.00 -1.95
C TYR L 50 28.89 54.44 -2.06
N GLY L 51 29.27 55.06 -0.95
CA GLY L 51 29.85 56.38 -0.97
C GLY L 51 28.86 57.53 -0.97
N ILE L 52 27.56 57.26 -1.09
CA ILE L 52 26.59 58.34 -1.11
C ILE L 52 26.52 59.01 0.24
N ILE L 53 26.04 60.26 0.24
CA ILE L 53 26.08 61.12 1.41
C ILE L 53 24.65 61.44 1.83
N LYS L 54 24.36 61.27 3.11
CA LYS L 54 23.06 61.57 3.68
C LYS L 54 23.20 62.76 4.62
N ARG L 55 22.30 63.73 4.49
CA ARG L 55 22.35 64.94 5.29
C ARG L 55 21.56 64.70 6.58
N ARG L 56 22.29 64.51 7.68
CA ARG L 56 21.68 64.24 8.98
C ARG L 56 21.44 65.57 9.68
N ALA L 57 20.17 65.99 9.77
CA ALA L 57 19.82 67.28 10.36
C ALA L 57 19.57 67.07 11.85
N LEU L 58 20.54 67.49 12.68
CA LEU L 58 20.38 67.35 14.12
C LEU L 58 19.40 68.40 14.67
N ARG L 59 19.50 69.63 14.20
CA ARG L 59 18.62 70.70 14.66
C ARG L 59 18.31 71.64 13.50
N LEU L 60 17.06 72.12 13.46
CA LEU L 60 16.63 73.03 12.40
C LEU L 60 15.65 74.03 12.99
N GLU L 61 15.54 75.18 12.33
CA GLU L 61 14.52 76.16 12.68
C GLU L 61 13.63 76.54 11.50
N ASN L 62 14.19 76.68 10.31
CA ASN L 62 13.44 77.14 9.14
C ASN L 62 12.99 75.95 8.30
N GLY L 63 12.07 76.22 7.39
CA GLY L 63 11.56 75.20 6.51
C GLY L 63 10.77 75.79 5.38
N ASN L 64 10.66 75.03 4.30
CA ASN L 64 9.92 75.43 3.11
C ASN L 64 8.56 74.75 3.12
N PHE L 65 7.50 75.53 3.05
CA PHE L 65 6.15 75.03 3.17
C PHE L 65 5.34 75.48 1.97
N SER L 66 4.44 74.62 1.50
CA SER L 66 3.70 74.83 0.26
C SER L 66 2.23 74.99 0.55
N TRP L 67 1.61 76.01 -0.05
CA TRP L 67 0.17 76.22 0.04
C TRP L 67 -0.46 75.65 -1.22
N ALA L 68 -1.24 74.58 -1.06
CA ALA L 68 -1.78 73.86 -2.21
C ALA L 68 -2.75 74.73 -3.00
N SER L 69 -3.64 75.43 -2.32
CA SER L 69 -4.67 76.19 -3.01
C SER L 69 -4.07 77.33 -3.82
N GLN L 70 -3.09 78.03 -3.26
CA GLN L 70 -2.48 79.18 -3.93
C GLN L 70 -1.29 78.82 -4.80
N SER L 71 -0.87 77.55 -4.80
CA SER L 71 0.22 77.06 -5.65
C SER L 71 1.50 77.85 -5.43
N ILE L 72 1.87 78.02 -4.16
CA ILE L 72 3.08 78.73 -3.79
C ILE L 72 3.83 77.94 -2.72
N THR L 73 5.13 78.22 -2.62
CA THR L 73 5.97 77.62 -1.60
C THR L 73 6.89 78.70 -1.05
N LYS L 74 6.94 78.81 0.28
CA LYS L 74 7.70 79.86 0.94
C LYS L 74 8.55 79.29 2.06
N GLY L 75 9.67 79.94 2.33
CA GLY L 75 10.46 79.62 3.51
C GLY L 75 9.87 80.28 4.74
N THR L 76 9.89 79.55 5.86
CA THR L 76 9.21 80.00 7.06
C THR L 76 9.91 79.44 8.30
N LYS L 77 9.94 80.25 9.35
CA LYS L 77 10.47 79.81 10.63
C LYS L 77 9.45 78.95 11.37
N ILE L 78 9.91 77.83 11.92
CA ILE L 78 9.05 76.92 12.65
C ILE L 78 8.92 77.40 14.10
N LEU L 79 7.70 77.49 14.59
CA LEU L 79 7.44 77.98 15.94
C LEU L 79 7.37 76.84 16.96
N ASN L 80 6.45 75.91 16.75
CA ASN L 80 6.18 74.87 17.73
C ASN L 80 5.73 73.60 17.03
N VAL L 81 5.88 72.48 17.74
CA VAL L 81 5.34 71.19 17.32
C VAL L 81 4.16 70.88 18.24
N VAL L 82 2.99 70.67 17.66
CA VAL L 82 1.76 70.60 18.43
C VAL L 82 1.10 69.23 18.40
N TYR L 83 1.49 68.34 17.50
CA TYR L 83 0.85 67.04 17.43
C TYR L 83 1.75 66.06 16.69
N ASN L 84 2.02 64.91 17.31
CA ASN L 84 2.74 63.82 16.69
C ASN L 84 1.91 62.55 16.84
N ALA L 85 1.53 61.95 15.72
CA ALA L 85 0.60 60.83 15.75
C ALA L 85 1.22 59.54 16.27
N SER L 86 2.53 59.50 16.46
CA SER L 86 3.20 58.29 16.91
C SER L 86 3.54 58.32 18.40
N ASP L 87 4.23 59.35 18.86
CA ASP L 87 4.64 59.45 20.26
C ASP L 87 4.37 60.86 20.77
N ASN L 88 3.81 60.95 21.98
CA ASN L 88 3.57 62.25 22.59
C ASN L 88 4.86 62.89 23.09
N ASP L 89 5.88 62.08 23.40
CA ASP L 89 7.15 62.64 23.83
C ASP L 89 7.81 63.47 22.74
N PHE L 90 7.43 63.25 21.48
CA PHE L 90 7.93 64.10 20.40
C PHE L 90 7.33 65.50 20.46
N VAL L 91 6.17 65.66 21.08
CA VAL L 91 5.55 66.98 21.17
C VAL L 91 6.32 67.87 22.12
N ARG L 92 6.68 67.37 23.30
CA ARG L 92 7.39 68.19 24.28
C ARG L 92 8.77 68.59 23.77
N THR L 93 9.50 67.64 23.20
CA THR L 93 10.86 67.89 22.75
C THR L 93 10.92 68.61 21.41
N ASN L 94 9.78 68.84 20.77
CA ASN L 94 9.73 69.49 19.46
C ASN L 94 10.58 68.74 18.44
N THR L 95 10.39 67.43 18.37
CA THR L 95 11.11 66.61 17.42
C THR L 95 10.47 66.74 16.04
N LEU L 96 11.32 66.91 15.03
CA LEU L 96 10.87 67.10 13.66
C LEU L 96 10.99 65.79 12.90
N VAL L 97 9.86 65.20 12.55
CA VAL L 97 9.80 63.98 11.74
C VAL L 97 8.64 64.11 10.77
N LYS L 98 8.54 63.14 9.86
CA LYS L 98 7.44 63.12 8.91
C LYS L 98 6.10 63.05 9.64
N GLY L 99 5.09 63.67 9.04
CA GLY L 99 3.75 63.61 9.57
C GLY L 99 3.56 64.29 10.91
N ALA L 100 4.51 65.11 11.35
CA ALA L 100 4.39 65.83 12.61
C ALA L 100 3.73 67.17 12.35
N ILE L 101 2.54 67.37 12.89
CA ILE L 101 1.83 68.63 12.70
C ILE L 101 2.54 69.71 13.50
N ILE L 102 3.01 70.74 12.82
CA ILE L 102 3.79 71.81 13.44
C ILE L 102 3.09 73.14 13.20
N GLU L 103 3.52 74.14 13.96
CA GLU L 103 2.97 75.49 13.92
C GLU L 103 4.03 76.44 13.42
N ILE L 104 3.71 77.19 12.36
CA ILE L 104 4.65 78.15 11.77
C ILE L 104 3.97 79.49 11.64
N ASP L 105 4.77 80.54 11.62
CA ASP L 105 4.25 81.90 11.49
C ASP L 105 3.97 82.20 10.02
N PRO L 106 2.76 82.57 9.67
CA PRO L 106 2.41 82.85 8.28
C PRO L 106 2.73 84.29 7.85
N ALA L 107 3.95 84.71 8.12
CA ALA L 107 4.37 86.06 7.76
C ALA L 107 4.66 86.17 6.26
N PRO L 108 5.52 85.32 5.68
CA PRO L 108 5.73 85.43 4.22
C PRO L 108 4.47 85.17 3.42
N PHE L 109 3.62 84.25 3.88
CA PHE L 109 2.37 83.99 3.16
C PHE L 109 1.44 85.19 3.19
N ARG L 110 1.35 85.87 4.34
CA ARG L 110 0.54 87.08 4.41
C ARG L 110 1.06 88.15 3.47
N LEU L 111 2.38 88.38 3.49
CA LEU L 111 2.96 89.38 2.61
C LEU L 111 2.72 89.06 1.15
N TRP L 112 2.79 87.77 0.79
CA TRP L 112 2.52 87.37 -0.58
C TRP L 112 1.07 87.66 -0.95
N PHE L 113 0.15 87.44 -0.01
CA PHE L 113 -1.26 87.73 -0.29
C PHE L 113 -1.48 89.22 -0.52
N LEU L 114 -0.79 90.06 0.24
CA LEU L 114 -0.92 91.50 0.05
C LEU L 114 -0.46 91.93 -1.33
N LYS L 115 0.67 91.39 -1.80
CA LYS L 115 1.19 91.80 -3.10
C LYS L 115 0.42 91.20 -4.27
N PHE L 116 -0.38 90.17 -4.04
CA PHE L 116 -1.02 89.47 -5.16
C PHE L 116 -2.51 89.79 -5.25
N TYR L 117 -3.23 89.76 -4.13
CA TYR L 117 -4.63 90.17 -4.12
C TYR L 117 -4.84 91.60 -3.68
N GLY L 118 -3.88 92.20 -2.98
CA GLY L 118 -4.09 93.51 -2.40
C GLY L 118 -4.83 93.51 -1.08
N LYS L 119 -4.99 92.35 -0.45
CA LYS L 119 -5.72 92.21 0.80
C LYS L 119 -4.84 91.52 1.84
N ASP L 120 -5.33 91.52 3.08
CA ASP L 120 -4.63 90.88 4.19
C ASP L 120 -5.53 89.82 4.81
N ILE L 121 -4.91 88.73 5.25
CA ILE L 121 -5.67 87.63 5.85
C ILE L 121 -5.80 87.78 7.36
N ALA L 122 -4.81 88.35 8.02
CA ALA L 122 -4.86 88.55 9.47
C ALA L 122 -6.00 89.50 9.84
N LYS L 187 -13.35 79.98 -1.14
CA LYS L 187 -13.30 80.35 0.27
C LYS L 187 -12.25 79.53 1.01
N PHE L 188 -11.77 80.07 2.12
CA PHE L 188 -10.81 79.38 2.98
C PHE L 188 -11.54 78.81 4.19
N ASP L 189 -11.07 77.66 4.66
CA ASP L 189 -11.66 77.04 5.84
C ASP L 189 -11.42 77.92 7.07
N GLU L 190 -12.39 77.93 7.98
CA GLU L 190 -12.42 78.91 9.05
C GLU L 190 -11.17 78.79 9.92
N ALA L 191 -10.77 77.56 10.27
CA ALA L 191 -9.61 77.37 11.14
C ALA L 191 -8.34 77.92 10.51
N LEU L 192 -8.26 77.96 9.17
CA LEU L 192 -7.10 78.55 8.52
C LEU L 192 -7.00 80.04 8.82
N LEU L 193 -8.14 80.75 8.81
CA LEU L 193 -8.10 82.17 9.13
C LEU L 193 -7.63 82.39 10.56
N GLU L 194 -8.11 81.58 11.51
CA GLU L 194 -7.71 81.75 12.90
C GLU L 194 -6.20 81.61 13.06
N GLY L 195 -5.60 80.67 12.35
CA GLY L 195 -4.15 80.54 12.39
C GLY L 195 -3.44 81.77 11.84
N PHE L 196 -4.03 82.41 10.83
CA PHE L 196 -3.43 83.61 10.25
C PHE L 196 -3.45 84.78 11.23
N GLN L 197 -4.60 85.02 11.85
CA GLN L 197 -4.71 86.14 12.80
C GLN L 197 -3.93 85.85 14.07
N SER L 198 -3.94 84.61 14.54
CA SER L 198 -3.20 84.25 15.74
C SER L 198 -1.70 84.19 15.51
N GLY L 199 -1.25 84.27 14.26
CA GLY L 199 0.17 84.23 13.96
C GLY L 199 0.78 82.85 13.92
N ARG L 200 -0.03 81.79 14.06
CA ARG L 200 0.47 80.42 14.06
C ARG L 200 -0.45 79.58 13.19
N VAL L 201 0.02 79.20 12.01
CA VAL L 201 -0.75 78.36 11.10
C VAL L 201 -0.24 76.93 11.22
N LEU L 202 -1.10 75.98 10.87
CA LEU L 202 -0.80 74.56 11.02
C LEU L 202 -0.26 74.00 9.71
N ALA L 203 0.88 73.31 9.79
CA ALA L 203 1.48 72.69 8.62
C ALA L 203 1.96 71.29 9.00
N CYS L 204 2.08 70.43 8.00
CA CYS L 204 2.51 69.06 8.17
C CYS L 204 3.85 68.85 7.48
N ILE L 205 4.80 68.28 8.21
CA ILE L 205 6.12 68.00 7.64
C ILE L 205 6.02 66.80 6.72
N SER L 206 6.53 66.94 5.50
CA SER L 206 6.43 65.90 4.49
C SER L 206 7.77 65.38 4.01
N SER L 207 8.88 65.93 4.50
CA SER L 207 10.20 65.43 4.17
C SER L 207 10.69 64.51 5.29
N ARG L 208 11.89 63.96 5.10
CA ARG L 208 12.53 63.12 6.10
C ARG L 208 13.77 63.85 6.59
N PRO L 209 13.64 64.71 7.60
CA PRO L 209 14.78 65.55 8.01
C PRO L 209 16.00 64.76 8.45
N GLY L 210 15.81 63.55 8.98
CA GLY L 210 16.96 62.74 9.35
C GLY L 210 17.70 62.13 8.18
N GLN L 211 17.16 62.25 6.97
CA GLN L 211 17.80 61.72 5.77
C GLN L 211 18.14 62.81 4.77
N THR L 212 17.19 63.69 4.45
CA THR L 212 17.44 64.75 3.48
C THR L 212 18.00 66.02 4.12
N GLY L 213 17.90 66.16 5.44
CA GLY L 213 18.45 67.31 6.11
C GLY L 213 17.68 68.59 5.95
N SER L 214 16.37 68.52 5.74
CA SER L 214 15.56 69.72 5.62
C SER L 214 14.13 69.39 5.99
N VAL L 215 13.35 70.43 6.26
CA VAL L 215 11.95 70.32 6.62
C VAL L 215 11.14 70.85 5.44
N GLU L 216 10.58 69.94 4.64
CA GLU L 216 9.67 70.29 3.55
C GLU L 216 8.28 69.84 3.94
N GLY L 217 7.32 70.76 3.84
CA GLY L 217 5.97 70.44 4.23
C GLY L 217 4.91 71.18 3.45
N TYR L 218 3.68 71.15 3.93
CA TYR L 218 2.58 71.83 3.26
C TYR L 218 1.59 72.34 4.30
N ILE L 219 0.92 73.44 3.96
CA ILE L 219 -0.09 74.00 4.85
C ILE L 219 -1.34 73.12 4.81
N LEU L 220 -1.85 72.75 5.99
CA LEU L 220 -3.01 71.90 6.06
C LEU L 220 -4.25 72.62 5.52
N GLU L 221 -5.17 71.84 4.97
CA GLU L 221 -6.35 72.40 4.33
C GLU L 221 -7.61 71.68 4.78
N GLY L 222 -8.72 71.93 4.08
CA GLY L 222 -10.05 71.69 4.59
C GLY L 222 -10.31 70.40 5.36
N LYS L 223 -10.23 69.25 4.71
CA LYS L 223 -10.56 68.01 5.40
C LYS L 223 -9.46 67.58 6.36
N GLU L 224 -8.19 67.82 6.00
CA GLU L 224 -7.10 67.46 6.90
C GLU L 224 -7.04 68.37 8.10
N LEU L 225 -7.46 69.64 7.95
CA LEU L 225 -7.38 70.59 9.06
C LEU L 225 -8.39 70.23 10.15
N ASP L 226 -9.62 69.87 9.76
CA ASP L 226 -10.63 69.56 10.76
C ASP L 226 -10.23 68.35 11.58
N PHE L 227 -9.70 67.31 10.94
CA PHE L 227 -9.29 66.10 11.66
C PHE L 227 -8.19 66.41 12.66
N TYR L 228 -7.17 67.16 12.23
CA TYR L 228 -6.04 67.43 13.11
C TYR L 228 -6.36 68.50 14.15
N SER L 229 -7.26 69.43 13.84
CA SER L 229 -7.64 70.44 14.83
C SER L 229 -8.45 69.82 15.96
N LYS L 230 -9.35 68.88 15.64
CA LYS L 230 -10.13 68.23 16.68
C LYS L 230 -9.25 67.37 17.59
N LYS L 231 -8.13 66.88 17.08
CA LYS L 231 -7.20 66.13 17.90
C LYS L 231 -6.52 67.00 18.96
N ILE L 232 -6.63 68.32 18.84
CA ILE L 232 -5.99 69.23 19.78
C ILE L 232 -7.03 70.06 20.52
N GLY M 2 36.10 12.08 -4.89
CA GLY M 2 37.11 12.27 -5.92
C GLY M 2 38.09 13.38 -5.59
N ARG M 3 39.35 13.19 -5.99
CA ARG M 3 40.39 14.17 -5.73
C ARG M 3 41.26 14.51 -6.93
N CYS M 4 41.33 13.65 -7.94
CA CYS M 4 42.14 13.90 -9.12
C CYS M 4 41.27 14.33 -10.28
N LEU M 5 41.73 15.33 -11.03
CA LEU M 5 40.95 15.83 -12.16
C LEU M 5 41.02 14.91 -13.37
N ARG M 6 42.02 14.04 -13.45
CA ARG M 6 42.08 13.06 -14.52
C ARG M 6 41.06 11.94 -14.26
N ASN M 7 41.07 10.94 -15.12
CA ASN M 7 40.18 9.81 -15.01
C ASN M 7 40.97 8.51 -14.97
N HIS M 8 40.57 7.61 -14.09
CA HIS M 8 41.14 6.28 -13.99
C HIS M 8 40.02 5.26 -13.92
N SER M 9 40.14 4.21 -14.70
CA SER M 9 39.10 3.18 -14.78
C SER M 9 39.72 1.80 -14.66
N ILE M 10 38.92 0.85 -14.18
CA ILE M 10 39.38 -0.52 -14.07
C ILE M 10 39.23 -1.22 -15.41
N THR M 11 39.91 -2.36 -15.54
CA THR M 11 39.85 -3.15 -16.76
C THR M 11 39.47 -4.60 -16.52
N TYR M 12 39.46 -5.07 -15.28
CA TYR M 12 39.11 -6.45 -14.99
C TYR M 12 38.46 -6.54 -13.62
N LYS M 13 37.79 -7.65 -13.37
CA LYS M 13 37.13 -7.90 -12.09
C LYS M 13 37.43 -9.32 -11.64
N THR M 14 37.64 -9.49 -10.35
CA THR M 14 37.88 -10.81 -9.78
C THR M 14 36.58 -11.59 -9.68
N PRO M 15 36.63 -12.91 -9.78
CA PRO M 15 35.40 -13.71 -9.76
C PRO M 15 34.78 -13.76 -8.37
N LYS M 16 33.47 -14.06 -8.35
CA LYS M 16 32.73 -14.06 -7.10
C LYS M 16 33.15 -15.20 -6.19
N VAL M 17 33.23 -16.41 -6.72
CA VAL M 17 33.57 -17.60 -5.93
C VAL M 17 35.03 -17.93 -6.18
N PRO M 18 35.91 -17.77 -5.18
CA PRO M 18 37.35 -17.89 -5.45
C PRO M 18 37.80 -19.28 -5.89
N TYR M 19 37.20 -20.34 -5.37
CA TYR M 19 37.70 -21.69 -5.57
C TYR M 19 36.63 -22.57 -6.20
N GLU M 20 36.78 -22.88 -7.48
CA GLU M 20 35.95 -23.86 -8.17
C GLU M 20 36.85 -24.68 -9.09
N ARG M 21 36.62 -26.00 -9.12
CA ARG M 21 37.37 -26.84 -10.04
C ARG M 21 36.87 -26.69 -11.48
N GLU M 22 35.59 -26.41 -11.66
CA GLU M 22 35.07 -26.21 -13.02
C GLU M 22 35.68 -24.98 -13.67
N ARG M 23 35.86 -23.90 -12.91
CA ARG M 23 36.42 -22.68 -13.47
C ARG M 23 37.93 -22.78 -13.65
N PHE M 24 38.62 -23.51 -12.77
CA PHE M 24 40.09 -23.53 -12.82
C PHE M 24 40.60 -24.18 -14.09
N ASP M 25 40.03 -25.33 -14.48
CA ASP M 25 40.51 -26.01 -15.67
C ASP M 25 40.09 -25.29 -16.94
N ALA M 26 38.90 -24.68 -16.93
CA ALA M 26 38.43 -23.93 -18.09
C ALA M 26 39.36 -22.76 -18.39
N GLU M 27 39.78 -22.03 -17.35
CA GLU M 27 40.72 -20.94 -17.56
C GLU M 27 42.06 -21.46 -18.04
N LEU M 28 42.50 -22.61 -17.52
CA LEU M 28 43.77 -23.18 -17.94
C LEU M 28 43.75 -23.57 -19.40
N LYS M 29 42.60 -24.00 -19.92
CA LYS M 29 42.50 -24.30 -21.34
C LYS M 29 42.75 -23.06 -22.18
N LEU M 30 42.20 -21.92 -21.77
CA LEU M 30 42.43 -20.67 -22.49
C LEU M 30 43.87 -20.21 -22.36
N VAL M 31 44.47 -20.39 -21.19
CA VAL M 31 45.86 -19.98 -20.99
C VAL M 31 46.79 -20.79 -21.89
N GLY M 32 46.61 -22.11 -21.92
CA GLY M 32 47.46 -22.94 -22.75
C GLY M 32 47.28 -22.67 -24.23
N GLN M 33 46.03 -22.45 -24.66
CA GLN M 33 45.75 -22.25 -26.07
C GLN M 33 46.24 -20.91 -26.59
N PHE M 34 46.40 -19.92 -25.72
CA PHE M 34 46.79 -18.58 -26.14
C PHE M 34 48.04 -18.06 -25.47
N GLY M 35 48.65 -18.82 -24.57
CA GLY M 35 49.87 -18.39 -23.91
C GLY M 35 49.74 -17.07 -23.18
N LEU M 36 48.91 -17.03 -22.15
CA LEU M 36 48.68 -15.82 -21.37
C LEU M 36 49.55 -15.82 -20.11
N LYS M 37 49.91 -14.63 -19.66
CA LYS M 37 50.80 -14.51 -18.51
C LYS M 37 50.11 -14.97 -17.24
N ASN M 38 48.89 -14.49 -16.99
CA ASN M 38 48.17 -14.84 -15.77
C ASN M 38 46.67 -14.73 -16.05
N LYS M 39 45.89 -14.97 -15.01
CA LYS M 39 44.44 -14.89 -15.13
C LYS M 39 43.92 -13.46 -15.20
N LYS M 40 44.78 -12.47 -14.96
CA LYS M 40 44.37 -11.08 -15.15
C LYS M 40 44.11 -10.77 -16.62
N GLU M 41 44.80 -11.45 -17.53
CA GLU M 41 44.56 -11.22 -18.95
C GLU M 41 43.28 -11.89 -19.43
N ILE M 42 42.89 -13.02 -18.83
CA ILE M 42 41.59 -13.59 -19.11
C ILE M 42 40.48 -12.67 -18.61
N GLN M 43 40.67 -12.09 -17.42
CA GLN M 43 39.61 -11.28 -16.82
C GLN M 43 39.37 -9.99 -17.59
N ARG M 44 40.42 -9.43 -18.19
CA ARG M 44 40.24 -8.24 -19.02
C ARG M 44 39.36 -8.54 -20.23
N VAL M 45 39.59 -9.68 -20.87
CA VAL M 45 38.77 -10.07 -22.01
C VAL M 45 37.32 -10.25 -21.59
N HIS M 46 37.09 -10.89 -20.44
CA HIS M 46 35.73 -11.07 -19.95
C HIS M 46 35.07 -9.74 -19.65
N TYR M 47 35.82 -8.80 -19.06
CA TYR M 47 35.27 -7.47 -18.78
C TYR M 47 34.96 -6.75 -20.09
N MET M 48 35.89 -6.77 -21.04
CA MET M 48 35.66 -6.11 -22.32
C MET M 48 34.47 -6.72 -23.04
N LEU M 49 34.38 -8.05 -23.05
CA LEU M 49 33.24 -8.72 -23.65
C LEU M 49 31.95 -8.37 -22.93
N GLY M 50 31.99 -8.31 -21.59
CA GLY M 50 30.80 -7.99 -20.83
C GLY M 50 30.24 -6.62 -21.12
N HIS M 51 31.11 -5.65 -21.41
CA HIS M 51 30.65 -4.30 -21.73
C HIS M 51 29.84 -4.30 -23.03
N MET M 52 30.40 -4.88 -24.09
CA MET M 52 29.70 -4.91 -25.37
C MET M 52 28.42 -5.74 -25.28
N ARG M 53 28.47 -6.85 -24.55
CA ARG M 53 27.26 -7.64 -24.34
C ARG M 53 26.17 -6.83 -23.63
N THR M 54 26.57 -6.03 -22.63
CA THR M 54 25.61 -5.18 -21.94
C THR M 54 25.00 -4.16 -22.89
N ILE M 55 25.82 -3.56 -23.75
CA ILE M 55 25.32 -2.54 -24.68
C ILE M 55 24.31 -3.15 -25.63
N ALA M 56 24.65 -4.28 -26.24
CA ALA M 56 23.72 -4.93 -27.17
C ALA M 56 22.44 -5.35 -26.46
N LYS M 57 22.57 -5.88 -25.25
CA LYS M 57 21.41 -6.31 -24.49
C LYS M 57 20.47 -5.14 -24.16
N VAL M 58 21.04 -3.95 -23.98
CA VAL M 58 20.22 -2.78 -23.65
C VAL M 58 19.35 -2.39 -24.83
N MET M 59 19.94 -2.32 -26.03
CA MET M 59 19.20 -1.85 -27.19
C MET M 59 18.32 -2.93 -27.81
N LEU M 60 18.58 -4.20 -27.53
CA LEU M 60 17.69 -5.25 -28.03
C LEU M 60 16.32 -5.19 -27.38
N MET M 61 16.24 -4.63 -26.17
CA MET M 61 14.96 -4.46 -25.50
C MET M 61 14.16 -3.28 -26.01
N LYS M 62 14.80 -2.38 -26.79
CA LYS M 62 14.11 -1.24 -27.35
C LYS M 62 13.39 -1.64 -28.64
N ASP M 63 12.64 -0.70 -29.19
CA ASP M 63 11.95 -0.93 -30.45
C ASP M 63 12.95 -0.93 -31.60
N ALA M 64 12.59 -1.62 -32.69
CA ALA M 64 13.51 -1.81 -33.80
C ALA M 64 13.86 -0.49 -34.48
N LYS M 65 12.90 0.43 -34.57
CA LYS M 65 13.09 1.67 -35.31
C LYS M 65 13.44 2.85 -34.41
N ASP M 66 13.77 2.61 -33.15
CA ASP M 66 14.12 3.69 -32.26
C ASP M 66 15.39 4.39 -32.75
N PRO M 67 15.40 5.71 -32.84
CA PRO M 67 16.64 6.41 -33.24
C PRO M 67 17.80 6.14 -32.31
N LYS M 68 17.53 5.96 -31.01
CA LYS M 68 18.60 5.61 -30.09
C LYS M 68 19.21 4.26 -30.44
N ARG M 69 18.37 3.27 -30.76
CA ARG M 69 18.90 1.97 -31.14
C ARG M 69 19.68 2.03 -32.44
N LEU M 70 19.17 2.76 -33.43
CA LEU M 70 19.83 2.83 -34.73
C LEU M 70 21.22 3.46 -34.63
N LEU M 71 21.34 4.52 -33.83
CA LEU M 71 22.64 5.18 -33.68
C LEU M 71 23.63 4.29 -32.94
N GLU M 72 23.23 3.76 -31.79
CA GLU M 72 24.15 2.97 -30.98
C GLU M 72 24.36 1.58 -31.56
N GLY M 73 23.29 0.97 -32.09
CA GLY M 73 23.42 -0.37 -32.64
C GLY M 73 24.39 -0.43 -33.81
N ALA M 74 24.26 0.51 -34.74
CA ALA M 74 25.17 0.55 -35.88
C ALA M 74 26.60 0.84 -35.43
N ALA M 75 26.76 1.76 -34.47
CA ALA M 75 28.10 2.08 -33.99
C ALA M 75 28.76 0.89 -33.31
N LEU M 76 28.00 0.14 -32.51
CA LEU M 76 28.56 -1.04 -31.86
C LEU M 76 28.95 -2.09 -32.88
N LEU M 77 28.11 -2.31 -33.88
CA LEU M 77 28.43 -3.29 -34.92
C LEU M 77 29.63 -2.84 -35.75
N ARG M 78 29.70 -1.54 -36.09
CA ARG M 78 30.82 -1.05 -36.88
C ARG M 78 32.14 -1.23 -36.14
N ARG M 79 32.16 -0.93 -34.84
CA ARG M 79 33.37 -1.12 -34.05
C ARG M 79 33.74 -2.60 -34.00
N LEU M 80 32.73 -3.48 -33.89
CA LEU M 80 32.99 -4.91 -33.88
C LEU M 80 33.57 -5.39 -35.21
N HIS M 81 33.03 -4.91 -36.32
CA HIS M 81 33.50 -5.35 -37.63
C HIS M 81 34.94 -4.91 -37.88
N ASN M 82 35.24 -3.65 -37.60
CA ASN M 82 36.59 -3.14 -37.86
C ASN M 82 37.62 -3.79 -36.95
N LEU M 83 37.24 -4.14 -35.72
CA LEU M 83 38.14 -4.87 -34.84
C LEU M 83 38.36 -6.31 -35.29
N GLY M 84 37.51 -6.82 -36.18
CA GLY M 84 37.63 -8.17 -36.67
C GLY M 84 36.96 -9.23 -35.84
N ILE M 85 36.41 -8.86 -34.68
CA ILE M 85 35.78 -9.84 -33.80
C ILE M 85 34.59 -10.48 -34.48
N LEU M 86 33.72 -9.66 -35.06
CA LEU M 86 32.48 -10.14 -35.68
C LEU M 86 32.64 -10.16 -37.18
N PRO M 87 32.44 -11.30 -37.84
CA PRO M 87 32.52 -11.33 -39.30
C PRO M 87 31.45 -10.46 -39.92
N ARG M 88 31.75 -9.92 -41.12
CA ARG M 88 30.91 -8.90 -41.73
C ARG M 88 29.52 -9.41 -42.09
N ASP M 89 29.35 -10.72 -42.28
CA ASP M 89 28.04 -11.23 -42.67
C ASP M 89 27.00 -11.02 -41.59
N GLN M 90 27.39 -11.22 -40.32
CA GLN M 90 26.46 -11.07 -39.20
C GLN M 90 26.33 -9.60 -38.86
N ASN M 91 25.26 -8.97 -39.37
CA ASN M 91 25.02 -7.55 -39.18
C ASN M 91 23.85 -7.28 -38.25
N LYS M 92 23.50 -8.23 -37.40
CA LYS M 92 22.42 -8.08 -36.45
C LYS M 92 22.97 -8.07 -35.02
N LEU M 93 22.35 -7.26 -34.16
CA LEU M 93 22.84 -7.12 -32.79
C LEU M 93 22.80 -8.44 -32.03
N GLU M 94 21.88 -9.34 -32.40
CA GLU M 94 21.74 -10.60 -31.69
C GLU M 94 22.99 -11.46 -31.76
N PHE M 95 23.87 -11.22 -32.74
CA PHE M 95 25.09 -11.99 -32.87
C PHE M 95 26.17 -11.56 -31.88
N VAL M 96 26.03 -10.38 -31.29
CA VAL M 96 26.99 -9.95 -30.27
C VAL M 96 26.85 -10.78 -29.02
N LEU M 97 25.61 -11.12 -28.65
CA LEU M 97 25.37 -11.95 -27.47
C LEU M 97 25.93 -13.36 -27.63
N ALA M 98 26.10 -13.83 -28.87
CA ALA M 98 26.65 -15.15 -29.13
C ALA M 98 28.17 -15.16 -29.14
N LEU M 99 28.81 -14.01 -28.94
CA LEU M 99 30.26 -13.96 -28.89
C LEU M 99 30.80 -14.66 -27.65
N LYS M 100 32.04 -15.11 -27.74
CA LYS M 100 32.71 -15.78 -26.64
C LYS M 100 34.10 -15.19 -26.46
N GLU M 101 34.70 -15.48 -25.30
CA GLU M 101 36.01 -14.94 -24.99
C GLU M 101 37.09 -15.42 -25.95
N GLU M 102 36.85 -16.52 -26.66
CA GLU M 102 37.83 -17.00 -27.62
C GLU M 102 37.91 -16.09 -28.84
N ASN M 103 36.79 -15.50 -29.25
CA ASN M 103 36.80 -14.61 -30.41
C ASN M 103 37.70 -13.40 -30.18
N LEU M 104 37.59 -12.78 -29.01
CA LEU M 104 38.43 -11.63 -28.70
C LEU M 104 39.89 -12.05 -28.54
N LEU M 105 40.14 -13.20 -27.92
CA LEU M 105 41.51 -13.64 -27.71
C LEU M 105 42.21 -13.97 -29.02
N GLU M 106 41.44 -14.36 -30.04
CA GLU M 106 42.01 -14.70 -31.34
C GLU M 106 42.30 -13.47 -32.19
N ARG M 107 42.32 -12.28 -31.60
CA ARG M 107 42.67 -11.07 -32.30
C ARG M 107 43.81 -10.31 -31.64
N ARG M 108 44.35 -10.82 -30.54
CA ARG M 108 45.56 -10.23 -29.97
C ARG M 108 46.72 -10.40 -30.94
N LEU M 109 47.65 -9.44 -30.90
CA LEU M 109 48.79 -9.49 -31.79
C LEU M 109 49.60 -10.77 -31.60
N GLN M 110 49.65 -11.28 -30.37
CA GLN M 110 50.39 -12.52 -30.13
C GLN M 110 49.79 -13.68 -30.91
N THR M 111 48.46 -13.78 -30.92
CA THR M 111 47.81 -14.86 -31.65
C THR M 111 48.05 -14.74 -33.15
N LEU M 112 47.90 -13.53 -33.70
CA LEU M 112 48.01 -13.37 -35.15
C LEU M 112 49.40 -13.69 -35.65
N VAL M 113 50.45 -13.24 -34.95
CA VAL M 113 51.80 -13.48 -35.41
C VAL M 113 52.18 -14.95 -35.27
N TYR M 114 51.54 -15.68 -34.38
CA TYR M 114 51.72 -17.13 -34.36
C TYR M 114 50.96 -17.80 -35.50
N ARG M 115 49.74 -17.32 -35.79
CA ARG M 115 48.97 -17.87 -36.90
C ARG M 115 49.58 -17.48 -38.23
N LYS M 116 50.15 -16.27 -38.32
CA LYS M 116 50.80 -15.84 -39.56
C LYS M 116 52.10 -16.57 -39.82
N GLY M 117 52.61 -17.34 -38.86
CA GLY M 117 53.80 -18.14 -39.07
C GLY M 117 55.11 -17.46 -38.77
N PHE M 118 55.10 -16.24 -38.25
CA PHE M 118 56.35 -15.57 -37.93
C PHE M 118 57.05 -16.20 -36.72
N ALA M 119 56.32 -16.92 -35.88
CA ALA M 119 56.89 -17.54 -34.69
C ALA M 119 56.49 -19.01 -34.62
N LYS M 120 57.35 -19.81 -33.99
CA LYS M 120 57.12 -21.25 -33.94
C LYS M 120 56.00 -21.60 -32.97
N SER M 121 55.98 -20.96 -31.80
CA SER M 121 55.01 -21.28 -30.76
C SER M 121 54.38 -20.00 -30.23
N ILE M 122 53.21 -20.16 -29.62
CA ILE M 122 52.49 -19.02 -29.06
C ILE M 122 53.31 -18.35 -27.96
N HIS M 123 54.19 -19.11 -27.30
CA HIS M 123 55.12 -18.51 -26.36
C HIS M 123 56.27 -17.80 -27.07
N HIS M 124 56.72 -18.34 -28.21
CA HIS M 124 57.72 -17.64 -29.00
C HIS M 124 57.19 -16.34 -29.57
N ALA M 125 55.89 -16.29 -29.86
CA ALA M 125 55.28 -15.06 -30.35
C ALA M 125 55.38 -13.95 -29.31
N ARG M 126 55.15 -14.28 -28.04
CA ARG M 126 55.24 -13.27 -26.98
C ARG M 126 56.65 -12.72 -26.86
N VAL M 127 57.66 -13.60 -26.95
CA VAL M 127 59.04 -13.15 -26.86
C VAL M 127 59.41 -12.29 -28.06
N LEU M 128 58.99 -12.70 -29.26
CA LEU M 128 59.28 -11.93 -30.46
C LEU M 128 58.63 -10.55 -30.39
N ILE M 129 57.39 -10.48 -29.90
CA ILE M 129 56.69 -9.20 -29.79
C ILE M 129 57.40 -8.29 -28.80
N ARG M 130 57.78 -8.83 -27.64
CA ARG M 130 58.38 -8.02 -26.59
C ARG M 130 59.77 -7.51 -26.95
N GLY M 131 60.40 -8.08 -27.98
CA GLY M 131 61.76 -7.71 -28.32
C GLY M 131 61.87 -6.66 -29.41
N LYS M 132 60.79 -5.94 -29.66
CA LYS M 132 60.74 -4.90 -30.70
C LYS M 132 61.09 -5.48 -32.07
N MET M 133 60.67 -6.71 -32.32
CA MET M 133 61.02 -7.41 -33.55
C MET M 133 59.90 -7.47 -34.58
N ILE M 134 58.70 -7.01 -34.23
CA ILE M 134 57.54 -7.15 -35.10
C ILE M 134 56.91 -5.77 -35.29
N LYS M 135 56.59 -5.44 -36.54
CA LYS M 135 56.08 -4.13 -36.92
C LYS M 135 54.69 -4.28 -37.51
N VAL M 136 53.79 -3.37 -37.14
CA VAL M 136 52.44 -3.38 -37.69
C VAL M 136 52.24 -2.14 -38.54
N GLY M 137 52.47 -2.28 -39.85
CA GLY M 137 52.28 -1.19 -40.77
C GLY M 137 53.43 -0.21 -40.82
N LYS M 138 53.51 0.66 -39.80
CA LYS M 138 54.59 1.63 -39.74
C LYS M 138 55.19 1.81 -38.34
N GLN M 139 54.55 1.33 -37.29
CA GLN M 139 55.01 1.54 -35.92
C GLN M 139 55.24 0.20 -35.25
N VAL M 140 56.41 0.04 -34.63
CA VAL M 140 56.72 -1.19 -33.92
C VAL M 140 55.87 -1.28 -32.65
N VAL M 141 55.58 -2.52 -32.24
CA VAL M 141 54.72 -2.78 -31.10
C VAL M 141 55.37 -3.83 -30.22
N ASP M 142 55.37 -3.61 -28.91
CA ASP M 142 55.90 -4.56 -27.96
C ASP M 142 54.85 -5.02 -26.95
N VAL M 143 53.58 -4.69 -27.17
CA VAL M 143 52.50 -5.10 -26.28
C VAL M 143 51.74 -6.23 -26.95
N PRO M 144 51.76 -7.44 -26.39
CA PRO M 144 51.07 -8.57 -27.04
C PRO M 144 49.56 -8.50 -26.93
N SER M 145 49.02 -7.60 -26.10
CA SER M 145 47.58 -7.42 -26.01
C SER M 145 47.03 -6.53 -27.11
N PHE M 146 47.88 -6.04 -28.00
CA PHE M 146 47.47 -5.20 -29.11
C PHE M 146 46.43 -5.91 -29.96
N LEU M 147 45.19 -5.42 -29.97
CA LEU M 147 44.12 -6.01 -30.77
C LEU M 147 44.17 -5.38 -32.16
N VAL M 148 44.52 -6.19 -33.15
CA VAL M 148 44.72 -5.69 -34.51
C VAL M 148 43.39 -5.59 -35.22
N ARG M 149 43.21 -4.49 -35.95
CA ARG M 149 42.02 -4.33 -36.78
C ARG M 149 42.17 -5.12 -38.08
N VAL M 150 41.08 -5.23 -38.82
CA VAL M 150 41.11 -5.94 -40.08
C VAL M 150 42.02 -5.23 -41.08
N GLU M 151 42.00 -3.89 -41.07
CA GLU M 151 42.83 -3.14 -42.00
C GLU M 151 44.31 -3.27 -41.67
N SER M 152 44.65 -3.38 -40.39
CA SER M 152 46.04 -3.59 -39.98
C SER M 152 46.42 -5.06 -39.92
N GLU M 153 45.47 -5.96 -40.15
CA GLU M 153 45.77 -7.39 -40.12
C GLU M 153 46.84 -7.80 -41.13
N PRO M 154 46.77 -7.42 -42.41
CA PRO M 154 47.82 -7.82 -43.35
C PRO M 154 49.06 -6.94 -43.35
N LEU M 155 49.20 -6.06 -42.35
CA LEU M 155 50.33 -5.16 -42.26
C LEU M 155 51.31 -5.57 -41.15
N ILE M 156 51.35 -6.85 -40.82
CA ILE M 156 52.22 -7.36 -39.77
C ILE M 156 53.43 -8.00 -40.43
N GLN M 157 54.62 -7.53 -40.05
CA GLN M 157 55.86 -8.09 -40.58
C GLN M 157 56.97 -7.86 -39.56
N LEU M 158 58.06 -8.59 -39.75
CA LEU M 158 59.21 -8.51 -38.87
C LEU M 158 59.84 -7.12 -38.94
N ALA M 159 60.72 -6.84 -37.98
CA ALA M 159 61.41 -5.55 -37.92
C ALA M 159 62.61 -5.53 -38.86
N MET N 1 -14.88 59.32 7.04
CA MET N 1 -15.53 59.61 8.31
C MET N 1 -15.53 58.38 9.21
N ALA N 2 -15.77 57.21 8.61
CA ALA N 2 -15.70 55.95 9.35
C ALA N 2 -14.37 55.26 9.22
N GLU N 3 -13.55 55.65 8.25
CA GLU N 3 -12.22 55.07 8.06
C GLU N 3 -11.13 55.85 8.80
N GLN N 4 -11.47 56.99 9.38
CA GLN N 4 -10.49 57.81 10.11
C GLN N 4 -10.58 57.49 11.60
N THR N 5 -10.15 56.26 11.94
CA THR N 5 -10.20 55.79 13.31
C THR N 5 -8.83 55.70 13.96
N GLU N 6 -7.78 56.18 13.29
CA GLU N 6 -6.43 56.09 13.80
C GLU N 6 -5.95 57.47 14.27
N ARG N 7 -4.74 57.51 14.82
CA ARG N 7 -4.20 58.76 15.33
C ARG N 7 -3.78 59.70 14.22
N ALA N 8 -3.41 59.15 13.06
CA ALA N 8 -3.02 59.96 11.91
C ALA N 8 -4.16 60.03 10.91
N TYR N 9 -3.99 60.93 9.93
CA TYR N 9 -4.98 61.09 8.87
C TYR N 9 -4.68 60.09 7.76
N GLN N 10 -5.68 59.30 7.40
CA GLN N 10 -5.52 58.25 6.41
C GLN N 10 -5.77 58.82 5.02
N LYS N 11 -4.76 58.72 4.15
CA LYS N 11 -4.87 59.16 2.78
C LYS N 11 -4.39 58.06 1.84
N GLN N 12 -4.87 58.11 0.61
CA GLN N 12 -4.39 57.18 -0.40
C GLN N 12 -2.97 57.55 -0.81
N VAL N 13 -2.30 56.60 -1.47
CA VAL N 13 -0.95 56.86 -1.97
C VAL N 13 -0.98 57.93 -3.06
N PHE N 14 -1.93 57.81 -3.99
CA PHE N 14 -2.13 58.78 -5.06
C PHE N 14 -3.46 59.47 -4.80
N HIS N 15 -3.40 60.62 -4.12
CA HIS N 15 -4.58 61.42 -3.83
C HIS N 15 -4.50 62.71 -4.63
N HIS N 16 -5.51 62.96 -5.46
CA HIS N 16 -5.56 64.14 -6.31
C HIS N 16 -6.94 64.75 -6.25
N HIS N 17 -6.99 66.08 -6.35
CA HIS N 17 -8.25 66.80 -6.32
C HIS N 17 -8.91 66.78 -7.69
N SER N 18 -10.22 66.59 -7.70
CA SER N 18 -10.98 66.58 -8.95
C SER N 18 -11.24 68.00 -9.42
N ARG N 19 -11.69 68.11 -10.67
CA ARG N 19 -12.09 69.40 -11.24
C ARG N 19 -13.58 69.63 -11.01
N ASN N 20 -13.93 70.87 -10.69
CA ASN N 20 -15.32 71.22 -10.49
C ASN N 20 -16.02 71.40 -11.84
N GLU N 21 -17.31 71.73 -11.79
CA GLU N 21 -18.08 71.90 -13.01
C GLU N 21 -17.57 73.07 -13.85
N LYS N 22 -16.88 74.03 -13.24
CA LYS N 22 -16.34 75.17 -13.97
C LYS N 22 -14.99 74.89 -14.62
N GLY N 23 -14.43 73.70 -14.43
CA GLY N 23 -13.22 73.30 -15.12
C GLY N 23 -11.92 73.63 -14.44
N GLU N 24 -11.93 73.87 -13.13
CA GLU N 24 -10.72 74.16 -12.39
C GLU N 24 -10.60 73.19 -11.22
N ILE N 25 -9.36 72.99 -10.76
CA ILE N 25 -9.09 72.03 -9.69
C ILE N 25 -9.91 72.39 -8.45
N ASP N 26 -10.66 71.42 -7.95
CA ASP N 26 -11.51 71.61 -6.77
C ASP N 26 -10.77 71.02 -5.58
N PHE N 27 -10.19 71.88 -4.76
CA PHE N 27 -9.45 71.43 -3.59
C PHE N 27 -10.36 70.92 -2.47
N GLY N 28 -11.67 71.03 -2.62
CA GLY N 28 -12.61 70.58 -1.61
C GLY N 28 -12.92 69.10 -1.64
N ASN N 29 -12.34 68.33 -2.55
CA ASN N 29 -12.55 66.90 -2.58
C ASN N 29 -11.33 66.21 -3.20
N VAL N 30 -11.25 64.91 -2.99
CA VAL N 30 -10.15 64.09 -3.48
C VAL N 30 -10.71 62.95 -4.32
N LYS N 31 -10.10 62.72 -5.47
CA LYS N 31 -10.51 61.61 -6.33
C LYS N 31 -10.21 60.28 -5.66
N ARG N 32 -11.15 59.35 -5.76
CA ARG N 32 -10.94 57.99 -5.28
C ARG N 32 -10.09 57.25 -6.29
N TYR N 33 -8.83 56.99 -5.94
CA TYR N 33 -7.92 56.31 -6.85
C TYR N 33 -8.19 54.81 -6.87
N HIS N 34 -8.23 54.25 -8.07
CA HIS N 34 -8.41 52.82 -8.24
C HIS N 34 -7.78 52.40 -9.56
N LYS N 35 -6.93 51.38 -9.50
CA LYS N 35 -6.24 50.86 -10.66
C LYS N 35 -6.70 49.43 -10.91
N GLN N 36 -6.30 48.88 -12.05
CA GLN N 36 -6.62 47.51 -12.40
C GLN N 36 -5.34 46.69 -12.46
N ILE N 37 -5.33 45.59 -11.71
CA ILE N 37 -4.21 44.65 -11.69
C ILE N 37 -4.26 43.82 -12.97
N GLY N 38 -3.27 42.96 -13.17
CA GLY N 38 -2.93 42.47 -14.48
C GLY N 38 -3.68 41.24 -14.95
N MET N 39 -3.07 40.07 -14.82
CA MET N 39 -3.40 38.91 -15.67
C MET N 39 -4.81 38.42 -15.37
N GLY N 40 -5.78 39.07 -16.01
CA GLY N 40 -7.16 38.62 -16.01
C GLY N 40 -7.85 38.67 -14.67
N PHE N 41 -7.61 39.71 -13.88
CA PHE N 41 -8.26 39.88 -12.59
C PHE N 41 -9.09 41.14 -12.62
N VAL N 42 -10.38 41.01 -12.29
CA VAL N 42 -11.30 42.14 -12.34
C VAL N 42 -11.28 42.84 -11.00
N THR N 43 -11.44 44.16 -11.02
CA THR N 43 -11.45 44.96 -9.81
C THR N 43 -12.81 44.86 -9.14
N PRO N 44 -12.89 44.45 -7.88
CA PRO N 44 -14.19 44.38 -7.20
C PRO N 44 -14.82 45.75 -7.11
N ALA N 45 -16.16 45.76 -7.13
CA ALA N 45 -16.89 47.03 -7.09
C ALA N 45 -16.62 47.81 -5.80
N GLU N 46 -16.26 47.11 -4.73
CA GLU N 46 -15.97 47.79 -3.47
C GLU N 46 -14.73 48.67 -3.59
N ALA N 47 -13.76 48.28 -4.42
CA ALA N 47 -12.59 49.11 -4.61
C ALA N 47 -12.90 50.39 -5.39
N ILE N 48 -14.05 50.46 -6.03
CA ILE N 48 -14.45 51.65 -6.79
C ILE N 48 -15.40 52.47 -5.95
N LYS N 49 -16.53 51.87 -5.57
CA LYS N 49 -17.56 52.61 -4.82
C LYS N 49 -17.13 52.83 -3.36
N GLY N 50 -16.45 51.85 -2.77
CA GLY N 50 -16.17 51.92 -1.35
C GLY N 50 -15.24 53.06 -0.99
N THR N 51 -15.30 53.45 0.29
CA THR N 51 -14.53 54.57 0.80
C THR N 51 -13.42 54.15 1.76
N TYR N 52 -13.10 52.87 1.82
CA TYR N 52 -12.05 52.40 2.71
C TYR N 52 -10.69 52.92 2.24
N ILE N 53 -9.73 52.92 3.17
CA ILE N 53 -8.37 53.36 2.90
C ILE N 53 -7.42 52.23 3.28
N ASP N 54 -6.56 51.85 2.35
CA ASP N 54 -5.55 50.83 2.61
C ASP N 54 -4.36 51.09 1.72
N LYS N 55 -3.16 51.07 2.30
CA LYS N 55 -1.93 51.29 1.55
C LYS N 55 -1.33 50.00 1.01
N LYS N 56 -1.95 48.86 1.29
CA LYS N 56 -1.46 47.58 0.79
C LYS N 56 -2.48 46.88 -0.09
N CYS N 57 -3.62 47.49 -0.37
CA CYS N 57 -4.61 46.89 -1.25
C CYS N 57 -4.09 46.92 -2.69
N PRO N 58 -4.10 45.80 -3.40
CA PRO N 58 -3.57 45.79 -4.77
C PRO N 58 -4.40 46.61 -5.75
N PHE N 59 -5.64 46.96 -5.41
CA PHE N 59 -6.49 47.69 -6.34
C PHE N 59 -6.46 49.19 -6.13
N THR N 60 -6.17 49.65 -4.91
CA THR N 60 -6.21 51.07 -4.59
C THR N 60 -4.90 51.57 -4.01
N SER N 61 -3.77 51.04 -4.48
CA SER N 61 -2.47 51.46 -3.97
C SER N 61 -1.43 51.19 -5.04
N ASP N 62 -0.16 51.35 -4.67
CA ASP N 62 0.96 51.16 -5.59
C ASP N 62 1.65 49.82 -5.41
N VAL N 63 1.03 48.89 -4.67
CA VAL N 63 1.58 47.54 -4.57
C VAL N 63 1.29 46.79 -5.86
N SER N 64 2.33 46.21 -6.44
CA SER N 64 2.19 45.45 -7.67
C SER N 64 2.00 43.97 -7.38
N ILE N 65 1.50 43.25 -8.37
CA ILE N 65 1.31 41.80 -8.29
C ILE N 65 2.28 41.16 -9.26
N ARG N 66 3.19 40.36 -8.72
CA ARG N 66 4.29 39.80 -9.48
C ARG N 66 4.00 38.34 -9.85
N GLY N 67 5.00 37.65 -10.38
CA GLY N 67 4.76 36.44 -11.15
C GLY N 67 4.05 35.34 -10.39
N ARG N 68 4.51 35.05 -9.18
CA ARG N 68 3.99 33.89 -8.45
C ARG N 68 2.51 34.09 -8.11
N THR N 69 1.73 33.03 -8.29
CA THR N 69 0.30 33.07 -8.02
C THR N 69 -0.14 31.69 -7.54
N LEU N 70 -0.84 31.66 -6.42
CA LEU N 70 -1.28 30.39 -5.83
C LEU N 70 -2.76 30.42 -5.50
N SER N 71 -3.24 29.38 -4.81
CA SER N 71 -4.63 29.30 -4.40
C SER N 71 -4.71 28.45 -3.14
N GLY N 72 -5.81 28.60 -2.41
CA GLY N 72 -5.96 27.87 -1.18
C GLY N 72 -7.30 28.14 -0.54
N ILE N 73 -7.41 27.74 0.73
CA ILE N 73 -8.63 27.86 1.51
C ILE N 73 -8.33 28.69 2.75
N VAL N 74 -9.19 29.66 3.04
CA VAL N 74 -9.01 30.51 4.21
C VAL N 74 -9.08 29.66 5.47
N LYS N 75 -8.09 29.82 6.34
CA LYS N 75 -8.03 29.07 7.60
C LYS N 75 -8.50 29.89 8.79
N SER N 76 -7.95 31.08 8.98
CA SER N 76 -8.32 31.95 10.09
C SER N 76 -8.56 33.36 9.58
N CYS N 77 -9.51 34.04 10.21
CA CYS N 77 -9.84 35.42 9.88
C CYS N 77 -9.98 36.25 11.14
N HIS N 78 -9.05 36.08 12.08
CA HIS N 78 -9.10 36.76 13.37
C HIS N 78 -8.25 38.03 13.40
N MET N 79 -7.21 38.09 12.59
CA MET N 79 -6.30 39.23 12.56
C MET N 79 -6.79 40.27 11.56
N LYS N 80 -6.41 41.52 11.81
CA LYS N 80 -6.96 42.66 11.07
C LYS N 80 -6.31 42.76 9.70
N ARG N 81 -7.15 42.75 8.66
CA ARG N 81 -6.70 42.88 7.27
C ARG N 81 -5.69 41.82 6.88
N THR N 82 -5.74 40.67 7.55
CA THR N 82 -4.83 39.57 7.27
C THR N 82 -5.56 38.26 7.50
N ILE N 83 -5.30 37.29 6.64
CA ILE N 83 -5.88 35.95 6.77
C ILE N 83 -4.76 34.93 6.59
N ILE N 84 -5.05 33.71 6.99
CA ILE N 84 -4.13 32.59 6.85
C ILE N 84 -4.73 31.63 5.83
N VAL N 85 -3.96 31.32 4.79
CA VAL N 85 -4.41 30.47 3.70
C VAL N 85 -3.67 29.15 3.78
N ARG N 86 -4.41 28.04 3.74
CA ARG N 86 -3.84 26.71 3.80
C ARG N 86 -3.91 26.07 2.43
N ARG N 87 -2.78 25.54 1.96
CA ARG N 87 -2.71 24.82 0.70
C ARG N 87 -2.46 23.35 0.99
N ASP N 88 -3.28 22.49 0.41
CA ASP N 88 -3.15 21.05 0.55
C ASP N 88 -2.61 20.47 -0.75
N TYR N 89 -1.46 19.83 -0.68
CA TYR N 89 -0.81 19.24 -1.85
C TYR N 89 -0.32 17.84 -1.49
N PHE N 90 0.13 17.11 -2.50
CA PHE N 90 0.60 15.75 -2.35
C PHE N 90 2.09 15.69 -2.64
N HIS N 91 2.85 15.05 -1.75
CA HIS N 91 4.29 14.89 -1.90
C HIS N 91 4.59 13.46 -2.33
N TYR N 92 5.41 13.32 -3.36
CA TYR N 92 5.71 12.02 -3.95
C TYR N 92 6.99 11.46 -3.34
N VAL N 93 6.88 10.30 -2.71
CA VAL N 93 8.04 9.60 -2.16
C VAL N 93 8.48 8.55 -3.17
N SER N 94 9.70 8.70 -3.66
CA SER N 94 10.15 7.90 -4.81
C SER N 94 10.26 6.43 -4.47
N LYS N 95 10.73 6.10 -3.26
CA LYS N 95 11.01 4.71 -2.93
C LYS N 95 9.73 3.88 -2.91
N TYR N 96 8.67 4.39 -2.32
CA TYR N 96 7.42 3.64 -2.21
C TYR N 96 6.47 3.89 -3.37
N GLN N 97 6.80 4.81 -4.28
CA GLN N 97 5.96 5.13 -5.44
C GLN N 97 4.55 5.51 -5.01
N ARG N 98 4.45 6.19 -3.88
CA ARG N 98 3.16 6.62 -3.34
C ARG N 98 3.27 8.05 -2.84
N TYR N 99 2.15 8.77 -2.93
CA TYR N 99 2.09 10.14 -2.49
C TYR N 99 1.67 10.21 -1.02
N GLU N 100 2.03 11.32 -0.38
CA GLU N 100 1.62 11.58 0.99
C GLU N 100 1.06 13.00 1.08
N LYS N 101 0.05 13.16 1.93
CA LYS N 101 -0.64 14.43 2.04
C LYS N 101 0.14 15.39 2.91
N ARG N 102 0.30 16.63 2.44
CA ARG N 102 1.02 17.65 3.16
C ARG N 102 0.22 18.95 3.10
N HIS N 103 0.65 19.92 3.90
CA HIS N 103 -0.03 21.22 3.95
C HIS N 103 0.96 22.27 4.40
N LYS N 104 0.70 23.51 3.98
CA LYS N 104 1.52 24.65 4.36
C LYS N 104 0.63 25.87 4.53
N ASN N 105 0.95 26.70 5.52
CA ASN N 105 0.17 27.88 5.84
C ASN N 105 0.88 29.12 5.32
N ILE N 106 0.15 29.95 4.57
CA ILE N 106 0.69 31.18 4.00
C ILE N 106 -0.11 32.34 4.57
N ALA N 107 0.59 33.29 5.19
CA ALA N 107 -0.06 34.49 5.69
C ALA N 107 -0.16 35.52 4.57
N VAL N 108 -1.39 35.87 4.20
CA VAL N 108 -1.62 36.77 3.07
C VAL N 108 -2.46 37.94 3.55
N HIS N 109 -2.39 39.03 2.80
CA HIS N 109 -3.07 40.27 3.14
C HIS N 109 -4.42 40.33 2.43
N CYS N 110 -5.47 40.60 3.19
CA CYS N 110 -6.83 40.67 2.66
C CYS N 110 -7.31 42.12 2.71
N SER N 111 -7.46 42.73 1.55
CA SER N 111 -7.93 44.11 1.50
C SER N 111 -9.39 44.20 1.90
N PRO N 112 -9.84 45.35 2.39
CA PRO N 112 -11.25 45.51 2.76
C PRO N 112 -12.20 45.50 1.56
N ALA N 113 -11.70 45.34 0.34
CA ALA N 113 -12.58 45.20 -0.81
C ALA N 113 -13.39 43.92 -0.74
N PHE N 114 -12.80 42.85 -0.22
CA PHE N 114 -13.48 41.57 -0.06
C PHE N 114 -14.11 41.54 1.32
N ARG N 115 -15.37 41.97 1.40
CA ARG N 115 -16.07 42.02 2.68
C ARG N 115 -16.74 40.70 3.05
N GLN N 116 -17.17 39.92 2.06
CA GLN N 116 -17.87 38.68 2.30
C GLN N 116 -16.93 37.49 2.45
N LEU N 117 -15.67 37.73 2.81
CA LEU N 117 -14.68 36.67 2.91
C LEU N 117 -14.68 36.12 4.33
N LYS N 118 -14.95 34.83 4.47
CA LYS N 118 -15.04 34.18 5.77
C LYS N 118 -14.13 32.96 5.79
N GLU N 119 -14.14 32.24 6.91
CA GLU N 119 -13.33 31.03 7.03
C GLU N 119 -13.90 29.93 6.15
N GLY N 120 -13.00 29.18 5.50
CA GLY N 120 -13.38 28.10 4.64
C GLY N 120 -13.58 28.46 3.18
N ASP N 121 -13.54 29.74 2.84
CA ASP N 121 -13.71 30.15 1.45
C ASP N 121 -12.49 29.81 0.63
N HIS N 122 -12.71 29.62 -0.68
CA HIS N 122 -11.63 29.37 -1.61
C HIS N 122 -11.09 30.70 -2.13
N VAL N 123 -9.78 30.88 -2.05
CA VAL N 123 -9.15 32.18 -2.30
C VAL N 123 -8.00 32.02 -3.26
N VAL N 124 -7.92 32.92 -4.23
CA VAL N 124 -6.78 33.02 -5.14
C VAL N 124 -5.90 34.17 -4.69
N ILE N 125 -4.61 33.92 -4.50
CA ILE N 125 -3.70 34.91 -3.99
C ILE N 125 -2.59 35.16 -5.00
N GLY N 126 -2.00 36.35 -4.93
CA GLY N 126 -0.86 36.69 -5.75
C GLY N 126 0.26 37.21 -4.89
N GLN N 127 1.47 37.21 -5.45
CA GLN N 127 2.67 37.54 -4.72
C GLN N 127 3.04 39.00 -4.93
N CYS N 128 3.35 39.69 -3.84
CA CYS N 128 3.73 41.10 -3.89
C CYS N 128 4.99 41.32 -3.07
N ARG N 129 5.36 42.59 -2.85
CA ARG N 129 6.51 42.89 -2.03
C ARG N 129 6.21 42.55 -0.56
N PRO N 130 7.24 42.24 0.22
CA PRO N 130 7.03 41.98 1.66
C PRO N 130 6.28 43.11 2.35
N LEU N 131 5.08 42.83 2.84
CA LEU N 131 4.26 43.81 3.53
C LEU N 131 4.31 43.68 5.05
N SER N 132 5.04 42.69 5.57
CA SER N 132 5.17 42.46 7.00
C SER N 132 6.31 41.47 7.19
N LYS N 133 6.47 40.96 8.40
CA LYS N 133 7.49 39.95 8.64
C LYS N 133 7.21 38.68 7.83
N THR N 134 5.95 38.28 7.75
CA THR N 134 5.57 37.07 7.03
C THR N 134 4.59 37.31 5.89
N VAL N 135 3.81 38.38 5.93
CA VAL N 135 2.80 38.63 4.91
C VAL N 135 3.53 39.05 3.62
N ARG N 136 3.49 38.19 2.60
CA ARG N 136 4.13 38.48 1.33
C ARG N 136 3.21 38.19 0.15
N PHE N 137 1.92 38.03 0.39
CA PHE N 137 0.95 37.73 -0.65
C PHE N 137 -0.25 38.64 -0.50
N ASN N 138 -1.15 38.59 -1.49
CA ASN N 138 -2.32 39.45 -1.49
C ASN N 138 -3.48 38.71 -2.13
N VAL N 139 -4.68 38.90 -1.59
CA VAL N 139 -5.87 38.23 -2.08
C VAL N 139 -6.36 38.93 -3.33
N LEU N 140 -6.56 38.16 -4.40
CA LEU N 140 -7.03 38.71 -5.67
C LEU N 140 -8.49 38.40 -5.95
N LYS N 141 -8.98 37.23 -5.56
CA LYS N 141 -10.39 36.87 -5.71
C LYS N 141 -10.71 35.78 -4.72
N PHE N 142 -12.01 35.60 -4.47
CA PHE N 142 -12.45 34.58 -3.53
C PHE N 142 -13.84 34.10 -3.91
N THR N 143 -14.12 32.84 -3.57
CA THR N 143 -15.42 32.21 -3.82
C THR N 143 -15.94 31.65 -2.51
N SER N 144 -17.20 31.93 -2.21
CA SER N 144 -17.79 31.45 -0.96
C SER N 144 -18.07 29.95 -1.05
N ARG N 145 -18.13 29.31 0.12
CA ARG N 145 -18.34 27.86 0.18
C ARG N 145 -19.34 27.51 1.26
N GLY N 146 -19.44 26.22 1.60
CA GLY N 146 -20.40 25.78 2.58
C GLY N 146 -20.10 26.33 3.97
N THR N 147 -21.15 26.37 4.79
CA THR N 147 -21.07 26.95 6.12
C THR N 147 -20.89 25.87 7.19
N GLY N 148 -20.35 26.29 8.32
CA GLY N 148 -20.12 25.42 9.46
C GLY N 148 -20.52 26.08 10.75
N ASP N 149 -21.65 26.81 10.72
CA ASP N 149 -22.27 27.50 11.85
C ASP N 149 -21.31 28.48 12.53
N LYS N 150 -20.12 28.65 11.97
CA LYS N 150 -19.13 29.61 12.46
C LYS N 150 -18.78 30.52 11.29
N LYS N 151 -19.56 31.59 11.12
CA LYS N 151 -19.32 32.56 10.06
C LYS N 151 -18.37 33.63 10.61
N GLN N 152 -17.08 33.32 10.57
CA GLN N 152 -16.05 34.24 11.04
C GLN N 152 -15.58 35.06 9.84
N PHE N 153 -16.10 36.27 9.73
CA PHE N 153 -15.75 37.15 8.62
C PHE N 153 -14.46 37.91 8.92
N ALA N 154 -13.89 38.50 7.89
CA ALA N 154 -12.64 39.25 8.01
C ALA N 154 -12.83 40.48 8.88
N GLY O 2 -22.27 -6.97 6.31
CA GLY O 2 -22.98 -7.27 7.53
C GLY O 2 -23.47 -6.03 8.25
N ARG O 3 -24.18 -6.23 9.35
CA ARG O 3 -24.69 -5.10 10.12
C ARG O 3 -23.55 -4.27 10.68
N MET O 4 -23.85 -3.01 10.99
CA MET O 4 -22.81 -2.06 11.36
C MET O 4 -22.10 -2.47 12.64
N TYR O 5 -22.86 -2.93 13.65
CA TYR O 5 -22.31 -3.04 14.99
C TYR O 5 -22.20 -4.47 15.53
N ASN O 6 -22.88 -5.44 14.94
CA ASN O 6 -22.80 -6.82 15.41
C ASN O 6 -22.48 -7.74 14.25
N PRO O 7 -21.96 -8.94 14.53
CA PRO O 7 -21.53 -9.83 13.45
C PRO O 7 -22.68 -10.49 12.68
N GLY O 8 -23.91 -10.08 12.95
CA GLY O 8 -25.03 -10.63 12.21
C GLY O 8 -24.97 -10.26 10.74
N ARG O 9 -25.48 -11.16 9.90
CA ARG O 9 -25.42 -10.97 8.45
C ARG O 9 -26.69 -11.55 7.84
N GLY O 10 -27.66 -10.69 7.61
CA GLY O 10 -28.91 -11.08 6.99
C GLY O 10 -29.11 -10.34 5.67
N ILE O 11 -29.79 -10.98 4.73
CA ILE O 11 -29.99 -10.40 3.42
C ILE O 11 -31.48 -10.25 3.14
N SER O 12 -32.27 -10.02 4.18
CA SER O 12 -33.71 -9.79 4.00
C SER O 12 -33.91 -8.46 3.30
N ARG O 13 -34.28 -8.51 2.01
CA ARG O 13 -34.44 -7.33 1.19
C ARG O 13 -35.80 -7.36 0.51
N ARG O 14 -36.10 -6.27 -0.19
CA ARG O 14 -37.21 -6.20 -1.13
C ARG O 14 -36.67 -6.28 -2.55
N CYS O 15 -37.51 -6.73 -3.47
CA CYS O 15 -37.10 -6.95 -4.85
C CYS O 15 -37.99 -6.14 -5.79
N ILE O 16 -37.50 -4.99 -6.21
CA ILE O 16 -38.24 -4.15 -7.16
C ILE O 16 -38.37 -4.91 -8.48
N PRO O 17 -39.54 -4.97 -9.09
CA PRO O 17 -39.67 -5.70 -10.36
C PRO O 17 -39.03 -4.93 -11.51
N TYR O 18 -38.72 -5.67 -12.57
CA TYR O 18 -38.16 -5.08 -13.79
C TYR O 18 -39.28 -4.47 -14.62
N ARG O 19 -39.93 -3.45 -14.03
CA ARG O 19 -40.97 -2.70 -14.73
C ARG O 19 -41.05 -1.34 -14.04
N ARG O 20 -40.44 -0.33 -14.65
CA ARG O 20 -40.39 0.99 -14.04
C ARG O 20 -41.68 1.77 -14.22
N SER O 21 -42.60 1.29 -15.06
CA SER O 21 -43.88 1.93 -15.26
C SER O 21 -44.96 1.25 -14.44
N ALA O 22 -46.08 1.94 -14.27
CA ALA O 22 -47.19 1.39 -13.51
C ALA O 22 -47.77 0.17 -14.22
N PRO O 23 -48.28 -0.79 -13.48
CA PRO O 23 -48.87 -1.97 -14.11
C PRO O 23 -50.15 -1.62 -14.86
N SER O 24 -50.50 -2.49 -15.80
CA SER O 24 -51.65 -2.22 -16.66
C SER O 24 -52.95 -2.09 -15.88
N TRP O 25 -53.14 -2.96 -14.88
CA TRP O 25 -54.39 -2.98 -14.13
C TRP O 25 -54.54 -1.76 -13.22
N LEU O 26 -53.50 -0.96 -13.03
CA LEU O 26 -53.59 0.21 -12.18
C LEU O 26 -54.16 1.39 -12.96
N LYS O 27 -55.20 2.02 -12.42
CA LYS O 27 -55.91 3.08 -13.12
C LYS O 27 -55.94 4.42 -12.40
N THR O 28 -55.62 4.46 -11.10
CA THR O 28 -55.67 5.72 -10.37
C THR O 28 -54.58 6.66 -10.86
N SER O 29 -54.96 7.91 -11.14
CA SER O 29 -54.03 8.89 -11.66
C SER O 29 -53.23 9.50 -10.51
N THR O 30 -52.35 10.45 -10.86
CA THR O 30 -51.49 11.06 -9.86
C THR O 30 -52.28 11.94 -8.89
N LEU O 31 -53.39 12.53 -9.35
CA LEU O 31 -54.15 13.43 -8.48
C LEU O 31 -54.67 12.70 -7.25
N GLU O 32 -55.25 11.52 -7.44
CA GLU O 32 -55.71 10.74 -6.29
C GLU O 32 -54.55 10.25 -5.45
N VAL O 33 -53.44 9.86 -6.09
CA VAL O 33 -52.28 9.38 -5.35
C VAL O 33 -51.70 10.48 -4.49
N ILE O 34 -51.56 11.69 -5.05
CA ILE O 34 -50.95 12.80 -4.31
C ILE O 34 -51.82 13.17 -3.12
N ASP O 35 -53.12 13.36 -3.34
CA ASP O 35 -53.99 13.80 -2.26
C ASP O 35 -54.14 12.71 -1.19
N GLU O 36 -54.24 11.45 -1.59
CA GLU O 36 -54.27 10.37 -0.61
C GLU O 36 -52.99 10.34 0.20
N MET O 37 -51.84 10.51 -0.47
CA MET O 37 -50.59 10.66 0.26
C MET O 37 -50.56 11.96 1.05
N CYS O 38 -51.14 13.02 0.50
CA CYS O 38 -51.17 14.30 1.21
C CYS O 38 -51.94 14.20 2.51
N LYS O 39 -53.09 13.52 2.49
CA LYS O 39 -53.88 13.38 3.70
C LYS O 39 -53.15 12.55 4.76
N LEU O 40 -52.43 11.51 4.33
CA LEU O 40 -51.69 10.69 5.28
C LEU O 40 -50.59 11.49 5.96
N ALA O 41 -49.90 12.36 5.22
CA ALA O 41 -48.83 13.16 5.80
C ALA O 41 -49.37 14.07 6.89
N LYS O 42 -50.55 14.67 6.68
CA LYS O 42 -51.13 15.54 7.68
C LYS O 42 -51.49 14.80 8.96
N LYS O 43 -51.64 13.47 8.90
CA LYS O 43 -52.00 12.69 10.06
C LYS O 43 -50.80 12.33 10.93
N GLY O 44 -49.59 12.74 10.54
CA GLY O 44 -48.40 12.41 11.30
C GLY O 44 -47.95 10.99 11.07
N ILE O 45 -47.62 10.67 9.83
CA ILE O 45 -47.19 9.32 9.46
C ILE O 45 -45.86 9.43 8.73
N ALA O 46 -44.93 8.55 9.06
CA ALA O 46 -43.61 8.56 8.45
C ALA O 46 -43.72 8.27 6.95
N PRO O 47 -42.83 8.84 6.14
CA PRO O 47 -42.89 8.56 4.69
C PRO O 47 -42.75 7.09 4.36
N SER O 48 -41.95 6.34 5.12
CA SER O 48 -41.84 4.90 4.89
C SER O 48 -43.16 4.20 5.12
N GLN O 49 -43.90 4.60 6.16
CA GLN O 49 -45.19 4.01 6.43
C GLN O 49 -46.27 4.51 5.48
N ILE O 50 -46.13 5.74 4.97
CA ILE O 50 -47.11 6.27 4.04
C ILE O 50 -47.18 5.42 2.78
N GLY O 51 -46.01 5.10 2.22
CA GLY O 51 -45.99 4.26 1.03
C GLY O 51 -46.57 2.88 1.26
N ALA O 52 -46.31 2.31 2.43
CA ALA O 52 -46.85 1.00 2.75
C ALA O 52 -48.37 1.02 2.79
N ILE O 53 -48.95 2.08 3.37
CA ILE O 53 -50.41 2.17 3.44
C ILE O 53 -51.01 2.25 2.05
N MET O 54 -50.39 3.02 1.15
CA MET O 54 -50.86 3.07 -0.22
C MET O 54 -50.76 1.71 -0.89
N ARG O 55 -49.64 1.01 -0.67
CA ARG O 55 -49.46 -0.30 -1.28
C ARG O 55 -50.45 -1.33 -0.77
N ASP O 56 -50.69 -1.34 0.54
CA ASP O 56 -51.56 -2.35 1.12
C ASP O 56 -53.03 -2.09 0.81
N THR O 57 -53.44 -0.83 0.84
CA THR O 57 -54.85 -0.47 0.71
C THR O 57 -55.23 -0.03 -0.69
N HIS O 58 -54.45 0.86 -1.30
CA HIS O 58 -54.79 1.43 -2.59
C HIS O 58 -54.15 0.71 -3.76
N GLY O 59 -53.28 -0.27 -3.51
CA GLY O 59 -52.63 -1.00 -4.60
C GLY O 59 -51.72 -0.14 -5.45
N VAL O 60 -50.92 0.71 -4.83
CA VAL O 60 -50.04 1.65 -5.53
C VAL O 60 -48.59 1.31 -5.19
N GLY O 61 -48.29 0.01 -5.09
CA GLY O 61 -47.07 -0.51 -4.50
C GLY O 61 -45.81 0.31 -4.69
N LEU O 62 -45.60 0.86 -5.89
CA LEU O 62 -44.52 1.80 -6.12
C LEU O 62 -45.12 3.13 -6.57
N VAL O 63 -44.77 4.20 -5.84
CA VAL O 63 -45.30 5.52 -6.17
C VAL O 63 -44.49 6.16 -7.30
N LYS O 64 -43.19 5.90 -7.37
CA LYS O 64 -42.38 6.43 -8.46
C LYS O 64 -42.79 5.89 -9.82
N SER O 65 -43.45 4.73 -9.85
CA SER O 65 -43.94 4.19 -11.11
C SER O 65 -45.20 4.88 -11.59
N VAL O 66 -45.89 5.61 -10.73
CA VAL O 66 -47.13 6.27 -11.09
C VAL O 66 -46.93 7.77 -11.25
N THR O 67 -46.31 8.42 -10.28
CA THR O 67 -46.14 9.87 -10.29
C THR O 67 -44.81 10.31 -10.87
N GLY O 68 -43.84 9.41 -11.00
CA GLY O 68 -42.53 9.76 -11.52
C GLY O 68 -41.60 10.40 -10.52
N SER O 69 -42.02 10.59 -9.27
CA SER O 69 -41.18 11.16 -8.24
C SER O 69 -41.41 10.44 -6.93
N LYS O 70 -40.39 10.41 -6.08
CA LYS O 70 -40.45 9.64 -4.86
C LYS O 70 -41.37 10.30 -3.83
N VAL O 71 -41.63 9.56 -2.74
CA VAL O 71 -42.55 10.04 -1.71
C VAL O 71 -42.01 11.30 -1.07
N LEU O 72 -40.71 11.29 -0.70
CA LEU O 72 -40.14 12.44 -0.02
C LEU O 72 -40.16 13.68 -0.92
N ARG O 73 -39.87 13.50 -2.21
CA ARG O 73 -39.95 14.62 -3.15
C ARG O 73 -41.37 15.17 -3.22
N ILE O 74 -42.36 14.29 -3.23
CA ILE O 74 -43.75 14.73 -3.23
C ILE O 74 -44.07 15.52 -1.97
N LEU O 75 -43.63 15.01 -0.82
CA LEU O 75 -43.93 15.68 0.44
C LEU O 75 -43.22 17.03 0.56
N LYS O 76 -41.99 17.12 0.04
CA LYS O 76 -41.28 18.40 0.07
C LYS O 76 -42.00 19.44 -0.77
N LEU O 77 -42.51 19.04 -1.95
CA LEU O 77 -43.22 19.99 -2.80
C LEU O 77 -44.47 20.53 -2.12
N ALA O 78 -45.21 19.66 -1.43
CA ALA O 78 -46.35 20.11 -0.64
C ALA O 78 -45.92 20.77 0.67
N GLY O 79 -44.63 20.71 1.02
CA GLY O 79 -44.16 21.28 2.26
C GLY O 79 -44.46 20.47 3.49
N LEU O 80 -44.92 19.24 3.35
CA LEU O 80 -45.30 18.41 4.48
C LEU O 80 -44.19 17.47 4.93
N ALA O 81 -43.01 17.57 4.34
CA ALA O 81 -41.88 16.79 4.81
C ALA O 81 -41.47 17.27 6.19
N PRO O 82 -41.29 16.37 7.16
CA PRO O 82 -40.90 16.81 8.50
C PRO O 82 -39.51 17.42 8.49
N LYS O 83 -39.30 18.38 9.39
CA LYS O 83 -38.02 19.08 9.45
C LYS O 83 -36.88 18.12 9.78
N ILE O 84 -37.10 17.22 10.74
CA ILE O 84 -36.11 16.22 11.11
C ILE O 84 -36.32 15.01 10.20
N PRO O 85 -35.28 14.54 9.50
CA PRO O 85 -35.47 13.40 8.60
C PRO O 85 -35.99 12.18 9.34
N GLU O 86 -36.79 11.38 8.63
CA GLU O 86 -37.53 10.30 9.29
C GLU O 86 -36.60 9.28 9.93
N ASP O 87 -35.54 8.87 9.23
CA ASP O 87 -34.66 7.86 9.78
C ASP O 87 -33.90 8.39 10.99
N LEU O 88 -33.48 9.65 10.96
CA LEU O 88 -32.84 10.25 12.12
C LEU O 88 -33.83 10.42 13.27
N TYR O 89 -35.08 10.78 12.96
CA TYR O 89 -36.08 10.99 14.01
C TYR O 89 -36.35 9.71 14.78
N PHE O 90 -36.49 8.58 14.07
CA PHE O 90 -36.77 7.32 14.76
C PHE O 90 -35.58 6.87 15.59
N LEU O 91 -34.36 7.21 15.19
CA LEU O 91 -33.19 6.86 15.97
C LEU O 91 -33.15 7.62 17.28
N MET O 92 -33.50 8.91 17.25
CA MET O 92 -33.55 9.69 18.49
C MET O 92 -34.74 9.32 19.34
N LYS O 93 -35.77 8.70 18.76
CA LYS O 93 -36.87 8.20 19.57
C LYS O 93 -36.46 6.98 20.38
N ARG O 94 -35.56 6.15 19.84
CA ARG O 94 -35.09 4.98 20.58
C ARG O 94 -34.08 5.38 21.65
N ALA O 95 -33.22 6.34 21.36
CA ALA O 95 -32.25 6.79 22.35
C ALA O 95 -32.94 7.40 23.56
N VAL O 96 -34.03 8.15 23.34
CA VAL O 96 -34.80 8.71 24.44
C VAL O 96 -35.44 7.59 25.26
N SER O 97 -36.03 6.60 24.58
CA SER O 97 -36.74 5.53 25.28
C SER O 97 -35.78 4.71 26.14
N VAL O 98 -34.60 4.37 25.61
CA VAL O 98 -33.63 3.63 26.39
C VAL O 98 -33.16 4.44 27.59
N ARG O 99 -32.93 5.74 27.38
CA ARG O 99 -32.47 6.60 28.47
C ARG O 99 -33.48 6.67 29.60
N LYS O 100 -34.77 6.76 29.25
CA LYS O 100 -35.80 6.80 30.28
C LYS O 100 -35.80 5.54 31.12
N HIS O 101 -35.67 4.39 30.48
CA HIS O 101 -35.57 3.13 31.22
C HIS O 101 -34.32 3.09 32.09
N LEU O 102 -33.24 3.73 31.63
CA LEU O 102 -31.98 3.68 32.36
C LEU O 102 -32.00 4.53 33.63
N GLU O 103 -32.91 5.50 33.73
CA GLU O 103 -32.96 6.33 34.92
C GLU O 103 -33.34 5.52 36.15
N LYS O 104 -34.31 4.62 36.01
CA LYS O 104 -34.74 3.79 37.13
C LYS O 104 -33.88 2.54 37.30
N ASN O 105 -33.39 1.97 36.21
CA ASN O 105 -32.55 0.76 36.25
C ASN O 105 -31.10 1.17 35.99
N LYS O 106 -30.41 1.57 37.07
CA LYS O 106 -29.04 2.03 36.94
C LYS O 106 -28.06 0.89 36.70
N LYS O 107 -28.39 -0.32 37.13
CA LYS O 107 -27.46 -1.45 37.06
C LYS O 107 -27.50 -2.18 35.72
N ASP O 108 -28.34 -1.76 34.79
CA ASP O 108 -28.43 -2.42 33.50
C ASP O 108 -27.21 -2.04 32.66
N LYS O 109 -26.29 -2.98 32.50
CA LYS O 109 -25.06 -2.72 31.77
C LYS O 109 -25.18 -3.03 30.28
N ASP O 110 -26.17 -3.81 29.87
CA ASP O 110 -26.39 -4.02 28.45
C ASP O 110 -27.13 -2.87 27.80
N ALA O 111 -28.04 -2.22 28.54
CA ALA O 111 -28.72 -1.05 28.02
C ALA O 111 -27.77 0.12 27.85
N LYS O 112 -26.79 0.25 28.73
CA LYS O 112 -25.78 1.30 28.58
C LYS O 112 -24.93 1.07 27.34
N TYR O 113 -24.59 -0.18 27.06
CA TYR O 113 -23.83 -0.49 25.85
C TYR O 113 -24.63 -0.17 24.59
N HIS O 114 -25.90 -0.61 24.55
CA HIS O 114 -26.70 -0.40 23.35
C HIS O 114 -27.10 1.06 23.19
N LEU O 115 -27.22 1.80 24.29
CA LEU O 115 -27.44 3.23 24.17
C LEU O 115 -26.23 3.91 23.54
N ILE O 116 -25.03 3.43 23.87
CA ILE O 116 -23.81 3.98 23.27
C ILE O 116 -23.80 3.71 21.77
N LEU O 117 -24.19 2.50 21.37
CA LEU O 117 -24.25 2.19 19.93
C LEU O 117 -25.29 3.03 19.22
N ILE O 118 -26.44 3.26 19.86
CA ILE O 118 -27.49 4.05 19.24
C ILE O 118 -27.04 5.49 19.06
N GLU O 119 -26.40 6.07 20.07
CA GLU O 119 -25.96 7.46 19.96
C GLU O 119 -24.84 7.62 18.95
N SER O 120 -23.99 6.61 18.79
CA SER O 120 -22.97 6.66 17.75
C SER O 120 -23.62 6.69 16.36
N LYS O 121 -24.71 5.95 16.19
CA LYS O 121 -25.46 6.02 14.93
C LYS O 121 -25.99 7.41 14.69
N ILE O 122 -26.50 8.07 15.74
CA ILE O 122 -27.06 9.41 15.59
C ILE O 122 -25.98 10.39 15.12
N HIS O 123 -24.79 10.31 15.71
CA HIS O 123 -23.71 11.19 15.30
C HIS O 123 -23.22 10.88 13.89
N ARG O 124 -23.42 9.65 13.42
CA ARG O 124 -23.08 9.33 12.03
C ARG O 124 -24.11 9.92 11.07
N LEU O 125 -25.39 9.81 11.40
CA LEU O 125 -26.43 10.34 10.53
C LEU O 125 -26.46 11.86 10.56
N THR O 126 -26.28 12.45 11.73
CA THR O 126 -26.29 13.91 11.85
C THR O 126 -25.15 14.52 11.04
N ARG O 127 -23.98 13.88 11.05
CA ARG O 127 -22.86 14.37 10.26
C ARG O 127 -23.17 14.30 8.77
N TYR O 128 -23.80 13.21 8.32
CA TYR O 128 -24.10 13.07 6.90
C TYR O 128 -25.13 14.11 6.45
N TYR O 129 -26.22 14.25 7.21
CA TYR O 129 -27.28 15.17 6.80
C TYR O 129 -26.81 16.61 6.81
N LYS O 130 -25.78 16.93 7.61
CA LYS O 130 -25.24 18.28 7.57
C LYS O 130 -24.41 18.52 6.31
N SER O 131 -23.73 17.49 5.81
CA SER O 131 -23.03 17.62 4.55
C SER O 131 -23.99 17.66 3.38
N ALA O 132 -25.17 17.06 3.52
CA ALA O 132 -26.20 17.08 2.51
C ALA O 132 -27.10 18.31 2.61
N LYS O 133 -26.80 19.22 3.54
CA LYS O 133 -27.52 20.46 3.77
C LYS O 133 -28.98 20.24 4.17
N VAL O 134 -29.34 19.02 4.55
CA VAL O 134 -30.69 18.76 5.03
C VAL O 134 -30.91 19.43 6.39
N LEU O 135 -29.95 19.27 7.29
CA LEU O 135 -30.00 19.88 8.61
C LEU O 135 -29.08 21.08 8.65
N GLU O 136 -29.57 22.18 9.21
CA GLU O 136 -28.72 23.36 9.37
C GLU O 136 -27.59 23.05 10.35
N ALA O 137 -26.46 23.73 10.13
CA ALA O 137 -25.28 23.46 10.95
C ALA O 137 -25.51 23.76 12.42
N SER O 138 -26.50 24.57 12.75
CA SER O 138 -26.82 24.87 14.15
C SER O 138 -27.46 23.70 14.87
N PHE O 139 -27.93 22.69 14.15
CA PHE O 139 -28.54 21.52 14.78
C PHE O 139 -27.49 20.73 15.55
N LYS O 140 -27.90 20.19 16.70
CA LYS O 140 -27.01 19.36 17.50
C LYS O 140 -27.86 18.50 18.42
N TYR O 141 -27.54 17.21 18.49
CA TYR O 141 -28.30 16.29 19.31
C TYR O 141 -27.83 16.38 20.76
N ASP O 142 -28.78 16.57 21.67
CA ASP O 142 -28.49 16.63 23.10
C ASP O 142 -29.53 15.84 23.86
N ALA O 143 -29.08 15.09 24.87
CA ALA O 143 -30.01 14.27 25.66
C ALA O 143 -31.03 15.14 26.39
N ASN O 144 -30.60 16.27 26.94
CA ASN O 144 -31.49 17.15 27.68
C ASN O 144 -32.52 17.83 26.79
N THR O 145 -32.33 17.79 25.47
CA THR O 145 -33.20 18.47 24.53
C THR O 145 -34.04 17.53 23.70
N ALA O 146 -33.48 16.37 23.30
CA ALA O 146 -34.18 15.46 22.41
C ALA O 146 -35.47 14.91 23.00
N SER O 147 -35.59 14.90 24.33
CA SER O 147 -36.81 14.37 24.94
C SER O 147 -38.04 15.17 24.54
N ALA O 148 -37.88 16.46 24.27
CA ALA O 148 -39.00 17.33 23.92
C ALA O 148 -39.34 17.28 22.44
N ILE O 149 -38.33 17.41 21.57
CA ILE O 149 -38.59 17.45 20.14
C ILE O 149 -39.07 16.10 19.63
N VAL O 150 -38.51 15.01 20.17
CA VAL O 150 -38.91 13.67 19.74
C VAL O 150 -40.34 13.37 20.19
N SER O 151 -40.63 13.67 21.46
CA SER O 151 -41.90 13.35 22.15
C SER O 151 -43.07 12.94 21.28
N GLU P 13 -43.19 -65.92 80.05
CA GLU P 13 -44.15 -65.94 78.94
C GLU P 13 -43.75 -64.96 77.85
N VAL P 14 -44.59 -63.95 77.62
CA VAL P 14 -44.36 -62.97 76.57
C VAL P 14 -43.43 -61.89 77.10
N ILE P 15 -42.58 -61.39 76.22
CA ILE P 15 -41.68 -60.28 76.59
C ILE P 15 -42.52 -59.02 76.81
N PRO P 16 -42.31 -58.29 77.90
CA PRO P 16 -43.11 -57.08 78.14
C PRO P 16 -43.00 -56.10 76.99
N GLY P 17 -44.14 -55.55 76.57
CA GLY P 17 -44.19 -54.61 75.48
C GLY P 17 -44.31 -55.23 74.11
N SER P 18 -44.10 -56.54 73.98
CA SER P 18 -44.19 -57.19 72.69
C SER P 18 -45.63 -57.42 72.28
N THR P 19 -45.86 -57.51 70.97
CA THR P 19 -47.18 -57.80 70.44
C THR P 19 -47.14 -58.93 69.42
N LYS P 20 -48.23 -59.15 68.71
CA LYS P 20 -48.31 -60.18 67.69
C LYS P 20 -47.66 -59.71 66.40
N ASP P 21 -47.89 -60.43 65.31
CA ASP P 21 -47.31 -60.10 64.01
C ASP P 21 -47.57 -58.65 63.65
N ALA P 22 -46.50 -57.87 63.55
CA ALA P 22 -46.61 -56.44 63.25
C ALA P 22 -45.66 -56.06 62.13
N PHE P 23 -45.54 -54.76 61.86
CA PHE P 23 -44.69 -54.25 60.80
C PHE P 23 -43.68 -53.27 61.36
N GLY P 24 -42.45 -53.36 60.86
CA GLY P 24 -41.42 -52.39 61.16
C GLY P 24 -40.78 -51.89 59.88
N VAL P 25 -39.89 -50.92 60.03
CA VAL P 25 -39.14 -50.36 58.91
C VAL P 25 -37.68 -50.28 59.32
N ALA P 26 -36.80 -50.80 58.45
CA ALA P 26 -35.37 -50.86 58.72
C ALA P 26 -34.66 -49.77 57.94
N HIS P 27 -33.88 -48.95 58.64
CA HIS P 27 -33.13 -47.87 58.03
C HIS P 27 -31.67 -48.32 57.91
N ILE P 28 -31.35 -48.98 56.80
CA ILE P 28 -30.01 -49.48 56.55
C ILE P 28 -29.22 -48.34 55.92
N TYR P 29 -28.37 -47.70 56.71
CA TYR P 29 -27.51 -46.62 56.26
C TYR P 29 -26.08 -47.14 56.28
N ALA P 30 -25.53 -47.46 55.12
CA ALA P 30 -24.21 -48.07 55.01
C ALA P 30 -23.31 -47.16 54.17
N THR P 31 -22.33 -46.54 54.82
CA THR P 31 -21.35 -45.73 54.13
C THR P 31 -20.14 -46.60 53.77
N PHE P 32 -19.06 -45.97 53.34
CA PHE P 32 -17.82 -46.68 53.09
C PHE P 32 -16.95 -46.80 54.34
N ASN P 33 -17.35 -46.17 55.44
CA ASN P 33 -16.59 -46.21 56.68
C ASN P 33 -17.33 -46.87 57.83
N ASP P 34 -18.59 -47.23 57.64
CA ASP P 34 -19.40 -47.88 58.68
C ASP P 34 -20.70 -48.36 58.02
N THR P 35 -21.54 -49.00 58.82
CA THR P 35 -22.86 -49.43 58.38
C THR P 35 -23.81 -49.42 59.56
N PHE P 36 -25.05 -49.00 59.31
CA PHE P 36 -26.07 -48.88 60.35
C PHE P 36 -27.25 -49.77 60.01
N VAL P 37 -27.72 -50.52 60.99
CA VAL P 37 -28.98 -51.25 60.90
C VAL P 37 -29.87 -50.75 62.01
N HIS P 38 -30.97 -50.11 61.63
CA HIS P 38 -31.81 -49.38 62.57
C HIS P 38 -33.26 -49.61 62.18
N VAL P 39 -34.03 -50.23 63.06
CA VAL P 39 -35.44 -50.52 62.81
C VAL P 39 -36.29 -49.67 63.75
N THR P 40 -37.35 -49.10 63.19
CA THR P 40 -38.29 -48.29 63.96
C THR P 40 -39.70 -48.81 63.77
N ASP P 41 -40.69 -48.07 64.28
CA ASP P 41 -42.08 -48.42 64.03
C ASP P 41 -42.54 -47.75 62.74
N ILE P 42 -43.83 -47.87 62.43
CA ILE P 42 -44.37 -47.23 61.23
C ILE P 42 -44.24 -45.72 61.31
N SER P 43 -44.42 -45.16 62.52
CA SER P 43 -44.27 -43.72 62.69
C SER P 43 -42.84 -43.28 62.47
N GLY P 44 -41.87 -44.08 62.91
CA GLY P 44 -40.47 -43.74 62.80
C GLY P 44 -39.90 -42.99 63.97
N LYS P 45 -40.73 -42.58 64.93
CA LYS P 45 -40.26 -41.87 66.11
C LYS P 45 -39.83 -42.81 67.24
N GLU P 46 -40.18 -44.09 67.16
CA GLU P 46 -39.81 -45.08 68.17
C GLU P 46 -38.89 -46.09 67.52
N THR P 47 -37.71 -46.28 68.09
CA THR P 47 -36.74 -47.24 67.58
C THR P 47 -36.81 -48.52 68.41
N ILE P 48 -36.71 -49.66 67.72
CA ILE P 48 -36.82 -50.96 68.36
C ILE P 48 -35.43 -51.42 68.79
N ILE P 49 -34.54 -51.58 67.82
CA ILE P 49 -33.15 -51.95 68.10
C ILE P 49 -32.27 -51.34 67.01
N ARG P 50 -31.16 -50.76 67.43
CA ARG P 50 -30.21 -50.11 66.52
C ARG P 50 -28.83 -50.71 66.75
N ILE P 51 -28.33 -51.45 65.76
CA ILE P 51 -27.02 -52.07 65.82
C ILE P 51 -26.21 -51.58 64.62
N THR P 52 -24.98 -51.17 64.87
CA THR P 52 -24.08 -50.71 63.82
C THR P 52 -22.97 -51.71 63.61
N GLY P 53 -22.29 -51.58 62.46
CA GLY P 53 -21.20 -52.50 62.14
C GLY P 53 -20.00 -52.37 63.04
N GLY P 54 -19.86 -51.25 63.74
CA GLY P 54 -18.72 -51.05 64.61
C GLY P 54 -18.83 -51.70 65.97
N MET P 55 -20.03 -52.15 66.36
CA MET P 55 -20.18 -52.82 67.64
C MET P 55 -19.83 -54.31 67.58
N ARG P 56 -19.67 -54.87 66.38
CA ARG P 56 -19.37 -56.29 66.22
C ARG P 56 -17.96 -56.52 65.71
N VAL P 57 -17.09 -55.52 65.78
CA VAL P 57 -15.72 -55.62 65.31
C VAL P 57 -14.79 -55.03 66.36
N LYS P 58 -13.50 -55.28 66.18
CA LYS P 58 -12.46 -54.75 67.06
C LYS P 58 -11.69 -53.62 66.41
N ALA P 59 -11.12 -53.85 65.23
CA ALA P 59 -10.38 -52.81 64.53
C ALA P 59 -11.35 -51.87 63.80
N ASP P 60 -10.84 -50.70 63.45
CA ASP P 60 -11.66 -49.66 62.82
C ASP P 60 -11.82 -49.85 61.32
N ARG P 61 -11.02 -50.71 60.69
CA ARG P 61 -11.09 -50.91 59.25
C ARG P 61 -12.11 -51.95 58.83
N ASP P 62 -12.67 -52.71 59.78
CA ASP P 62 -13.61 -53.77 59.46
C ASP P 62 -15.07 -53.40 59.71
N GLU P 63 -15.33 -52.17 60.17
CA GLU P 63 -16.71 -51.76 60.40
C GLU P 63 -17.51 -51.70 59.11
N SER P 64 -16.86 -51.56 57.97
CA SER P 64 -17.52 -51.58 56.67
C SER P 64 -17.54 -52.95 56.03
N SER P 65 -16.89 -53.94 56.64
CA SER P 65 -16.83 -55.26 56.04
C SER P 65 -18.24 -55.85 55.93
N PRO P 66 -18.54 -56.59 54.86
CA PRO P 66 -19.85 -57.23 54.78
C PRO P 66 -20.12 -58.21 55.91
N TYR P 67 -19.06 -58.81 56.48
CA TYR P 67 -19.25 -59.73 57.59
C TYR P 67 -19.87 -59.03 58.79
N ALA P 68 -19.39 -57.82 59.10
CA ALA P 68 -19.95 -57.08 60.22
C ALA P 68 -21.40 -56.68 59.97
N ALA P 69 -21.77 -56.50 58.69
CA ALA P 69 -23.13 -56.10 58.38
C ALA P 69 -24.13 -57.21 58.71
N MET P 70 -23.83 -58.44 58.31
CA MET P 70 -24.76 -59.53 58.59
C MET P 70 -24.79 -59.86 60.07
N THR P 71 -23.64 -59.76 60.74
CA THR P 71 -23.60 -59.99 62.18
C THR P 71 -24.50 -59.00 62.92
N ALA P 72 -24.42 -57.73 62.54
CA ALA P 72 -25.32 -56.73 63.12
C ALA P 72 -26.76 -56.97 62.70
N ALA P 73 -26.97 -57.34 61.44
CA ALA P 73 -28.33 -57.55 60.94
C ALA P 73 -29.01 -58.72 61.64
N GLN P 74 -28.26 -59.81 61.86
CA GLN P 74 -28.85 -60.96 62.55
C GLN P 74 -29.26 -60.62 63.97
N ASP P 75 -28.42 -59.84 64.67
CA ASP P 75 -28.78 -59.41 66.02
C ASP P 75 -30.03 -58.54 66.00
N VAL P 76 -30.17 -57.69 64.99
CA VAL P 76 -31.40 -56.91 64.84
C VAL P 76 -32.58 -57.84 64.62
N ALA P 77 -32.41 -58.86 63.78
CA ALA P 77 -33.51 -59.77 63.46
C ALA P 77 -33.97 -60.54 64.69
N LYS P 78 -33.02 -61.07 65.46
CA LYS P 78 -33.39 -61.90 66.61
C LYS P 78 -34.17 -61.09 67.64
N ARG P 79 -33.74 -59.86 67.91
CA ARG P 79 -34.45 -59.02 68.87
C ARG P 79 -35.87 -58.71 68.40
N CYS P 80 -36.03 -58.40 67.11
CA CYS P 80 -37.34 -57.98 66.61
C CYS P 80 -38.36 -59.12 66.68
N LYS P 81 -37.95 -60.35 66.37
CA LYS P 81 -38.86 -61.48 66.50
C LYS P 81 -39.29 -61.67 67.95
N ASP P 82 -38.36 -61.52 68.89
CA ASP P 82 -38.70 -61.64 70.30
C ASP P 82 -39.60 -60.50 70.77
N LEU P 83 -39.64 -59.39 70.04
CA LEU P 83 -40.48 -58.26 70.40
C LEU P 83 -41.77 -58.18 69.59
N GLY P 84 -42.01 -59.15 68.71
CA GLY P 84 -43.24 -59.22 67.95
C GLY P 84 -43.13 -58.74 66.52
N VAL P 85 -42.11 -57.95 66.19
CA VAL P 85 -41.93 -57.50 64.82
C VAL P 85 -41.45 -58.67 63.98
N THR P 86 -42.19 -58.98 62.92
CA THR P 86 -41.86 -60.10 62.05
C THR P 86 -41.56 -59.70 60.62
N SER P 87 -42.09 -58.57 60.16
CA SER P 87 -41.90 -58.12 58.80
C SER P 87 -41.36 -56.69 58.81
N LEU P 88 -40.57 -56.37 57.78
CA LEU P 88 -39.86 -55.11 57.74
C LEU P 88 -40.02 -54.44 56.39
N HIS P 89 -39.99 -53.11 56.41
CA HIS P 89 -39.82 -52.29 55.20
C HIS P 89 -38.39 -51.81 55.16
N ILE P 90 -37.75 -51.91 53.99
CA ILE P 90 -36.35 -51.59 53.84
C ILE P 90 -36.24 -50.18 53.25
N LYS P 91 -35.41 -49.35 53.87
CA LYS P 91 -35.12 -48.00 53.38
C LYS P 91 -33.60 -47.91 53.20
N MET P 92 -33.13 -48.34 52.04
CA MET P 92 -31.71 -48.35 51.76
C MET P 92 -31.20 -46.92 51.55
N ARG P 93 -30.00 -46.65 52.02
CA ARG P 93 -29.51 -45.28 52.00
C ARG P 93 -27.99 -45.26 52.07
N GLY P 94 -27.40 -44.30 51.36
CA GLY P 94 -25.97 -44.02 51.47
C GLY P 94 -25.73 -42.55 51.72
N GLU P 95 -24.48 -42.21 51.99
CA GLU P 95 -24.09 -40.84 52.29
C GLU P 95 -24.11 -40.04 50.99
N GLY P 96 -25.30 -39.63 50.58
CA GLY P 96 -25.47 -38.98 49.30
C GLY P 96 -25.73 -37.49 49.36
N GLY P 97 -25.31 -36.84 50.44
CA GLY P 97 -25.54 -35.41 50.57
C GLY P 97 -24.98 -34.63 49.40
N VAL P 98 -23.66 -34.60 49.26
CA VAL P 98 -23.02 -34.04 48.09
C VAL P 98 -21.98 -35.04 47.61
N TYR P 99 -21.72 -36.05 48.42
CA TYR P 99 -20.70 -37.05 48.16
C TYR P 99 -21.31 -38.20 47.35
N SER P 100 -20.58 -39.30 47.23
CA SER P 100 -21.02 -40.41 46.41
C SER P 100 -22.33 -40.99 46.92
N LYS P 101 -23.29 -41.16 46.03
CA LYS P 101 -24.62 -41.67 46.38
C LYS P 101 -24.69 -43.18 46.36
N THR P 102 -23.61 -43.86 46.02
CA THR P 102 -23.61 -45.31 45.97
C THR P 102 -23.47 -45.87 47.38
N PRO P 103 -24.42 -46.69 47.85
CA PRO P 103 -24.30 -47.25 49.20
C PRO P 103 -23.11 -48.19 49.30
N GLY P 104 -22.58 -48.30 50.52
CA GLY P 104 -21.38 -49.06 50.76
C GLY P 104 -21.61 -50.54 50.58
N PRO P 105 -20.52 -51.30 50.66
CA PRO P 105 -20.62 -52.76 50.44
C PRO P 105 -21.48 -53.47 51.45
N GLY P 106 -21.54 -53.00 52.70
CA GLY P 106 -22.29 -53.69 53.72
C GLY P 106 -23.79 -53.54 53.61
N ALA P 107 -24.27 -52.65 52.74
CA ALA P 107 -25.71 -52.44 52.63
C ALA P 107 -26.41 -53.69 52.10
N GLN P 108 -25.86 -54.31 51.08
CA GLN P 108 -26.50 -55.49 50.50
C GLN P 108 -26.39 -56.69 51.43
N ALA P 109 -25.26 -56.83 52.12
CA ALA P 109 -25.07 -57.96 53.03
C ALA P 109 -26.08 -57.93 54.17
N ALA P 110 -26.32 -56.75 54.73
CA ALA P 110 -27.28 -56.64 55.83
C ALA P 110 -28.69 -56.99 55.37
N LEU P 111 -29.08 -56.50 54.19
CA LEU P 111 -30.42 -56.80 53.67
C LEU P 111 -30.59 -58.28 53.39
N ARG P 112 -29.56 -58.92 52.81
CA ARG P 112 -29.63 -60.36 52.58
C ARG P 112 -29.65 -61.12 53.90
N ALA P 113 -28.95 -60.63 54.91
CA ALA P 113 -28.95 -61.29 56.21
C ALA P 113 -30.34 -61.24 56.84
N LEU P 114 -31.02 -60.10 56.74
CA LEU P 114 -32.37 -60.00 57.28
C LEU P 114 -33.32 -60.95 56.58
N ALA P 115 -33.17 -61.09 55.26
CA ALA P 115 -34.00 -62.03 54.52
C ALA P 115 -33.76 -63.46 54.97
N ARG P 116 -32.49 -63.84 55.14
CA ARG P 116 -32.16 -65.21 55.51
C ARG P 116 -32.48 -65.52 56.96
N ALA P 117 -32.79 -64.51 57.77
CA ALA P 117 -33.24 -64.73 59.14
C ALA P 117 -34.73 -65.00 59.24
N ASN P 118 -35.36 -65.36 58.11
CA ASN P 118 -36.79 -65.64 58.05
C ASN P 118 -37.61 -64.42 58.51
N MET P 119 -37.37 -63.30 57.84
CA MET P 119 -38.09 -62.06 58.07
C MET P 119 -38.77 -61.63 56.77
N LYS P 120 -40.08 -61.44 56.83
CA LYS P 120 -40.82 -60.98 55.67
C LYS P 120 -40.41 -59.56 55.33
N ILE P 121 -40.17 -59.31 54.04
CA ILE P 121 -39.74 -58.00 53.56
C ILE P 121 -40.87 -57.38 52.76
N GLY P 122 -41.22 -56.15 53.09
CA GLY P 122 -42.23 -55.42 52.35
C GLY P 122 -41.64 -54.63 51.21
N ARG P 123 -41.88 -53.32 51.20
CA ARG P 123 -41.39 -52.47 50.13
C ARG P 123 -39.93 -52.09 50.38
N ILE P 124 -39.12 -52.17 49.32
CA ILE P 124 -37.72 -51.79 49.37
C ILE P 124 -37.59 -50.45 48.66
N GLU P 125 -36.88 -49.51 49.28
CA GLU P 125 -36.78 -48.15 48.77
C GLU P 125 -35.37 -47.64 48.97
N ASP P 126 -34.92 -46.77 48.07
CA ASP P 126 -33.66 -46.07 48.21
C ASP P 126 -33.96 -44.64 48.64
N VAL P 127 -33.45 -44.26 49.81
CA VAL P 127 -33.76 -42.95 50.37
C VAL P 127 -32.47 -42.16 50.58
N THR P 128 -31.48 -42.41 49.73
CA THR P 128 -30.29 -41.58 49.73
C THR P 128 -30.68 -40.17 49.34
N PRO P 129 -30.34 -39.15 50.14
CA PRO P 129 -30.84 -37.79 49.90
C PRO P 129 -30.12 -37.13 48.75
N ILE P 130 -30.80 -37.02 47.61
CA ILE P 130 -30.23 -36.40 46.42
C ILE P 130 -30.57 -34.91 46.46
N PRO P 131 -29.58 -34.02 46.50
CA PRO P 131 -29.86 -32.59 46.62
C PRO P 131 -30.52 -32.05 45.37
N THR P 132 -31.60 -31.29 45.56
CA THR P 132 -32.14 -30.49 44.46
C THR P 132 -31.10 -29.47 43.99
N ASP P 133 -30.21 -29.07 44.88
CA ASP P 133 -29.05 -28.23 44.59
C ASP P 133 -28.19 -28.17 45.85
N CYS P 134 -26.89 -28.04 45.65
CA CYS P 134 -25.92 -28.43 46.67
C CYS P 134 -25.06 -27.25 47.12
N THR P 135 -24.59 -27.35 48.36
CA THR P 135 -23.55 -26.48 48.87
C THR P 135 -22.20 -26.92 48.34
N LYS P 136 -21.15 -26.20 48.71
CA LYS P 136 -19.82 -26.52 48.23
C LYS P 136 -19.35 -27.85 48.83
N ARG P 137 -18.68 -28.64 48.00
CA ARG P 137 -18.19 -29.95 48.39
C ARG P 137 -16.78 -29.85 48.97
N LYS P 138 -16.48 -30.75 49.90
CA LYS P 138 -15.16 -30.77 50.53
C LYS P 138 -14.09 -31.16 49.52
N GLY P 139 -12.93 -30.52 49.63
CA GLY P 139 -11.79 -30.91 48.83
C GLY P 139 -11.08 -29.79 48.09
N GLY P 140 -11.84 -28.83 47.59
CA GLY P 140 -11.28 -27.75 46.79
C GLY P 140 -11.47 -27.98 45.31
N ARG P 141 -10.82 -27.10 44.54
CA ARG P 141 -10.92 -27.19 43.09
C ARG P 141 -10.35 -28.48 42.56
N ARG P 142 -9.18 -28.88 43.06
CA ARG P 142 -8.45 -30.01 42.53
C ARG P 142 -8.79 -31.33 43.21
N GLY P 143 -9.60 -31.31 44.26
CA GLY P 143 -10.12 -32.52 44.84
C GLY P 143 -9.07 -33.37 45.56
N ARG P 144 -9.53 -34.56 45.95
CA ARG P 144 -8.68 -35.52 46.61
C ARG P 144 -7.50 -35.91 45.72
N ARG P 145 -6.33 -36.06 46.33
CA ARG P 145 -5.13 -36.44 45.59
C ARG P 145 -4.35 -37.52 46.32
N VAL Q 2 -16.20 -4.37 2.49
CA VAL Q 2 -17.07 -3.91 1.41
C VAL Q 2 -16.37 -4.02 0.07
N ARG Q 3 -17.15 -3.99 -1.00
CA ARG Q 3 -16.59 -4.07 -2.35
C ARG Q 3 -15.86 -2.77 -2.66
N VAL Q 4 -14.54 -2.81 -2.59
CA VAL Q 4 -13.72 -1.65 -2.95
C VAL Q 4 -13.41 -1.64 -4.44
N ASN Q 5 -12.94 -2.78 -4.96
CA ASN Q 5 -12.56 -2.91 -6.36
C ASN Q 5 -13.45 -3.98 -7.00
N VAL Q 6 -14.38 -3.55 -7.85
CA VAL Q 6 -15.22 -4.50 -8.56
C VAL Q 6 -14.41 -5.30 -9.57
N LEU Q 7 -13.42 -4.65 -10.20
CA LEU Q 7 -12.59 -5.34 -11.18
C LEU Q 7 -11.79 -6.46 -10.53
N ALA Q 8 -11.32 -6.26 -9.30
CA ALA Q 8 -10.61 -7.31 -8.58
C ALA Q 8 -11.52 -8.51 -8.34
N ASP Q 9 -12.78 -8.25 -7.97
CA ASP Q 9 -13.72 -9.34 -7.76
C ASP Q 9 -13.96 -10.10 -9.05
N ALA Q 10 -14.07 -9.39 -10.18
CA ALA Q 10 -14.37 -10.04 -11.44
C ALA Q 10 -13.22 -10.93 -11.90
N LEU Q 11 -11.99 -10.41 -11.83
CA LEU Q 11 -10.85 -11.18 -12.33
C LEU Q 11 -10.55 -12.38 -11.44
N LYS Q 12 -10.85 -12.29 -10.14
CA LYS Q 12 -10.70 -13.46 -9.28
C LYS Q 12 -11.75 -14.51 -9.58
N SER Q 13 -12.96 -14.09 -9.97
CA SER Q 13 -13.97 -15.05 -10.37
C SER Q 13 -13.59 -15.77 -11.65
N ILE Q 14 -13.00 -15.05 -12.61
CA ILE Q 14 -12.63 -15.65 -13.88
C ILE Q 14 -11.46 -16.62 -13.70
N THR Q 15 -10.45 -16.21 -12.94
CA THR Q 15 -9.31 -17.09 -12.71
C THR Q 15 -9.72 -18.35 -11.96
N ASN Q 16 -10.59 -18.21 -10.96
CA ASN Q 16 -11.05 -19.37 -10.21
C ASN Q 16 -11.82 -20.33 -11.10
N ALA Q 17 -12.64 -19.79 -12.02
CA ALA Q 17 -13.43 -20.63 -12.89
C ALA Q 17 -12.55 -21.46 -13.82
N GLU Q 18 -11.48 -20.86 -14.34
CA GLU Q 18 -10.64 -21.57 -15.29
C GLU Q 18 -9.76 -22.62 -14.62
N LYS Q 19 -9.37 -22.40 -13.37
CA LYS Q 19 -8.60 -23.42 -12.65
C LYS Q 19 -9.44 -24.67 -12.42
N GLN Q 20 -10.75 -24.52 -12.28
CA GLN Q 20 -11.66 -25.65 -12.13
C GLN Q 20 -12.14 -26.19 -13.47
N GLY Q 21 -11.78 -25.56 -14.58
CA GLY Q 21 -12.20 -26.04 -15.88
C GLY Q 21 -13.63 -25.70 -16.25
N LYS Q 22 -14.24 -24.72 -15.58
CA LYS Q 22 -15.63 -24.39 -15.88
C LYS Q 22 -15.76 -23.80 -17.27
N ARG Q 23 -16.93 -23.99 -17.87
CA ARG Q 23 -17.15 -23.52 -19.23
C ARG Q 23 -17.47 -22.03 -19.26
N GLN Q 24 -18.40 -21.58 -18.43
CA GLN Q 24 -18.77 -20.18 -18.37
C GLN Q 24 -18.91 -19.75 -16.92
N VAL Q 25 -18.69 -18.46 -16.67
CA VAL Q 25 -18.71 -17.90 -15.34
C VAL Q 25 -19.58 -16.64 -15.35
N MET Q 26 -20.03 -16.24 -14.17
CA MET Q 26 -20.91 -15.10 -13.99
C MET Q 26 -20.28 -14.08 -13.05
N ILE Q 27 -20.39 -12.80 -13.43
CA ILE Q 27 -19.89 -11.69 -12.63
C ILE Q 27 -21.06 -10.80 -12.30
N ARG Q 28 -21.29 -10.57 -11.00
CA ARG Q 28 -22.52 -9.90 -10.61
C ARG Q 28 -22.49 -8.40 -10.90
N PRO Q 29 -21.50 -7.63 -10.42
CA PRO Q 29 -21.49 -6.20 -10.76
C PRO Q 29 -20.76 -5.93 -12.08
N ALA Q 30 -21.44 -5.31 -13.02
CA ALA Q 30 -20.85 -4.95 -14.30
C ALA Q 30 -20.45 -3.48 -14.31
N SER Q 31 -19.36 -3.19 -15.01
CA SER Q 31 -18.85 -1.84 -15.10
C SER Q 31 -18.34 -1.61 -16.52
N LYS Q 32 -18.11 -0.33 -16.84
CA LYS Q 32 -17.42 -0.03 -18.09
C LYS Q 32 -16.01 -0.60 -18.10
N VAL Q 33 -15.29 -0.45 -16.98
CA VAL Q 33 -13.91 -0.92 -16.92
C VAL Q 33 -13.86 -2.43 -17.03
N ILE Q 34 -14.82 -3.14 -16.43
CA ILE Q 34 -14.86 -4.59 -16.55
C ILE Q 34 -15.11 -4.99 -18.00
N CYS Q 35 -15.99 -4.29 -18.69
CA CYS Q 35 -16.26 -4.59 -20.09
C CYS Q 35 -15.03 -4.32 -20.95
N GLU Q 36 -14.34 -3.21 -20.69
CA GLU Q 36 -13.14 -2.90 -21.48
C GLU Q 36 -12.04 -3.93 -21.26
N PHE Q 37 -11.87 -4.39 -20.02
CA PHE Q 37 -10.86 -5.40 -19.76
C PHE Q 37 -11.17 -6.70 -20.50
N LEU Q 38 -12.45 -7.07 -20.57
CA LEU Q 38 -12.82 -8.28 -21.30
C LEU Q 38 -12.59 -8.09 -22.80
N ASN Q 39 -12.88 -6.90 -23.32
CA ASN Q 39 -12.67 -6.67 -24.75
C ASN Q 39 -11.21 -6.81 -25.14
N VAL Q 40 -10.30 -6.32 -24.29
CA VAL Q 40 -8.87 -6.49 -24.55
C VAL Q 40 -8.51 -7.97 -24.54
N MET Q 41 -9.06 -8.73 -23.59
CA MET Q 41 -8.79 -10.16 -23.53
C MET Q 41 -9.41 -10.92 -24.69
N MET Q 42 -10.49 -10.39 -25.29
CA MET Q 42 -11.07 -11.05 -26.45
C MET Q 42 -10.22 -10.83 -27.70
N LYS Q 43 -9.69 -9.62 -27.86
CA LYS Q 43 -8.89 -9.31 -29.05
C LYS Q 43 -7.67 -10.21 -29.15
N HIS Q 44 -7.17 -10.70 -28.02
CA HIS Q 44 -6.09 -11.67 -27.99
C HIS Q 44 -6.61 -13.10 -27.95
N GLN Q 45 -7.92 -13.29 -28.03
CA GLN Q 45 -8.54 -14.62 -28.08
C GLN Q 45 -8.24 -15.42 -26.82
N TYR Q 46 -8.41 -14.78 -25.66
CA TYR Q 46 -8.32 -15.48 -24.39
C TYR Q 46 -9.68 -15.88 -23.83
N ILE Q 47 -10.75 -15.24 -24.27
CA ILE Q 47 -12.11 -15.63 -23.94
C ILE Q 47 -12.93 -15.61 -25.23
N THR Q 48 -13.85 -16.57 -25.36
CA THR Q 48 -14.62 -16.68 -26.60
C THR Q 48 -15.47 -15.45 -26.83
N ASP Q 49 -16.27 -15.08 -25.83
CA ASP Q 49 -17.16 -13.92 -25.90
C ASP Q 49 -17.78 -13.72 -24.53
N TYR Q 50 -18.63 -12.71 -24.41
CA TYR Q 50 -19.38 -12.49 -23.19
C TYR Q 50 -20.70 -11.82 -23.52
N THR Q 51 -21.66 -11.95 -22.62
CA THR Q 51 -22.93 -11.28 -22.73
C THR Q 51 -23.21 -10.52 -21.44
N VAL Q 52 -23.97 -9.43 -21.56
CA VAL Q 52 -24.29 -8.57 -20.44
C VAL Q 52 -25.80 -8.56 -20.27
N VAL Q 53 -26.27 -9.00 -19.12
CA VAL Q 53 -27.69 -8.94 -18.80
C VAL Q 53 -27.96 -7.67 -18.02
N ASP Q 54 -29.11 -7.06 -18.27
CA ASP Q 54 -29.48 -5.82 -17.61
C ASP Q 54 -30.49 -6.14 -16.51
N THR Q 55 -30.10 -5.88 -15.27
CA THR Q 55 -30.96 -6.13 -14.12
C THR Q 55 -31.47 -4.85 -13.49
N HIS Q 56 -31.27 -3.70 -14.14
CA HIS Q 56 -31.62 -2.38 -13.63
C HIS Q 56 -30.85 -2.04 -12.35
N ARG Q 57 -29.88 -2.86 -11.98
CA ARG Q 57 -29.17 -2.72 -10.71
C ARG Q 57 -27.68 -2.95 -10.92
N SER Q 58 -27.11 -2.36 -11.97
CA SER Q 58 -25.73 -2.64 -12.38
C SER Q 58 -25.55 -4.12 -12.65
N GLY Q 59 -26.21 -4.56 -13.73
CA GLY Q 59 -26.43 -5.96 -14.03
C GLY Q 59 -25.22 -6.85 -14.16
N LYS Q 60 -25.44 -8.10 -14.54
CA LYS Q 60 -24.44 -9.14 -14.49
C LYS Q 60 -23.81 -9.40 -15.85
N ILE Q 61 -22.65 -10.03 -15.82
CA ILE Q 61 -21.90 -10.39 -17.03
C ILE Q 61 -21.58 -11.88 -16.97
N VAL Q 62 -21.80 -12.56 -18.09
CA VAL Q 62 -21.48 -13.98 -18.21
C VAL Q 62 -20.40 -14.12 -19.28
N VAL Q 63 -19.28 -14.75 -18.92
CA VAL Q 63 -18.11 -14.85 -19.79
C VAL Q 63 -17.88 -16.31 -20.13
N ASN Q 64 -17.68 -16.57 -21.42
CA ASN Q 64 -17.39 -17.92 -21.91
C ASN Q 64 -15.89 -18.09 -22.05
N LEU Q 65 -15.36 -19.15 -21.44
CA LEU Q 65 -13.93 -19.41 -21.39
C LEU Q 65 -13.61 -20.66 -22.19
N ASN Q 66 -12.46 -20.64 -22.90
CA ASN Q 66 -12.01 -21.78 -23.69
C ASN Q 66 -10.55 -22.07 -23.38
N GLY Q 67 -10.32 -22.80 -22.28
CA GLY Q 67 -9.05 -23.43 -21.99
C GLY Q 67 -7.78 -22.66 -22.27
N ARG Q 68 -7.83 -21.33 -22.25
CA ARG Q 68 -6.70 -20.52 -22.68
C ARG Q 68 -6.23 -19.49 -21.68
N LEU Q 69 -7.05 -19.13 -20.69
CA LEU Q 69 -6.70 -18.07 -19.75
C LEU Q 69 -6.05 -18.69 -18.53
N ASN Q 70 -4.71 -18.66 -18.49
CA ASN Q 70 -3.99 -19.20 -17.35
C ASN Q 70 -4.31 -18.43 -16.08
N LYS Q 71 -4.17 -17.11 -16.12
CA LYS Q 71 -4.42 -16.28 -14.95
C LYS Q 71 -4.61 -14.84 -15.40
N CYS Q 72 -5.74 -14.25 -15.03
CA CYS Q 72 -5.95 -12.82 -15.18
C CYS Q 72 -6.14 -12.22 -13.79
N ALA Q 73 -5.31 -11.24 -13.47
CA ALA Q 73 -5.33 -10.62 -12.15
C ALA Q 73 -5.27 -9.11 -12.27
N VAL Q 74 -5.93 -8.44 -11.34
CA VAL Q 74 -5.89 -6.98 -11.29
C VAL Q 74 -4.68 -6.57 -10.46
N ILE Q 75 -4.24 -5.34 -10.68
CA ILE Q 75 -3.11 -4.77 -9.95
C ILE Q 75 -3.65 -3.68 -9.04
N SER Q 76 -3.34 -3.79 -7.75
CA SER Q 76 -3.72 -2.84 -6.72
C SER Q 76 -2.95 -1.55 -6.96
N PRO Q 77 -3.06 -0.51 -6.10
CA PRO Q 77 -3.31 0.84 -6.61
C PRO Q 77 -2.67 1.17 -7.94
N ARG Q 78 -3.48 1.68 -8.85
CA ARG Q 78 -3.09 1.81 -10.26
C ARG Q 78 -1.97 2.83 -10.36
N PHE Q 79 -0.75 2.34 -10.42
CA PHE Q 79 0.41 3.22 -10.48
C PHE Q 79 0.42 4.00 -11.78
N ASN Q 80 0.90 5.24 -11.70
CA ASN Q 80 1.03 6.09 -12.88
C ASN Q 80 2.23 5.60 -13.67
N VAL Q 81 1.98 4.87 -14.75
CA VAL Q 81 3.02 4.22 -15.51
C VAL Q 81 3.48 5.16 -16.63
N THR Q 82 4.69 5.69 -16.49
CA THR Q 82 5.33 6.46 -17.54
C THR Q 82 5.74 5.52 -18.68
N LEU Q 83 5.87 6.09 -19.88
CA LEU Q 83 6.21 5.28 -21.05
C LEU Q 83 7.56 4.60 -20.89
N SER Q 84 8.48 5.21 -20.14
CA SER Q 84 9.78 4.61 -19.91
C SER Q 84 9.74 3.48 -18.89
N GLU Q 85 8.65 3.34 -18.15
CA GLU Q 85 8.52 2.32 -17.12
C GLU Q 85 7.81 1.07 -17.63
N PHE Q 86 7.52 0.99 -18.92
CA PHE Q 86 6.80 -0.17 -19.45
C PHE Q 86 7.58 -1.45 -19.25
N ASP Q 87 8.77 -1.55 -19.87
CA ASP Q 87 9.53 -2.80 -19.82
C ASP Q 87 9.94 -3.18 -18.41
N LYS Q 88 9.98 -2.23 -17.48
CA LYS Q 88 10.17 -2.58 -16.08
C LYS Q 88 8.98 -3.34 -15.54
N TRP Q 89 7.77 -2.95 -15.94
CA TRP Q 89 6.57 -3.65 -15.48
C TRP Q 89 6.41 -5.01 -16.15
N GLU Q 90 6.66 -5.08 -17.46
CA GLU Q 90 6.53 -6.37 -18.15
C GLU Q 90 7.55 -7.37 -17.65
N ALA Q 91 8.77 -6.92 -17.35
CA ALA Q 91 9.78 -7.82 -16.83
C ALA Q 91 9.37 -8.42 -15.50
N ASN Q 92 8.51 -7.73 -14.75
CA ASN Q 92 8.07 -8.21 -13.45
C ASN Q 92 6.81 -9.06 -13.53
N LEU Q 93 5.83 -8.62 -14.31
CA LEU Q 93 4.51 -9.24 -14.30
C LEU Q 93 4.30 -10.27 -15.40
N LEU Q 94 5.09 -10.24 -16.46
CA LEU Q 94 4.72 -11.17 -17.51
C LEU Q 94 5.70 -12.35 -17.56
N PRO Q 95 5.26 -13.51 -18.05
CA PRO Q 95 6.16 -14.67 -18.07
C PRO Q 95 7.34 -14.50 -18.99
N SER Q 96 7.13 -14.01 -20.21
CA SER Q 96 8.22 -13.84 -21.16
C SER Q 96 7.92 -12.62 -22.03
N ARG Q 97 8.67 -12.49 -23.12
CA ARG Q 97 8.57 -11.34 -24.01
C ARG Q 97 7.60 -11.57 -25.16
N HIS Q 98 6.94 -12.72 -25.24
CA HIS Q 98 6.05 -13.02 -26.34
C HIS Q 98 4.67 -13.50 -25.91
N PHE Q 99 4.43 -13.75 -24.63
CA PHE Q 99 3.28 -14.52 -24.19
C PHE Q 99 2.14 -13.62 -23.73
N GLY Q 100 2.36 -12.82 -22.69
CA GLY Q 100 1.29 -12.11 -22.02
C GLY Q 100 1.13 -10.68 -22.50
N ALA Q 101 0.29 -9.93 -21.76
CA ALA Q 101 0.03 -8.54 -22.08
C ALA Q 101 -0.51 -7.84 -20.84
N LEU Q 102 -0.03 -6.63 -20.60
CA LEU Q 102 -0.58 -5.79 -19.54
C LEU Q 102 -1.88 -5.14 -20.01
N VAL Q 103 -2.51 -4.39 -19.11
CA VAL Q 103 -3.67 -3.58 -19.42
C VAL Q 103 -3.50 -2.24 -18.74
N LEU Q 104 -3.68 -1.16 -19.50
CA LEU Q 104 -3.53 0.19 -18.97
C LEU Q 104 -4.75 1.02 -19.33
N THR Q 105 -5.13 1.91 -18.43
CA THR Q 105 -6.16 2.90 -18.71
C THR Q 105 -5.48 4.21 -19.08
N THR Q 106 -5.78 4.70 -20.28
CA THR Q 106 -5.17 5.90 -20.82
C THR Q 106 -6.26 6.80 -21.38
N SER Q 107 -5.87 8.04 -21.69
CA SER Q 107 -6.84 8.99 -22.24
C SER Q 107 -7.43 8.53 -23.56
N TYR Q 108 -6.75 7.64 -24.27
CA TYR Q 108 -7.25 7.06 -25.50
C TYR Q 108 -8.00 5.75 -25.28
N GLY Q 109 -8.49 5.53 -24.06
CA GLY Q 109 -9.19 4.32 -23.73
C GLY Q 109 -8.35 3.36 -22.93
N ILE Q 110 -8.87 2.15 -22.77
CA ILE Q 110 -8.18 1.08 -22.05
C ILE Q 110 -7.51 0.20 -23.09
N LEU Q 111 -6.18 0.13 -23.04
CA LEU Q 111 -5.39 -0.58 -24.03
C LEU Q 111 -4.34 -1.45 -23.34
N ASP Q 112 -3.90 -2.47 -24.05
CA ASP Q 112 -2.79 -3.28 -23.56
C ASP Q 112 -1.47 -2.56 -23.82
N ASN Q 113 -0.39 -3.15 -23.30
CA ASN Q 113 0.91 -2.50 -23.38
C ASN Q 113 1.42 -2.37 -24.82
N THR Q 114 1.06 -3.32 -25.69
CA THR Q 114 1.61 -3.32 -27.03
C THR Q 114 1.11 -2.13 -27.84
N GLU Q 115 -0.20 -1.90 -27.87
CA GLU Q 115 -0.72 -0.81 -28.67
C GLU Q 115 -0.65 0.53 -27.95
N ALA Q 116 -0.58 0.54 -26.62
CA ALA Q 116 -0.32 1.79 -25.91
C ALA Q 116 1.09 2.29 -26.23
N ARG Q 117 2.04 1.37 -26.37
CA ARG Q 117 3.37 1.74 -26.84
C ARG Q 117 3.31 2.29 -28.26
N ALA Q 118 2.49 1.69 -29.11
CA ALA Q 118 2.33 2.17 -30.47
C ALA Q 118 1.69 3.55 -30.51
N LYS Q 119 0.69 3.79 -29.66
CA LYS Q 119 0.04 5.09 -29.61
C LYS Q 119 0.84 6.12 -28.82
N HIS Q 120 1.93 5.71 -28.19
CA HIS Q 120 2.84 6.61 -27.47
C HIS Q 120 2.11 7.34 -26.35
N THR Q 121 1.59 6.57 -25.40
CA THR Q 121 0.84 7.11 -24.28
C THR Q 121 0.95 6.19 -23.08
N GLY Q 122 1.16 6.78 -21.91
CA GLY Q 122 1.13 6.05 -20.66
C GLY Q 122 -0.16 6.31 -19.89
N GLY Q 123 -0.22 5.70 -18.71
CA GLY Q 123 -1.39 5.85 -17.86
C GLY Q 123 -1.32 4.88 -16.69
N ARG Q 124 -2.42 4.83 -15.96
CA ARG Q 124 -2.52 3.92 -14.82
C ARG Q 124 -2.63 2.47 -15.32
N ILE Q 125 -2.01 1.57 -14.58
CA ILE Q 125 -2.04 0.15 -14.92
C ILE Q 125 -3.23 -0.51 -14.26
N LEU Q 126 -3.94 -1.35 -15.01
CA LEU Q 126 -5.11 -2.05 -14.51
C LEU Q 126 -4.78 -3.48 -14.07
N GLY Q 127 -4.26 -4.28 -14.98
CA GLY Q 127 -3.95 -5.66 -14.68
C GLY Q 127 -3.17 -6.36 -15.77
N PHE Q 128 -3.29 -7.67 -15.86
CA PHE Q 128 -2.57 -8.44 -16.87
C PHE Q 128 -3.26 -9.79 -17.04
N PHE Q 129 -2.78 -10.55 -18.03
CA PHE Q 129 -3.28 -11.89 -18.25
C PHE Q 129 -2.27 -12.65 -19.10
N TYR Q 130 -2.02 -13.91 -18.74
CA TYR Q 130 -1.12 -14.76 -19.51
C TYR Q 130 -1.92 -15.55 -20.53
N ASN R 4 17.05 -25.45 -39.21
CA ASN R 4 17.76 -26.65 -38.78
C ASN R 4 16.83 -27.59 -38.03
N LYS R 5 17.22 -27.95 -36.81
CA LYS R 5 16.45 -28.89 -36.02
C LYS R 5 15.17 -28.26 -35.51
N LYS R 6 14.15 -29.09 -35.32
CA LYS R 6 12.85 -28.61 -34.86
C LYS R 6 12.94 -28.17 -33.40
N ILE R 7 12.34 -27.02 -33.10
CA ILE R 7 12.56 -26.38 -31.80
C ILE R 7 11.73 -27.02 -30.69
N GLU R 8 10.69 -27.78 -31.03
CA GLU R 8 9.85 -28.44 -30.05
C GLU R 8 10.18 -29.92 -30.02
N LEU R 9 10.26 -30.50 -28.82
CA LEU R 9 10.43 -31.95 -28.72
C LEU R 9 9.24 -32.67 -29.34
N TYR R 10 8.04 -32.25 -28.99
CA TYR R 10 6.83 -32.83 -29.54
C TYR R 10 5.69 -31.84 -29.35
N ILE R 11 4.61 -32.04 -30.09
CA ILE R 11 3.40 -31.23 -29.95
C ILE R 11 2.49 -31.94 -28.96
N PRO R 12 2.23 -31.35 -27.78
CA PRO R 12 1.46 -32.07 -26.76
C PRO R 12 -0.01 -32.18 -27.12
N ARG R 13 -0.65 -33.22 -26.60
CA ARG R 13 -2.07 -33.42 -26.82
C ARG R 13 -2.88 -32.43 -26.00
N HIS R 14 -4.10 -32.18 -26.46
CA HIS R 14 -5.03 -31.28 -25.79
C HIS R 14 -6.20 -32.09 -25.24
N CYS R 15 -6.48 -31.93 -23.95
CA CYS R 15 -7.63 -32.57 -23.35
C CYS R 15 -8.90 -32.12 -24.03
N SER R 16 -9.76 -33.07 -24.37
CA SER R 16 -10.98 -32.75 -25.11
C SER R 16 -12.04 -32.10 -24.25
N VAL R 17 -11.83 -32.02 -22.94
CA VAL R 17 -12.83 -31.48 -22.03
C VAL R 17 -12.45 -30.07 -21.60
N THR R 18 -11.26 -29.92 -21.02
CA THR R 18 -10.81 -28.64 -20.51
C THR R 18 -9.93 -27.88 -21.49
N HIS R 19 -9.60 -28.48 -22.63
CA HIS R 19 -8.76 -27.84 -23.66
C HIS R 19 -7.42 -27.38 -23.09
N THR R 20 -6.84 -28.20 -22.22
CA THR R 20 -5.52 -27.94 -21.65
C THR R 20 -4.58 -29.07 -22.04
N LEU R 21 -3.28 -28.79 -21.99
CA LEU R 21 -2.29 -29.76 -22.40
C LEU R 21 -2.28 -30.96 -21.46
N ILE R 22 -1.89 -32.10 -22.00
CA ILE R 22 -1.70 -33.33 -21.22
C ILE R 22 -0.22 -33.43 -20.92
N ALA R 23 0.15 -33.30 -19.65
CA ALA R 23 1.55 -33.36 -19.27
C ALA R 23 2.11 -34.75 -19.48
N ALA R 24 3.41 -34.82 -19.72
CA ALA R 24 4.08 -36.10 -19.92
C ALA R 24 4.04 -36.97 -18.68
N ASP R 25 3.90 -36.37 -17.50
CA ASP R 25 3.83 -37.12 -16.24
C ASP R 25 2.41 -37.43 -15.82
N ASP R 26 1.40 -36.97 -16.56
CA ASP R 26 0.01 -37.21 -16.18
C ASP R 26 -0.32 -38.67 -16.47
N HIS R 27 -0.20 -39.51 -15.45
CA HIS R 27 -0.40 -40.95 -15.59
C HIS R 27 -1.83 -41.37 -15.36
N ALA R 28 -2.75 -40.41 -15.18
CA ALA R 28 -4.17 -40.70 -15.09
C ALA R 28 -4.93 -40.29 -16.35
N ALA R 29 -4.27 -39.66 -17.32
CA ALA R 29 -4.93 -39.24 -18.55
C ALA R 29 -5.19 -40.45 -19.44
N VAL R 30 -6.42 -40.56 -19.94
CA VAL R 30 -6.83 -41.71 -20.72
C VAL R 30 -7.09 -41.27 -22.15
N GLN R 31 -7.35 -42.25 -23.01
CA GLN R 31 -7.68 -42.02 -24.41
C GLN R 31 -8.71 -43.06 -24.82
N ILE R 32 -9.91 -42.60 -25.18
CA ILE R 32 -11.03 -43.47 -25.50
C ILE R 32 -11.26 -43.43 -27.00
N LEU R 33 -11.24 -44.59 -27.63
CA LEU R 33 -11.46 -44.72 -29.06
C LEU R 33 -12.87 -45.23 -29.30
N VAL R 34 -13.70 -44.42 -29.93
CA VAL R 34 -15.09 -44.76 -30.24
C VAL R 34 -15.17 -45.03 -31.74
N PRO R 35 -15.32 -46.29 -32.18
CA PRO R 35 -15.36 -46.65 -33.59
C PRO R 35 -16.70 -46.31 -34.24
N THR R 48 -12.98 -42.06 -33.61
CA THR R 48 -12.62 -40.75 -33.08
C THR R 48 -11.89 -40.88 -31.75
N VAL R 49 -11.10 -39.88 -31.40
CA VAL R 49 -10.21 -39.91 -30.25
C VAL R 49 -10.68 -38.88 -29.24
N TYR R 50 -10.81 -39.29 -27.98
CA TYR R 50 -11.14 -38.40 -26.88
C TYR R 50 -10.05 -38.48 -25.83
N THR R 51 -9.58 -37.32 -25.38
CA THR R 51 -8.55 -37.23 -24.35
C THR R 51 -9.13 -36.55 -23.12
N VAL R 52 -8.91 -37.16 -21.97
CA VAL R 52 -9.39 -36.65 -20.69
C VAL R 52 -8.19 -36.47 -19.77
N LYS R 53 -8.05 -35.29 -19.19
CA LYS R 53 -6.95 -35.03 -18.27
C LYS R 53 -7.16 -35.79 -16.97
N GLY R 54 -6.05 -36.11 -16.31
CA GLY R 54 -6.13 -36.89 -15.08
C GLY R 54 -6.91 -36.18 -13.98
N SER R 55 -6.79 -34.86 -13.91
CA SER R 55 -7.48 -34.10 -12.88
C SER R 55 -8.99 -34.23 -13.02
N VAL R 56 -9.50 -34.24 -14.25
CA VAL R 56 -10.93 -34.36 -14.48
C VAL R 56 -11.44 -35.72 -14.00
N ARG R 57 -10.67 -36.78 -14.28
CA ARG R 57 -11.09 -38.12 -13.91
C ARG R 57 -11.19 -38.29 -12.39
N LYS R 58 -10.21 -37.78 -11.65
CA LYS R 58 -10.20 -37.94 -10.21
C LYS R 58 -11.31 -37.16 -9.52
N ASP R 59 -11.85 -36.13 -10.17
CA ASP R 59 -12.88 -35.31 -9.55
C ASP R 59 -14.26 -35.94 -9.62
N GLY R 60 -14.45 -36.99 -10.42
CA GLY R 60 -15.75 -37.59 -10.57
C GLY R 60 -16.62 -36.96 -11.64
N ILE R 61 -16.01 -36.27 -12.60
CA ILE R 61 -16.77 -35.54 -13.61
C ILE R 61 -16.51 -36.06 -15.02
N SER R 62 -15.41 -36.77 -15.26
CA SER R 62 -15.06 -37.18 -16.62
C SER R 62 -16.18 -37.98 -17.27
N ASP R 63 -16.97 -38.70 -16.49
CA ASP R 63 -18.12 -39.41 -17.05
C ASP R 63 -19.13 -38.44 -17.63
N HIS R 64 -19.43 -37.37 -16.90
CA HIS R 64 -20.38 -36.38 -17.39
C HIS R 64 -19.80 -35.57 -18.54
N SER R 65 -18.53 -35.18 -18.44
CA SER R 65 -17.90 -34.38 -19.49
C SER R 65 -17.90 -35.13 -20.81
N LEU R 66 -17.59 -36.43 -20.78
CA LEU R 66 -17.63 -37.22 -22.00
C LEU R 66 -19.04 -37.31 -22.56
N ASN R 67 -20.05 -37.31 -21.68
CA ASN R 67 -21.43 -37.35 -22.15
C ASN R 67 -21.76 -36.12 -22.98
N ARG R 68 -21.28 -34.95 -22.57
CA ARG R 68 -21.46 -33.76 -23.38
C ARG R 68 -20.75 -33.90 -24.72
N GLN R 69 -19.53 -34.42 -24.72
CA GLN R 69 -18.78 -34.55 -25.97
C GLN R 69 -19.36 -35.66 -26.83
N PHE R 70 -19.78 -36.76 -26.21
CA PHE R 70 -20.41 -37.84 -26.98
C PHE R 70 -21.71 -37.37 -27.61
N GLN R 71 -22.50 -36.59 -26.86
CA GLN R 71 -23.74 -36.06 -27.42
C GLN R 71 -23.46 -35.05 -28.53
N LYS R 72 -22.38 -34.28 -28.41
CA LYS R 72 -22.03 -33.32 -29.44
C LYS R 72 -21.72 -34.03 -30.77
N ASP R 73 -21.03 -35.16 -30.70
CA ASP R 73 -20.64 -35.90 -31.90
C ASP R 73 -21.69 -36.89 -32.35
N GLY R 74 -22.78 -37.05 -31.60
CA GLY R 74 -23.89 -37.88 -32.02
C GLY R 74 -23.93 -39.27 -31.47
N PHE R 75 -22.91 -39.70 -30.73
CA PHE R 75 -22.90 -41.05 -30.18
C PHE R 75 -24.01 -41.26 -29.16
N LEU R 76 -24.48 -40.20 -28.51
CA LEU R 76 -25.63 -40.26 -27.62
C LEU R 76 -26.57 -39.12 -27.98
N LYS R 77 -27.87 -39.33 -27.73
CA LYS R 77 -28.88 -38.35 -28.14
C LYS R 77 -29.71 -37.83 -26.99
N THR R 78 -30.12 -38.68 -26.06
CA THR R 78 -31.05 -38.29 -24.99
C THR R 78 -30.45 -38.62 -23.63
N VAL R 79 -29.20 -38.22 -23.41
CA VAL R 79 -28.53 -38.39 -22.13
C VAL R 79 -28.37 -37.06 -21.41
N VAL R 80 -27.69 -36.10 -22.02
CA VAL R 80 -27.48 -34.79 -21.43
C VAL R 80 -28.67 -33.89 -21.74
N PRO R 81 -29.28 -33.27 -20.74
CA PRO R 81 -30.39 -32.35 -21.00
C PRO R 81 -29.90 -31.09 -21.69
N LYS R 82 -30.85 -30.34 -22.25
CA LYS R 82 -30.52 -29.19 -23.09
C LYS R 82 -29.78 -28.12 -22.30
N ASN R 83 -30.23 -27.82 -21.08
CA ASN R 83 -29.60 -26.75 -20.31
C ASN R 83 -28.16 -27.08 -19.94
N MET R 84 -27.78 -28.35 -19.94
CA MET R 84 -26.42 -28.76 -19.65
C MET R 84 -25.56 -28.89 -20.88
N MET R 85 -26.15 -28.78 -22.07
CA MET R 85 -25.48 -29.09 -23.33
C MET R 85 -24.61 -27.90 -23.75
N ILE R 86 -23.55 -27.68 -22.98
CA ILE R 86 -22.62 -26.60 -23.26
C ILE R 86 -21.18 -27.10 -23.20
N ALA S 2 -1.69 -0.67 4.75
CA ALA S 2 -1.71 0.52 3.91
C ALA S 2 -0.98 0.28 2.61
N ARG S 3 -1.67 -0.33 1.65
CA ARG S 3 -1.11 -0.54 0.32
C ARG S 3 -1.69 0.42 -0.71
N GLY S 4 -2.33 1.49 -0.24
CA GLY S 4 -2.97 2.41 -1.16
C GLY S 4 -1.98 3.31 -1.87
N LEU S 5 -2.51 4.10 -2.81
CA LEU S 5 -1.67 4.98 -3.61
C LEU S 5 -1.24 6.22 -2.85
N HIS S 6 -2.08 6.72 -1.95
CA HIS S 6 -1.76 7.90 -1.16
C HIS S 6 -1.29 7.58 0.24
N ALA S 7 -1.07 6.30 0.53
CA ALA S 7 -0.63 5.87 1.87
C ALA S 7 0.88 5.69 1.88
N ALA S 8 1.58 6.82 1.75
CA ALA S 8 3.04 6.84 1.86
C ALA S 8 3.52 7.31 3.21
N ARG S 9 2.66 7.96 4.00
CA ARG S 9 3.07 8.41 5.32
C ARG S 9 3.26 7.23 6.26
N LYS S 10 2.29 6.32 6.30
CA LYS S 10 2.37 5.19 7.23
C LYS S 10 3.42 4.19 6.78
N MET S 11 3.50 3.95 5.48
CA MET S 11 4.50 3.00 4.95
C MET S 11 5.91 3.45 5.27
N LEU S 12 6.18 4.75 5.15
CA LEU S 12 7.50 5.26 5.49
C LEU S 12 7.72 5.28 7.00
N ALA S 13 6.67 5.58 7.76
CA ALA S 13 6.81 5.65 9.21
C ALA S 13 6.93 4.27 9.84
N GLN S 14 6.36 3.25 9.20
CA GLN S 14 6.46 1.90 9.76
C GLN S 14 7.89 1.37 9.66
N ARG S 15 8.59 1.69 8.58
CA ARG S 15 9.96 1.21 8.44
C ARG S 15 10.90 1.91 9.41
N ARG S 16 10.61 3.16 9.77
CA ARG S 16 11.41 3.83 10.79
C ARG S 16 11.31 3.11 12.13
N ALA S 17 10.09 2.73 12.52
CA ALA S 17 9.91 2.07 13.81
C ALA S 17 10.44 0.64 13.77
N ASN S 18 10.13 -0.10 12.71
CA ASN S 18 10.52 -1.50 12.64
C ASN S 18 12.01 -1.69 12.45
N LYS S 19 12.73 -0.67 12.01
CA LYS S 19 14.17 -0.80 11.81
C LYS S 19 14.94 -0.79 13.12
N TRP S 20 14.35 -0.29 14.20
CA TRP S 20 15.02 -0.25 15.49
C TRP S 20 15.09 -1.62 16.16
N ALA S 21 14.39 -2.62 15.63
CA ALA S 21 14.47 -3.98 16.14
C ALA S 21 15.61 -4.77 15.53
N ASP S 22 16.38 -4.17 14.62
CA ASP S 22 17.52 -4.84 14.02
C ASP S 22 18.68 -4.78 14.99
N LYS S 23 19.08 -5.93 15.52
CA LYS S 23 20.16 -5.95 16.51
C LYS S 23 21.48 -5.46 15.91
N GLU S 24 21.78 -5.89 14.69
CA GLU S 24 23.05 -5.51 14.07
C GLU S 24 23.05 -4.05 13.63
N TRP S 25 21.89 -3.51 13.28
CA TRP S 25 21.79 -2.14 12.79
C TRP S 25 21.64 -1.13 13.91
N LYS S 26 20.85 -1.46 14.95
CA LYS S 26 20.71 -0.55 16.07
C LYS S 26 22.03 -0.34 16.80
N LYS S 27 22.82 -1.41 16.96
CA LYS S 27 24.06 -1.32 17.70
C LYS S 27 25.02 -0.34 17.04
N GLY S 28 25.07 -0.32 15.71
CA GLY S 28 25.93 0.59 15.01
C GLY S 28 25.45 2.02 14.92
N LYS S 29 24.23 2.30 15.37
CA LYS S 29 23.66 3.65 15.31
C LYS S 29 23.55 4.32 16.67
N LEU S 30 23.09 3.62 17.70
CA LEU S 30 22.95 4.22 19.01
C LEU S 30 24.34 4.54 19.58
N VAL S 31 24.35 5.39 20.61
CA VAL S 31 25.61 5.94 21.14
C VAL S 31 26.12 4.91 22.14
N THR S 32 26.83 3.92 21.62
CA THR S 32 27.58 2.97 22.44
C THR S 32 28.97 2.68 21.90
N ARG S 33 29.24 2.91 20.63
CA ARG S 33 30.57 2.70 20.07
C ARG S 33 31.58 3.72 20.59
N TYR S 34 31.11 4.84 21.15
CA TYR S 34 31.99 5.87 21.66
C TYR S 34 32.09 5.86 23.18
N LYS S 35 31.35 5.00 23.86
CA LYS S 35 31.39 4.94 25.31
C LYS S 35 31.65 3.54 25.85
N CYS S 36 31.08 2.51 25.22
CA CYS S 36 31.19 1.15 25.71
C CYS S 36 32.18 0.32 24.91
N ASN S 37 32.88 0.91 23.94
CA ASN S 37 33.85 0.18 23.15
C ASN S 37 35.24 0.58 23.60
N PRO S 38 36.01 -0.31 24.24
CA PRO S 38 37.39 0.07 24.62
C PRO S 38 38.24 0.46 23.44
N LEU S 39 38.06 -0.20 22.30
CA LEU S 39 38.81 0.17 21.10
C LEU S 39 38.27 1.45 20.48
N GLY S 40 36.95 1.63 20.51
CA GLY S 40 36.34 2.74 19.82
C GLY S 40 36.15 2.44 18.35
N THR S 41 36.04 3.51 17.55
CA THR S 41 35.96 3.36 16.11
C THR S 41 37.29 2.89 15.52
N ALA S 42 38.39 3.10 16.23
CA ALA S 42 39.71 2.76 15.72
C ALA S 42 39.82 1.28 15.41
N SER S 43 40.50 0.96 14.31
CA SER S 43 40.76 -0.44 13.97
C SER S 43 41.83 -1.04 14.88
N HIS S 44 42.90 -0.28 15.14
CA HIS S 44 43.97 -0.70 16.02
C HIS S 44 44.16 0.33 17.12
N ALA S 45 44.70 -0.11 18.25
CA ALA S 45 44.97 0.78 19.36
C ALA S 45 46.28 0.40 20.02
N LYS S 46 46.87 1.37 20.72
CA LYS S 46 48.17 1.20 21.37
C LYS S 46 48.00 1.31 22.88
N GLY S 47 48.79 0.52 23.60
CA GLY S 47 48.72 0.52 25.05
C GLY S 47 49.99 -0.04 25.67
N LEU S 48 50.02 -0.02 27.00
CA LEU S 48 51.17 -0.45 27.77
C LEU S 48 50.88 -1.78 28.44
N VAL S 49 51.79 -2.75 28.27
CA VAL S 49 51.65 -4.04 28.92
C VAL S 49 51.98 -3.90 30.40
N GLN S 50 51.14 -4.46 31.25
CA GLN S 50 51.34 -4.40 32.70
C GLN S 50 51.31 -5.74 33.40
N GLU S 51 50.69 -6.78 32.82
CA GLU S 51 50.59 -8.06 33.49
C GLU S 51 50.47 -9.16 32.46
N LYS S 52 51.20 -10.26 32.67
CA LYS S 52 51.16 -11.43 31.80
C LYS S 52 50.19 -12.45 32.39
N LEU S 53 49.16 -12.79 31.64
CA LEU S 53 48.06 -13.62 32.14
C LEU S 53 47.93 -14.90 31.34
N GLY S 54 47.35 -15.91 31.98
CA GLY S 54 47.00 -17.15 31.31
C GLY S 54 45.61 -17.61 31.67
N ILE S 55 44.73 -17.72 30.67
CA ILE S 55 43.32 -18.04 30.87
C ILE S 55 43.07 -19.48 30.47
N GLU S 56 42.42 -20.25 31.34
CA GLU S 56 41.99 -21.58 30.99
C GLU S 56 40.90 -21.54 29.92
N THR S 57 40.89 -22.57 29.08
CA THR S 57 39.94 -22.62 27.97
C THR S 57 38.59 -23.16 28.46
N LYS S 58 37.66 -23.35 27.54
CA LYS S 58 36.33 -23.81 27.89
C LYS S 58 36.36 -25.29 28.25
N GLN S 59 35.19 -25.83 28.62
CA GLN S 59 35.11 -27.21 29.09
C GLN S 59 35.58 -28.24 28.06
N PRO S 60 35.13 -28.20 26.79
CA PRO S 60 35.57 -29.25 25.85
C PRO S 60 37.02 -29.10 25.40
N ASN S 61 37.77 -28.15 25.94
CA ASN S 61 39.18 -27.97 25.61
C ASN S 61 40.00 -28.00 26.90
N SER S 62 41.32 -28.09 26.71
CA SER S 62 42.24 -28.16 27.84
C SER S 62 43.52 -27.44 27.49
N GLY S 63 44.04 -26.67 28.45
CA GLY S 63 45.24 -25.89 28.23
C GLY S 63 45.12 -24.49 28.79
N ILE S 64 46.20 -23.72 28.75
CA ILE S 64 46.22 -22.35 29.25
C ILE S 64 46.53 -21.41 28.10
N ARG S 65 45.66 -20.43 27.89
CA ARG S 65 45.82 -19.44 26.84
C ARG S 65 46.64 -18.27 27.39
N LYS S 66 47.89 -18.15 26.93
CA LYS S 66 48.72 -17.04 27.33
C LYS S 66 48.20 -15.74 26.71
N CYS S 67 48.28 -14.66 27.48
CA CYS S 67 47.79 -13.36 27.03
C CYS S 67 48.39 -12.29 27.92
N VAL S 68 48.14 -11.02 27.57
CA VAL S 68 48.70 -9.88 28.28
C VAL S 68 47.58 -8.91 28.62
N ARG S 69 47.83 -8.10 29.65
CA ARG S 69 46.91 -7.05 30.08
C ARG S 69 47.47 -5.71 29.65
N VAL S 70 46.66 -4.93 28.93
CA VAL S 70 47.12 -3.72 28.25
C VAL S 70 46.32 -2.53 28.76
N ARG S 71 47.02 -1.41 28.97
CA ARG S 71 46.40 -0.13 29.35
C ARG S 71 46.49 0.81 28.17
N LEU S 72 45.36 1.09 27.54
CA LEU S 72 45.34 1.87 26.30
C LEU S 72 45.69 3.34 26.58
N LEU S 73 46.14 4.03 25.53
CA LEU S 73 46.54 5.43 25.67
C LEU S 73 45.35 6.37 25.50
N LYS S 74 44.56 6.18 24.44
CA LYS S 74 43.51 7.13 24.10
C LYS S 74 42.49 7.26 25.22
N ASN S 75 42.05 6.13 25.78
CA ASN S 75 41.03 6.12 26.81
C ASN S 75 41.62 5.94 28.21
N GLY S 76 42.48 4.94 28.39
CA GLY S 76 42.96 4.57 29.69
C GLY S 76 42.34 3.33 30.27
N LYS S 77 41.54 2.60 29.48
CA LYS S 77 40.92 1.38 29.96
C LYS S 77 41.94 0.24 30.03
N LYS S 78 41.57 -0.81 30.75
CA LYS S 78 42.40 -1.98 30.90
C LYS S 78 41.76 -3.16 30.19
N ILE S 79 42.53 -3.82 29.34
CA ILE S 79 42.01 -4.89 28.48
C ILE S 79 42.86 -6.14 28.60
N THR S 80 42.54 -7.15 27.82
CA THR S 80 43.34 -8.37 27.70
C THR S 80 43.56 -8.67 26.23
N ALA S 81 44.79 -9.01 25.87
CA ALA S 81 45.18 -9.22 24.48
C ALA S 81 45.90 -10.54 24.33
N PHE S 82 45.55 -11.29 23.29
CA PHE S 82 46.18 -12.56 22.99
C PHE S 82 47.64 -12.36 22.60
N VAL S 83 48.38 -13.44 22.40
CA VAL S 83 49.75 -13.37 21.92
C VAL S 83 49.92 -14.37 20.78
N PRO S 84 49.42 -14.04 19.57
CA PRO S 84 49.24 -15.00 18.47
C PRO S 84 49.90 -16.38 18.56
N ARG S 85 50.75 -16.66 17.60
CA ARG S 85 51.15 -18.02 17.41
C ARG S 85 51.96 -18.71 18.52
N ASP S 86 52.93 -19.62 18.29
CA ASP S 86 53.60 -20.38 19.33
C ASP S 86 54.70 -19.58 20.01
N GLY S 87 54.70 -19.62 21.34
CA GLY S 87 55.80 -19.07 22.13
C GLY S 87 56.07 -17.60 21.91
N SER S 88 55.04 -16.80 21.67
CA SER S 88 55.21 -15.37 21.44
C SER S 88 55.08 -14.55 22.72
N LEU S 89 54.74 -15.17 23.85
CA LEU S 89 54.68 -14.43 25.11
C LEU S 89 56.07 -14.12 25.64
N ASN S 90 57.05 -14.98 25.35
CA ASN S 90 58.42 -14.72 25.78
C ASN S 90 59.02 -13.51 25.07
N TYR S 91 58.47 -13.13 23.92
CA TYR S 91 58.96 -11.96 23.19
C TYR S 91 58.39 -10.65 23.72
N VAL S 92 57.34 -10.70 24.54
CA VAL S 92 56.66 -9.50 25.00
C VAL S 92 57.25 -9.10 26.35
N ASN S 93 57.76 -7.87 26.42
CA ASN S 93 58.31 -7.34 27.66
C ASN S 93 57.22 -6.57 28.41
N GLU S 94 57.61 -5.85 29.45
CA GLU S 94 56.67 -5.14 30.32
C GLU S 94 56.89 -3.64 30.20
N ASN S 95 55.81 -2.89 30.45
CA ASN S 95 55.83 -1.42 30.41
C ASN S 95 56.32 -0.91 29.05
N ASP S 96 55.90 -1.58 27.99
CA ASP S 96 56.25 -1.19 26.63
C ASP S 96 54.97 -1.02 25.81
N GLU S 97 55.10 -0.31 24.71
CA GLU S 97 53.94 -0.03 23.86
C GLU S 97 53.69 -1.19 22.92
N VAL S 98 52.41 -1.57 22.79
CA VAL S 98 51.99 -2.64 21.90
C VAL S 98 50.86 -2.15 21.04
N LEU S 99 50.72 -2.76 19.87
CA LEU S 99 49.61 -2.49 18.96
C LEU S 99 48.60 -3.60 19.11
N ILE S 100 47.36 -3.24 19.46
CA ILE S 100 46.29 -4.19 19.72
C ILE S 100 45.28 -4.09 18.60
N SER S 101 44.90 -5.22 18.01
CA SER S 101 44.02 -5.17 16.84
C SER S 101 43.09 -6.38 16.82
N GLY S 102 41.91 -6.21 17.43
CA GLY S 102 40.76 -7.05 17.17
C GLY S 102 40.93 -8.56 17.18
N PHE S 103 39.98 -9.25 16.56
CA PHE S 103 40.09 -10.67 16.24
C PHE S 103 39.08 -10.96 15.13
N GLY S 104 38.35 -12.01 14.94
CA GLY S 104 37.24 -11.95 13.95
C GLY S 104 36.25 -11.44 14.96
N ARG S 105 35.05 -11.87 14.93
CA ARG S 105 34.24 -11.49 16.03
C ARG S 105 33.49 -12.66 16.55
N ARG S 106 33.47 -13.79 15.88
CA ARG S 106 32.80 -15.04 16.34
C ARG S 106 31.44 -14.97 16.85
N GLY S 107 31.16 -15.57 17.95
CA GLY S 107 29.90 -15.28 18.59
C GLY S 107 30.30 -14.16 19.61
N HIS S 108 31.05 -13.08 19.22
CA HIS S 108 31.51 -11.91 20.00
C HIS S 108 32.90 -12.22 20.43
N ALA S 109 33.06 -13.24 21.21
CA ALA S 109 34.38 -13.72 21.70
C ALA S 109 34.87 -14.75 20.80
N VAL S 110 36.15 -14.99 20.88
CA VAL S 110 36.67 -15.77 19.88
C VAL S 110 37.64 -16.89 20.04
N GLY S 111 38.90 -16.56 20.03
CA GLY S 111 39.92 -17.53 20.17
C GLY S 111 40.87 -17.68 21.39
N ASP S 112 40.66 -17.20 22.61
CA ASP S 112 41.48 -17.52 23.80
C ASP S 112 40.36 -17.77 24.65
N ILE S 113 39.29 -18.13 24.03
CA ILE S 113 38.25 -18.56 24.74
C ILE S 113 37.89 -17.54 25.80
N PRO S 114 37.89 -17.84 27.11
CA PRO S 114 37.32 -16.98 28.10
C PRO S 114 37.38 -15.63 27.69
N GLY S 115 36.25 -14.98 27.51
CA GLY S 115 36.19 -13.56 27.08
C GLY S 115 37.35 -12.72 26.53
N VAL S 116 38.21 -13.15 25.57
CA VAL S 116 39.24 -12.24 25.02
C VAL S 116 38.86 -11.92 23.67
N ARG S 117 39.06 -10.67 23.28
CA ARG S 117 38.73 -10.18 22.03
C ARG S 117 39.76 -9.23 21.54
N PHE S 118 41.03 -9.47 21.65
CA PHE S 118 41.96 -8.58 21.08
C PHE S 118 43.30 -9.21 20.95
N LYS S 119 44.06 -9.04 19.89
CA LYS S 119 45.34 -9.69 19.59
C LYS S 119 46.51 -8.90 19.29
N VAL S 120 47.63 -9.04 19.96
CA VAL S 120 48.79 -8.20 19.81
C VAL S 120 49.57 -8.36 18.61
N VAL S 121 49.56 -7.37 17.78
CA VAL S 121 50.23 -7.43 16.52
C VAL S 121 51.59 -6.84 16.41
N CYS S 122 52.08 -6.10 17.38
CA CYS S 122 53.43 -5.53 17.40
C CYS S 122 53.94 -5.50 18.75
N VAL S 123 55.26 -5.49 18.90
CA VAL S 123 55.84 -5.36 20.25
C VAL S 123 56.66 -4.17 20.48
N ALA S 124 56.55 -3.17 19.64
CA ALA S 124 57.25 -1.94 19.68
C ALA S 124 57.87 -2.25 18.43
N GLY S 125 58.28 -3.47 18.33
CA GLY S 125 59.04 -3.87 17.19
C GLY S 125 58.41 -4.04 15.94
N VAL S 126 58.49 -5.24 15.43
CA VAL S 126 57.86 -5.32 14.17
C VAL S 126 56.70 -6.13 14.23
N SER S 127 56.84 -7.26 14.72
CA SER S 127 55.74 -7.98 14.58
C SER S 127 55.82 -8.97 15.64
N LEU S 128 54.74 -9.45 16.19
CA LEU S 128 54.88 -10.46 17.11
C LEU S 128 54.62 -11.36 16.06
N TRP S 129 55.26 -11.24 14.91
CA TRP S 129 55.27 -12.21 13.92
C TRP S 129 56.72 -12.13 13.77
N GLY S 130 57.20 -11.36 12.83
CA GLY S 130 58.58 -11.43 12.62
C GLY S 130 58.98 -10.93 13.86
N LEU S 131 59.80 -11.58 14.58
CA LEU S 131 60.34 -11.00 15.75
C LEU S 131 61.42 -11.94 16.05
N THR T 12 55.78 21.90 -45.04
CA THR T 12 55.53 20.71 -44.23
C THR T 12 54.32 20.90 -43.35
N ARG T 13 53.42 19.91 -43.38
CA ARG T 13 52.21 19.92 -42.57
C ARG T 13 51.36 21.15 -42.90
N ASN T 14 51.34 22.14 -42.01
CA ASN T 14 50.53 23.33 -42.22
C ASN T 14 51.35 24.59 -42.07
N LEU T 15 50.90 25.65 -42.74
CA LEU T 15 51.51 26.98 -42.66
C LEU T 15 50.53 27.94 -42.00
N ILE T 16 51.04 28.74 -41.08
CA ILE T 16 50.31 29.90 -40.56
C ILE T 16 51.19 31.11 -40.84
N VAL T 17 50.72 32.00 -41.70
CA VAL T 17 51.39 33.26 -41.96
C VAL T 17 50.90 34.27 -40.92
N ASN T 18 51.80 34.75 -40.08
CA ASN T 18 51.45 35.53 -38.89
C ASN T 18 52.25 36.83 -38.93
N PRO T 19 51.86 37.79 -39.77
CA PRO T 19 52.56 39.07 -39.79
C PRO T 19 52.38 39.89 -38.52
N LEU T 20 51.30 39.66 -37.78
CA LEU T 20 51.10 40.39 -36.53
C LEU T 20 52.23 40.13 -35.55
N LEU T 21 52.70 38.89 -35.47
CA LEU T 21 53.86 38.54 -34.66
C LEU T 21 55.11 38.45 -35.51
N CYS T 22 55.02 38.80 -36.79
CA CYS T 22 56.14 38.75 -37.73
C CYS T 22 56.80 37.36 -37.70
N ARG T 23 55.98 36.36 -38.02
CA ARG T 23 56.36 34.98 -37.72
C ARG T 23 55.73 34.04 -38.73
N LYS T 24 56.45 32.95 -39.00
CA LYS T 24 55.94 31.78 -39.69
C LYS T 24 56.12 30.57 -38.79
N GLN T 25 55.12 29.71 -38.73
CA GLN T 25 55.17 28.54 -37.86
C GLN T 25 54.76 27.29 -38.63
N VAL T 26 55.52 26.21 -38.44
CA VAL T 26 55.27 24.95 -39.12
C VAL T 26 55.38 23.82 -38.11
N VAL T 27 54.79 22.68 -38.47
CA VAL T 27 54.89 21.46 -37.69
C VAL T 27 55.95 20.60 -38.37
N VAL T 28 57.15 20.58 -37.79
CA VAL T 28 58.25 19.82 -38.38
C VAL T 28 57.98 18.33 -38.24
N ASP T 29 58.10 17.61 -39.35
CA ASP T 29 57.81 16.18 -39.42
C ASP T 29 59.06 15.48 -39.96
N ILE T 30 59.95 15.08 -39.07
CA ILE T 30 61.20 14.42 -39.46
C ILE T 30 60.92 12.94 -39.71
N TYR T 31 61.12 12.51 -40.95
CA TYR T 31 60.95 11.10 -41.32
C TYR T 31 62.29 10.37 -41.33
N HIS T 32 62.92 10.30 -40.15
CA HIS T 32 64.19 9.59 -40.04
C HIS T 32 63.99 8.25 -39.34
N GLN T 57 70.20 32.01 -36.56
CA GLN T 57 69.65 32.45 -35.29
C GLN T 57 68.14 32.64 -35.36
N THR T 58 67.64 32.96 -36.56
CA THR T 58 66.21 33.15 -36.76
C THR T 58 65.41 31.86 -36.57
N ILE T 59 66.09 30.74 -36.37
CA ILE T 59 65.43 29.44 -36.19
C ILE T 59 65.27 29.19 -34.69
N VAL T 60 64.05 28.92 -34.26
CA VAL T 60 63.77 28.45 -32.91
C VAL T 60 62.96 27.17 -33.03
N LEU T 61 63.42 26.12 -32.36
CA LEU T 61 62.77 24.83 -32.38
C LEU T 61 62.28 24.48 -30.98
N ASN T 62 61.05 23.98 -30.88
CA ASN T 62 60.43 23.69 -29.60
C ASN T 62 59.47 22.53 -29.75
N GLY T 63 59.32 21.77 -28.68
CA GLY T 63 58.36 20.68 -28.65
C GLY T 63 58.67 19.54 -29.60
N PHE T 64 59.92 19.07 -29.60
CA PHE T 64 60.33 17.98 -30.47
C PHE T 64 60.37 16.68 -29.67
N VAL T 65 59.70 15.65 -30.19
CA VAL T 65 59.71 14.33 -29.57
C VAL T 65 59.62 13.30 -30.69
N THR T 66 60.34 12.20 -30.51
CA THR T 66 60.29 11.13 -31.48
C THR T 66 59.10 10.20 -31.21
N LYS T 67 58.86 9.31 -32.15
CA LYS T 67 57.90 8.24 -31.95
C LYS T 67 58.62 7.07 -31.29
N TYR T 68 57.86 6.27 -30.54
CA TYR T 68 58.46 5.14 -29.84
C TYR T 68 58.96 4.11 -30.84
N GLY T 69 60.11 3.52 -30.56
CA GLY T 69 60.72 2.59 -31.48
C GLY T 69 61.56 3.25 -32.55
N GLY T 70 62.06 4.45 -32.27
CA GLY T 70 62.89 5.19 -33.20
C GLY T 70 62.11 5.60 -34.45
N GLY T 71 62.87 5.96 -35.47
CA GLY T 71 62.28 6.37 -36.74
C GLY T 71 61.70 7.77 -36.71
N LYS T 72 60.38 7.87 -36.84
CA LYS T 72 59.70 9.15 -36.97
C LYS T 72 59.96 10.06 -35.77
N THR T 73 60.27 11.32 -36.06
CA THR T 73 60.40 12.36 -35.06
C THR T 73 59.56 13.55 -35.49
N SER T 74 58.87 14.18 -34.55
CA SER T 74 57.98 15.28 -34.84
C SER T 74 58.40 16.50 -34.03
N GLY T 75 57.87 17.66 -34.40
CA GLY T 75 58.19 18.89 -33.71
C GLY T 75 57.48 20.06 -34.31
N PHE T 76 57.80 21.24 -33.79
CA PHE T 76 57.14 22.48 -34.18
C PHE T 76 58.19 23.57 -34.29
N ALA T 77 58.20 24.29 -35.41
CA ALA T 77 59.27 25.23 -35.73
C ALA T 77 58.77 26.66 -35.67
N LEU T 78 59.72 27.59 -35.56
CA LEU T 78 59.41 29.00 -35.27
C LEU T 78 60.26 29.85 -36.21
N ILE T 79 59.65 30.37 -37.28
CA ILE T 79 60.36 31.20 -38.25
C ILE T 79 60.17 32.65 -37.82
N TYR T 80 61.17 33.20 -37.14
CA TYR T 80 61.11 34.57 -36.65
C TYR T 80 61.72 35.58 -37.62
N ASP T 81 61.92 35.19 -38.89
CA ASP T 81 62.46 36.01 -39.97
C ASP T 81 63.47 37.05 -39.50
N THR T 82 63.17 38.33 -39.67
CA THR T 82 64.07 39.41 -39.28
C THR T 82 64.51 39.26 -37.83
N LEU T 83 65.75 39.66 -37.55
CA LEU T 83 66.34 39.47 -36.23
C LEU T 83 65.93 40.61 -35.30
N SER T 84 64.91 41.36 -35.68
CA SER T 84 64.33 42.39 -34.83
C SER T 84 63.07 41.93 -34.13
N ALA T 85 62.35 40.98 -34.70
CA ALA T 85 61.31 40.30 -33.95
C ALA T 85 61.91 39.34 -32.94
N LEU T 86 62.87 38.54 -33.38
CA LEU T 86 63.61 37.69 -32.46
C LEU T 86 64.46 38.54 -31.53
N LYS T 87 63.95 38.72 -30.30
CA LYS T 87 64.41 39.62 -29.24
C LYS T 87 63.16 40.35 -28.75
N LYS T 88 62.51 41.06 -29.67
CA LYS T 88 61.24 41.68 -29.37
C LYS T 88 60.22 40.61 -28.98
N PHE T 89 59.87 39.76 -29.93
CA PHE T 89 58.84 38.73 -29.72
C PHE T 89 59.42 37.39 -29.29
N VAL T 90 60.32 37.37 -28.32
CA VAL T 90 60.96 36.14 -27.88
C VAL T 90 61.26 36.21 -26.38
N PRO T 91 60.69 35.32 -25.56
CA PRO T 91 61.03 35.24 -24.14
C PRO T 91 62.48 34.83 -23.91
#